data_2WV3
# 
_entry.id   2WV3 
# 
_audit_conform.dict_name       mmcif_pdbx.dic 
_audit_conform.dict_version    5.397 
_audit_conform.dict_location   http://mmcif.pdb.org/dictionaries/ascii/mmcif_pdbx.dic 
# 
loop_
_database_2.database_id 
_database_2.database_code 
_database_2.pdbx_database_accession 
_database_2.pdbx_DOI 
PDB   2WV3         pdb_00002wv3 10.2210/pdb2wv3/pdb 
PDBE  EBI-41394    ?            ?                   
WWPDB D_1290041394 ?            ?                   
# 
loop_
_pdbx_audit_revision_history.ordinal 
_pdbx_audit_revision_history.data_content_type 
_pdbx_audit_revision_history.major_revision 
_pdbx_audit_revision_history.minor_revision 
_pdbx_audit_revision_history.revision_date 
1 'Structure model' 1 0 2009-12-15 
2 'Structure model' 1 1 2011-05-08 
3 'Structure model' 1 2 2011-07-13 
4 'Structure model' 1 3 2019-07-24 
5 'Structure model' 1 4 2020-07-29 
6 'Structure model' 1 5 2024-10-23 
# 
loop_
_pdbx_audit_revision_details.ordinal 
_pdbx_audit_revision_details.revision_ordinal 
_pdbx_audit_revision_details.data_content_type 
_pdbx_audit_revision_details.provider 
_pdbx_audit_revision_details.type 
_pdbx_audit_revision_details.description 
_pdbx_audit_revision_details.details 
1 1 'Structure model' repository 'Initial release' ?                          ? 
2 5 'Structure model' repository Remediation       'Carbohydrate remediation' ? 
# 
loop_
_pdbx_audit_revision_group.ordinal 
_pdbx_audit_revision_group.revision_ordinal 
_pdbx_audit_revision_group.data_content_type 
_pdbx_audit_revision_group.group 
1  2 'Structure model' 'Version format compliance' 
2  3 'Structure model' 'Version format compliance' 
3  4 'Structure model' 'Data collection'           
4  4 'Structure model' 'Derived calculations'      
5  4 'Structure model' 'Refinement description'    
6  5 'Structure model' 'Data collection'           
7  5 'Structure model' 'Derived calculations'      
8  5 'Structure model' Other                       
9  5 'Structure model' 'Structure summary'         
10 6 'Structure model' 'Data collection'           
11 6 'Structure model' 'Database references'       
12 6 'Structure model' 'Structure summary'         
# 
loop_
_pdbx_audit_revision_category.ordinal 
_pdbx_audit_revision_category.revision_ordinal 
_pdbx_audit_revision_category.data_content_type 
_pdbx_audit_revision_category.category 
1  4 'Structure model' diffrn_source             
2  4 'Structure model' software                  
3  4 'Structure model' struct_conn               
4  5 'Structure model' chem_comp                 
5  5 'Structure model' entity                    
6  5 'Structure model' pdbx_chem_comp_identifier 
7  5 'Structure model' pdbx_database_status      
8  5 'Structure model' pdbx_entity_nonpoly       
9  5 'Structure model' struct_conn               
10 5 'Structure model' struct_site               
11 5 'Structure model' struct_site_gen           
12 6 'Structure model' chem_comp                 
13 6 'Structure model' chem_comp_atom            
14 6 'Structure model' chem_comp_bond            
15 6 'Structure model' database_2                
16 6 'Structure model' pdbx_entry_details        
17 6 'Structure model' pdbx_modification_feature 
# 
loop_
_pdbx_audit_revision_item.ordinal 
_pdbx_audit_revision_item.revision_ordinal 
_pdbx_audit_revision_item.data_content_type 
_pdbx_audit_revision_item.item 
1  4 'Structure model' '_diffrn_source.pdbx_synchrotron_site' 
2  4 'Structure model' '_software.name'                       
3  4 'Structure model' '_struct_conn.pdbx_leaving_atom_flag'  
4  5 'Structure model' '_chem_comp.name'                      
5  5 'Structure model' '_chem_comp.type'                      
6  5 'Structure model' '_entity.pdbx_description'             
7  5 'Structure model' '_pdbx_database_status.status_code_sf' 
8  5 'Structure model' '_pdbx_entity_nonpoly.name'            
9  5 'Structure model' '_struct_conn.pdbx_role'               
10 6 'Structure model' '_chem_comp.pdbx_synonyms'             
11 6 'Structure model' '_database_2.pdbx_DOI'                 
12 6 'Structure model' '_database_2.pdbx_database_accession'  
# 
_pdbx_database_status.status_code                     REL 
_pdbx_database_status.entry_id                        2WV3 
_pdbx_database_status.deposit_site                    PDBE 
_pdbx_database_status.process_site                    PDBE 
_pdbx_database_status.SG_entry                        . 
_pdbx_database_status.recvd_initial_deposition_date   2009-10-13 
_pdbx_database_status.pdb_format_compatible           Y 
_pdbx_database_status.status_code_sf                  REL 
_pdbx_database_status.status_code_mr                  ? 
_pdbx_database_status.status_code_cs                  ? 
_pdbx_database_status.methods_development_category    ? 
_pdbx_database_status.status_code_nmr_data            ? 
# 
loop_
_audit_author.name 
_audit_author.pdbx_ordinal 
'Soroka, V.'    1 
'Owczarek, S.'  2 
'Kastrup, J.S.' 3 
'Berezin, V.'   4 
'Bock, E.'      5 
'Gajhede, M.'   6 
# 
_citation.id                        primary 
_citation.title                     'Neuroplastin-55 Binds to and Signals Through the Fibroblast Growth Factor Receptor' 
_citation.journal_abbrev            'Faseb J.' 
_citation.journal_volume            24 
_citation.page_first                1139 
_citation.page_last                 ? 
_citation.year                      2010 
_citation.journal_id_ASTM           FAJOEC 
_citation.country                   US 
_citation.journal_id_ISSN           0892-6638 
_citation.journal_id_CSD            2074 
_citation.book_publisher            ? 
_citation.pdbx_database_id_PubMed   19952283 
_citation.pdbx_database_id_DOI      10.1096/FJ.09-140509 
# 
loop_
_citation_author.citation_id 
_citation_author.name 
_citation_author.ordinal 
_citation_author.identifier_ORCID 
primary 'Owczarek, S.'  1 ? 
primary 'Kiryushko, D.' 2 ? 
primary 'Larsen, M.H.'  3 ? 
primary 'Kastrup, J.S.' 4 ? 
primary 'Gajhede, M.'   5 ? 
primary 'Sandi, C.'     6 ? 
primary 'Berezin, V.'   7 ? 
primary 'Bock, E.'      8 ? 
primary 'Soroka, V.'    9 ? 
# 
loop_
_entity.id 
_entity.type 
_entity.src_method 
_entity.pdbx_description 
_entity.formula_weight 
_entity.pdbx_number_of_molecules 
_entity.pdbx_ec 
_entity.pdbx_mutation 
_entity.pdbx_fragment 
_entity.details 
1 polymer     man NEUROPLASTIN                             21585.117 1   ? ? 'IG2 AND IG3 OF NEUROPLASTIN-65, RESIDUES 29-217' ? 
2 non-polymer man 2-acetamido-2-deoxy-beta-D-glucopyranose 221.208   2   ? ? ?                                                 ? 
3 water       nat water                                    18.015    113 ? ? ?                                                 ? 
# 
_entity_name_com.entity_id   1 
_entity_name_com.name        'STROMAL CELL-DERIVED RECEPTOR 1, GLYCOPROTEIN 55/65, SDR-1, GP55/65, NEUROPLASTIN-55' 
# 
_entity_poly.entity_id                      1 
_entity_poly.type                           'polypeptide(L)' 
_entity_poly.nstd_linkage                   no 
_entity_poly.nstd_monomer                   no 
_entity_poly.pdbx_seq_one_letter_code       
;QNEPRIVTSEEVIIRDSLLPVTLQCNLTSSSHTLMYSYWTKNGVELTATRKNASNMEYRINKPRAEDSGEYHCVYHFVSA
PKANATIEVKAAPDITGHKRSENKNEGQDAMMYCKSVGYPHPEWMWRKKENGVFEEISNSSGRFFIINKENYTELNIVNL
QITEDPGEYECNATNSIGSASVSTVLRVRV
;
_entity_poly.pdbx_seq_one_letter_code_can   
;QNEPRIVTSEEVIIRDSLLPVTLQCNLTSSSHTLMYSYWTKNGVELTATRKNASNMEYRINKPRAEDSGEYHCVYHFVSA
PKANATIEVKAAPDITGHKRSENKNEGQDAMMYCKSVGYPHPEWMWRKKENGVFEEISNSSGRFFIINKENYTELNIVNL
QITEDPGEYECNATNSIGSASVSTVLRVRV
;
_entity_poly.pdbx_strand_id                 A 
_entity_poly.pdbx_target_identifier         ? 
# 
loop_
_pdbx_entity_nonpoly.entity_id 
_pdbx_entity_nonpoly.name 
_pdbx_entity_nonpoly.comp_id 
2 2-acetamido-2-deoxy-beta-D-glucopyranose NAG 
3 water                                    HOH 
# 
loop_
_entity_poly_seq.entity_id 
_entity_poly_seq.num 
_entity_poly_seq.mon_id 
_entity_poly_seq.hetero 
1 1   GLN n 
1 2   ASN n 
1 3   GLU n 
1 4   PRO n 
1 5   ARG n 
1 6   ILE n 
1 7   VAL n 
1 8   THR n 
1 9   SER n 
1 10  GLU n 
1 11  GLU n 
1 12  VAL n 
1 13  ILE n 
1 14  ILE n 
1 15  ARG n 
1 16  ASP n 
1 17  SER n 
1 18  LEU n 
1 19  LEU n 
1 20  PRO n 
1 21  VAL n 
1 22  THR n 
1 23  LEU n 
1 24  GLN n 
1 25  CYS n 
1 26  ASN n 
1 27  LEU n 
1 28  THR n 
1 29  SER n 
1 30  SER n 
1 31  SER n 
1 32  HIS n 
1 33  THR n 
1 34  LEU n 
1 35  MET n 
1 36  TYR n 
1 37  SER n 
1 38  TYR n 
1 39  TRP n 
1 40  THR n 
1 41  LYS n 
1 42  ASN n 
1 43  GLY n 
1 44  VAL n 
1 45  GLU n 
1 46  LEU n 
1 47  THR n 
1 48  ALA n 
1 49  THR n 
1 50  ARG n 
1 51  LYS n 
1 52  ASN n 
1 53  ALA n 
1 54  SER n 
1 55  ASN n 
1 56  MET n 
1 57  GLU n 
1 58  TYR n 
1 59  ARG n 
1 60  ILE n 
1 61  ASN n 
1 62  LYS n 
1 63  PRO n 
1 64  ARG n 
1 65  ALA n 
1 66  GLU n 
1 67  ASP n 
1 68  SER n 
1 69  GLY n 
1 70  GLU n 
1 71  TYR n 
1 72  HIS n 
1 73  CYS n 
1 74  VAL n 
1 75  TYR n 
1 76  HIS n 
1 77  PHE n 
1 78  VAL n 
1 79  SER n 
1 80  ALA n 
1 81  PRO n 
1 82  LYS n 
1 83  ALA n 
1 84  ASN n 
1 85  ALA n 
1 86  THR n 
1 87  ILE n 
1 88  GLU n 
1 89  VAL n 
1 90  LYS n 
1 91  ALA n 
1 92  ALA n 
1 93  PRO n 
1 94  ASP n 
1 95  ILE n 
1 96  THR n 
1 97  GLY n 
1 98  HIS n 
1 99  LYS n 
1 100 ARG n 
1 101 SER n 
1 102 GLU n 
1 103 ASN n 
1 104 LYS n 
1 105 ASN n 
1 106 GLU n 
1 107 GLY n 
1 108 GLN n 
1 109 ASP n 
1 110 ALA n 
1 111 MET n 
1 112 MET n 
1 113 TYR n 
1 114 CYS n 
1 115 LYS n 
1 116 SER n 
1 117 VAL n 
1 118 GLY n 
1 119 TYR n 
1 120 PRO n 
1 121 HIS n 
1 122 PRO n 
1 123 GLU n 
1 124 TRP n 
1 125 MET n 
1 126 TRP n 
1 127 ARG n 
1 128 LYS n 
1 129 LYS n 
1 130 GLU n 
1 131 ASN n 
1 132 GLY n 
1 133 VAL n 
1 134 PHE n 
1 135 GLU n 
1 136 GLU n 
1 137 ILE n 
1 138 SER n 
1 139 ASN n 
1 140 SER n 
1 141 SER n 
1 142 GLY n 
1 143 ARG n 
1 144 PHE n 
1 145 PHE n 
1 146 ILE n 
1 147 ILE n 
1 148 ASN n 
1 149 LYS n 
1 150 GLU n 
1 151 ASN n 
1 152 TYR n 
1 153 THR n 
1 154 GLU n 
1 155 LEU n 
1 156 ASN n 
1 157 ILE n 
1 158 VAL n 
1 159 ASN n 
1 160 LEU n 
1 161 GLN n 
1 162 ILE n 
1 163 THR n 
1 164 GLU n 
1 165 ASP n 
1 166 PRO n 
1 167 GLY n 
1 168 GLU n 
1 169 TYR n 
1 170 GLU n 
1 171 CYS n 
1 172 ASN n 
1 173 ALA n 
1 174 THR n 
1 175 ASN n 
1 176 SER n 
1 177 ILE n 
1 178 GLY n 
1 179 SER n 
1 180 ALA n 
1 181 SER n 
1 182 VAL n 
1 183 SER n 
1 184 THR n 
1 185 VAL n 
1 186 LEU n 
1 187 ARG n 
1 188 VAL n 
1 189 ARG n 
1 190 VAL n 
# 
_entity_src_gen.entity_id                          1 
_entity_src_gen.pdbx_src_id                        1 
_entity_src_gen.pdbx_alt_source_flag               sample 
_entity_src_gen.pdbx_seq_type                      ? 
_entity_src_gen.pdbx_beg_seq_num                   ? 
_entity_src_gen.pdbx_end_seq_num                   ? 
_entity_src_gen.gene_src_common_name               RAT 
_entity_src_gen.gene_src_genus                     ? 
_entity_src_gen.pdbx_gene_src_gene                 ? 
_entity_src_gen.gene_src_species                   ? 
_entity_src_gen.gene_src_strain                    ? 
_entity_src_gen.gene_src_tissue                    ? 
_entity_src_gen.gene_src_tissue_fraction           ? 
_entity_src_gen.gene_src_details                   ? 
_entity_src_gen.pdbx_gene_src_fragment             ? 
_entity_src_gen.pdbx_gene_src_scientific_name      'RATTUS NORVEGICUS' 
_entity_src_gen.pdbx_gene_src_ncbi_taxonomy_id     10116 
_entity_src_gen.pdbx_gene_src_variant              ? 
_entity_src_gen.pdbx_gene_src_cell_line            ? 
_entity_src_gen.pdbx_gene_src_atcc                 ? 
_entity_src_gen.pdbx_gene_src_organ                ? 
_entity_src_gen.pdbx_gene_src_organelle            ? 
_entity_src_gen.pdbx_gene_src_cell                 ? 
_entity_src_gen.pdbx_gene_src_cellular_location    ? 
_entity_src_gen.host_org_common_name               ? 
_entity_src_gen.pdbx_host_org_scientific_name      'PICHIA PASTORIS' 
_entity_src_gen.pdbx_host_org_ncbi_taxonomy_id     644223 
_entity_src_gen.host_org_genus                     ? 
_entity_src_gen.pdbx_host_org_gene                 ? 
_entity_src_gen.pdbx_host_org_organ                ? 
_entity_src_gen.host_org_species                   ? 
_entity_src_gen.pdbx_host_org_tissue               ? 
_entity_src_gen.pdbx_host_org_tissue_fraction      ? 
_entity_src_gen.pdbx_host_org_strain               GS115 
_entity_src_gen.pdbx_host_org_variant              ? 
_entity_src_gen.pdbx_host_org_cell_line            'HIS 4' 
_entity_src_gen.pdbx_host_org_atcc                 ? 
_entity_src_gen.pdbx_host_org_culture_collection   ? 
_entity_src_gen.pdbx_host_org_cell                 ? 
_entity_src_gen.pdbx_host_org_organelle            ? 
_entity_src_gen.pdbx_host_org_cellular_location    ? 
_entity_src_gen.pdbx_host_org_vector_type          PLASMID 
_entity_src_gen.pdbx_host_org_vector               ? 
_entity_src_gen.host_org_details                   ? 
_entity_src_gen.expression_system_id               ? 
_entity_src_gen.plasmid_name                       PPIC9K 
_entity_src_gen.plasmid_details                    ? 
_entity_src_gen.pdbx_description                   ? 
# 
loop_
_chem_comp.id 
_chem_comp.type 
_chem_comp.mon_nstd_flag 
_chem_comp.name 
_chem_comp.pdbx_synonyms 
_chem_comp.formula 
_chem_comp.formula_weight 
ALA 'L-peptide linking'          y ALANINE                                  ? 'C3 H7 N O2'     89.093  
ARG 'L-peptide linking'          y ARGININE                                 ? 'C6 H15 N4 O2 1' 175.209 
ASN 'L-peptide linking'          y ASPARAGINE                               ? 'C4 H8 N2 O3'    132.118 
ASP 'L-peptide linking'          y 'ASPARTIC ACID'                          ? 'C4 H7 N O4'     133.103 
CYS 'L-peptide linking'          y CYSTEINE                                 ? 'C3 H7 N O2 S'   121.158 
GLN 'L-peptide linking'          y GLUTAMINE                                ? 'C5 H10 N2 O3'   146.144 
GLU 'L-peptide linking'          y 'GLUTAMIC ACID'                          ? 'C5 H9 N O4'     147.129 
GLY 'peptide linking'            y GLYCINE                                  ? 'C2 H5 N O2'     75.067  
HIS 'L-peptide linking'          y HISTIDINE                                ? 'C6 H10 N3 O2 1' 156.162 
HOH non-polymer                  . WATER                                    ? 'H2 O'           18.015  
ILE 'L-peptide linking'          y ISOLEUCINE                               ? 'C6 H13 N O2'    131.173 
LEU 'L-peptide linking'          y LEUCINE                                  ? 'C6 H13 N O2'    131.173 
LYS 'L-peptide linking'          y LYSINE                                   ? 'C6 H15 N2 O2 1' 147.195 
MET 'L-peptide linking'          y METHIONINE                               ? 'C5 H11 N O2 S'  149.211 
NAG 'D-saccharide, beta linking' . 2-acetamido-2-deoxy-beta-D-glucopyranose 
;N-acetyl-beta-D-glucosamine; 2-acetamido-2-deoxy-beta-D-glucose; 2-acetamido-2-deoxy-D-glucose; 2-acetamido-2-deoxy-glucose; N-ACETYL-D-GLUCOSAMINE
;
'C8 H15 N O6'    221.208 
PHE 'L-peptide linking'          y PHENYLALANINE                            ? 'C9 H11 N O2'    165.189 
PRO 'L-peptide linking'          y PROLINE                                  ? 'C5 H9 N O2'     115.130 
SER 'L-peptide linking'          y SERINE                                   ? 'C3 H7 N O3'     105.093 
THR 'L-peptide linking'          y THREONINE                                ? 'C4 H9 N O3'     119.119 
TRP 'L-peptide linking'          y TRYPTOPHAN                               ? 'C11 H12 N2 O2'  204.225 
TYR 'L-peptide linking'          y TYROSINE                                 ? 'C9 H11 N O3'    181.189 
VAL 'L-peptide linking'          y VALINE                                   ? 'C5 H11 N O2'    117.146 
# 
loop_
_pdbx_chem_comp_identifier.comp_id 
_pdbx_chem_comp_identifier.type 
_pdbx_chem_comp_identifier.program 
_pdbx_chem_comp_identifier.program_version 
_pdbx_chem_comp_identifier.identifier 
NAG 'CONDENSED IUPAC CARBOHYDRATE SYMBOL' GMML     1.0 DGlcpNAcb                      
NAG 'COMMON NAME'                         GMML     1.0 N-acetyl-b-D-glucopyranosamine 
NAG 'IUPAC CARBOHYDRATE SYMBOL'           PDB-CARE 1.0 b-D-GlcpNAc                    
NAG 'SNFG CARBOHYDRATE SYMBOL'            GMML     1.0 GlcNAc                         
# 
loop_
_pdbx_poly_seq_scheme.asym_id 
_pdbx_poly_seq_scheme.entity_id 
_pdbx_poly_seq_scheme.seq_id 
_pdbx_poly_seq_scheme.mon_id 
_pdbx_poly_seq_scheme.ndb_seq_num 
_pdbx_poly_seq_scheme.pdb_seq_num 
_pdbx_poly_seq_scheme.auth_seq_num 
_pdbx_poly_seq_scheme.pdb_mon_id 
_pdbx_poly_seq_scheme.auth_mon_id 
_pdbx_poly_seq_scheme.pdb_strand_id 
_pdbx_poly_seq_scheme.pdb_ins_code 
_pdbx_poly_seq_scheme.hetero 
A 1 1   GLN 1   1   ?   ?   ?   A . n 
A 1 2   ASN 2   2   ?   ?   ?   A . n 
A 1 3   GLU 3   3   3   GLU GLU A . n 
A 1 4   PRO 4   4   4   PRO PRO A . n 
A 1 5   ARG 5   5   5   ARG ARG A . n 
A 1 6   ILE 6   6   6   ILE ILE A . n 
A 1 7   VAL 7   7   7   VAL VAL A . n 
A 1 8   THR 8   8   8   THR THR A . n 
A 1 9   SER 9   9   9   SER SER A . n 
A 1 10  GLU 10  10  10  GLU GLU A . n 
A 1 11  GLU 11  11  11  GLU GLU A . n 
A 1 12  VAL 12  12  12  VAL VAL A . n 
A 1 13  ILE 13  13  13  ILE ILE A . n 
A 1 14  ILE 14  14  14  ILE ILE A . n 
A 1 15  ARG 15  15  15  ARG ARG A . n 
A 1 16  ASP 16  16  16  ASP ASP A . n 
A 1 17  SER 17  17  17  SER SER A . n 
A 1 18  LEU 18  18  18  LEU LEU A . n 
A 1 19  LEU 19  19  19  LEU LEU A . n 
A 1 20  PRO 20  20  20  PRO PRO A . n 
A 1 21  VAL 21  21  21  VAL VAL A . n 
A 1 22  THR 22  22  22  THR THR A . n 
A 1 23  LEU 23  23  23  LEU LEU A . n 
A 1 24  GLN 24  24  24  GLN GLN A . n 
A 1 25  CYS 25  25  25  CYS CYS A . n 
A 1 26  ASN 26  26  26  ASN ASN A . n 
A 1 27  LEU 27  27  27  LEU LEU A . n 
A 1 28  THR 28  28  28  THR THR A . n 
A 1 29  SER 29  29  29  SER SER A . n 
A 1 30  SER 30  30  30  SER SER A . n 
A 1 31  SER 31  31  31  SER SER A . n 
A 1 32  HIS 32  32  32  HIS HIS A . n 
A 1 33  THR 33  33  33  THR THR A . n 
A 1 34  LEU 34  34  34  LEU LEU A . n 
A 1 35  MET 35  35  35  MET MET A . n 
A 1 36  TYR 36  36  36  TYR TYR A . n 
A 1 37  SER 37  37  37  SER SER A . n 
A 1 38  TYR 38  38  38  TYR TYR A . n 
A 1 39  TRP 39  39  39  TRP TRP A . n 
A 1 40  THR 40  40  40  THR THR A . n 
A 1 41  LYS 41  41  41  LYS LYS A . n 
A 1 42  ASN 42  42  42  ASN ASN A . n 
A 1 43  GLY 43  43  43  GLY GLY A . n 
A 1 44  VAL 44  44  44  VAL VAL A . n 
A 1 45  GLU 45  45  45  GLU GLU A . n 
A 1 46  LEU 46  46  46  LEU LEU A . n 
A 1 47  THR 47  47  47  THR THR A . n 
A 1 48  ALA 48  48  48  ALA ALA A . n 
A 1 49  THR 49  49  49  THR THR A . n 
A 1 50  ARG 50  50  50  ARG ARG A . n 
A 1 51  LYS 51  51  51  LYS LYS A . n 
A 1 52  ASN 52  52  52  ASN ASN A . n 
A 1 53  ALA 53  53  53  ALA ALA A . n 
A 1 54  SER 54  54  54  SER SER A . n 
A 1 55  ASN 55  55  55  ASN ASN A . n 
A 1 56  MET 56  56  56  MET MET A . n 
A 1 57  GLU 57  57  57  GLU GLU A . n 
A 1 58  TYR 58  58  58  TYR TYR A . n 
A 1 59  ARG 59  59  59  ARG ARG A . n 
A 1 60  ILE 60  60  60  ILE ILE A . n 
A 1 61  ASN 61  61  61  ASN ASN A . n 
A 1 62  LYS 62  62  62  LYS LYS A . n 
A 1 63  PRO 63  63  63  PRO PRO A . n 
A 1 64  ARG 64  64  64  ARG ARG A . n 
A 1 65  ALA 65  65  65  ALA ALA A . n 
A 1 66  GLU 66  66  66  GLU GLU A . n 
A 1 67  ASP 67  67  67  ASP ASP A . n 
A 1 68  SER 68  68  68  SER SER A . n 
A 1 69  GLY 69  69  69  GLY GLY A . n 
A 1 70  GLU 70  70  70  GLU GLU A . n 
A 1 71  TYR 71  71  71  TYR TYR A . n 
A 1 72  HIS 72  72  72  HIS HIS A . n 
A 1 73  CYS 73  73  73  CYS CYS A . n 
A 1 74  VAL 74  74  74  VAL VAL A . n 
A 1 75  TYR 75  75  75  TYR TYR A . n 
A 1 76  HIS 76  76  76  HIS HIS A . n 
A 1 77  PHE 77  77  77  PHE PHE A . n 
A 1 78  VAL 78  78  78  VAL VAL A . n 
A 1 79  SER 79  79  79  SER SER A . n 
A 1 80  ALA 80  80  80  ALA ALA A . n 
A 1 81  PRO 81  81  81  PRO PRO A . n 
A 1 82  LYS 82  82  82  LYS LYS A . n 
A 1 83  ALA 83  83  83  ALA ALA A . n 
A 1 84  ASN 84  84  84  ASN ASN A . n 
A 1 85  ALA 85  85  85  ALA ALA A . n 
A 1 86  THR 86  86  86  THR THR A . n 
A 1 87  ILE 87  87  87  ILE ILE A . n 
A 1 88  GLU 88  88  88  GLU GLU A . n 
A 1 89  VAL 89  89  89  VAL VAL A . n 
A 1 90  LYS 90  90  90  LYS LYS A . n 
A 1 91  ALA 91  91  91  ALA ALA A . n 
A 1 92  ALA 92  92  92  ALA ALA A . n 
A 1 93  PRO 93  93  93  PRO PRO A . n 
A 1 94  ASP 94  94  94  ASP ASP A . n 
A 1 95  ILE 95  95  95  ILE ILE A . n 
A 1 96  THR 96  96  96  THR THR A . n 
A 1 97  GLY 97  97  97  GLY GLY A . n 
A 1 98  HIS 98  98  98  HIS HIS A . n 
A 1 99  LYS 99  99  99  LYS LYS A . n 
A 1 100 ARG 100 100 100 ARG ARG A . n 
A 1 101 SER 101 101 101 SER SER A . n 
A 1 102 GLU 102 102 102 GLU GLU A . n 
A 1 103 ASN 103 103 103 ASN ASN A . n 
A 1 104 LYS 104 104 104 LYS LYS A . n 
A 1 105 ASN 105 105 105 ASN ASN A . n 
A 1 106 GLU 106 106 106 GLU GLU A . n 
A 1 107 GLY 107 107 107 GLY GLY A . n 
A 1 108 GLN 108 108 108 GLN GLN A . n 
A 1 109 ASP 109 109 109 ASP ASP A . n 
A 1 110 ALA 110 110 110 ALA ALA A . n 
A 1 111 MET 111 111 111 MET MET A . n 
A 1 112 MET 112 112 112 MET MET A . n 
A 1 113 TYR 113 113 113 TYR TYR A . n 
A 1 114 CYS 114 114 114 CYS CYS A . n 
A 1 115 LYS 115 115 115 LYS LYS A . n 
A 1 116 SER 116 116 116 SER SER A . n 
A 1 117 VAL 117 117 117 VAL VAL A . n 
A 1 118 GLY 118 118 118 GLY GLY A . n 
A 1 119 TYR 119 119 119 TYR TYR A . n 
A 1 120 PRO 120 120 120 PRO PRO A . n 
A 1 121 HIS 121 121 121 HIS HIS A . n 
A 1 122 PRO 122 122 122 PRO PRO A . n 
A 1 123 GLU 123 123 123 GLU GLU A . n 
A 1 124 TRP 124 124 124 TRP TRP A . n 
A 1 125 MET 125 125 125 MET MET A . n 
A 1 126 TRP 126 126 126 TRP TRP A . n 
A 1 127 ARG 127 127 127 ARG ARG A . n 
A 1 128 LYS 128 128 128 LYS LYS A . n 
A 1 129 LYS 129 129 129 LYS LYS A . n 
A 1 130 GLU 130 130 130 GLU GLU A . n 
A 1 131 ASN 131 131 131 ASN ASN A . n 
A 1 132 GLY 132 132 132 GLY GLY A . n 
A 1 133 VAL 133 133 133 VAL VAL A . n 
A 1 134 PHE 134 134 134 PHE PHE A . n 
A 1 135 GLU 135 135 135 GLU GLU A . n 
A 1 136 GLU 136 136 136 GLU GLU A . n 
A 1 137 ILE 137 137 137 ILE ILE A . n 
A 1 138 SER 138 138 138 SER SER A . n 
A 1 139 ASN 139 139 139 ASN ASN A . n 
A 1 140 SER 140 140 140 SER SER A . n 
A 1 141 SER 141 141 141 SER SER A . n 
A 1 142 GLY 142 142 142 GLY GLY A . n 
A 1 143 ARG 143 143 143 ARG ARG A . n 
A 1 144 PHE 144 144 144 PHE PHE A . n 
A 1 145 PHE 145 145 145 PHE PHE A . n 
A 1 146 ILE 146 146 146 ILE ILE A . n 
A 1 147 ILE 147 147 147 ILE ILE A . n 
A 1 148 ASN 148 148 148 ASN ASN A . n 
A 1 149 LYS 149 149 149 LYS LYS A . n 
A 1 150 GLU 150 150 150 GLU GLU A . n 
A 1 151 ASN 151 151 151 ASN ASN A . n 
A 1 152 TYR 152 152 152 TYR TYR A . n 
A 1 153 THR 153 153 153 THR THR A . n 
A 1 154 GLU 154 154 154 GLU GLU A . n 
A 1 155 LEU 155 155 155 LEU LEU A . n 
A 1 156 ASN 156 156 156 ASN ASN A . n 
A 1 157 ILE 157 157 157 ILE ILE A . n 
A 1 158 VAL 158 158 158 VAL VAL A . n 
A 1 159 ASN 159 159 159 ASN ASN A . n 
A 1 160 LEU 160 160 160 LEU LEU A . n 
A 1 161 GLN 161 161 161 GLN GLN A . n 
A 1 162 ILE 162 162 162 ILE ILE A . n 
A 1 163 THR 163 163 163 THR THR A . n 
A 1 164 GLU 164 164 164 GLU GLU A . n 
A 1 165 ASP 165 165 165 ASP ASP A . n 
A 1 166 PRO 166 166 166 PRO PRO A . n 
A 1 167 GLY 167 167 167 GLY GLY A . n 
A 1 168 GLU 168 168 168 GLU GLU A . n 
A 1 169 TYR 169 169 169 TYR TYR A . n 
A 1 170 GLU 170 170 170 GLU GLU A . n 
A 1 171 CYS 171 171 171 CYS CYS A . n 
A 1 172 ASN 172 172 172 ASN ASN A . n 
A 1 173 ALA 173 173 173 ALA ALA A . n 
A 1 174 THR 174 174 174 THR THR A . n 
A 1 175 ASN 175 175 175 ASN ASN A . n 
A 1 176 SER 176 176 176 SER SER A . n 
A 1 177 ILE 177 177 177 ILE ILE A . n 
A 1 178 GLY 178 178 178 GLY GLY A . n 
A 1 179 SER 179 179 179 SER SER A . n 
A 1 180 ALA 180 180 180 ALA ALA A . n 
A 1 181 SER 181 181 181 SER SER A . n 
A 1 182 VAL 182 182 182 VAL VAL A . n 
A 1 183 SER 183 183 183 SER SER A . n 
A 1 184 THR 184 184 184 THR THR A . n 
A 1 185 VAL 185 185 185 VAL VAL A . n 
A 1 186 LEU 186 186 186 LEU LEU A . n 
A 1 187 ARG 187 187 187 ARG ARG A . n 
A 1 188 VAL 188 188 188 VAL VAL A . n 
A 1 189 ARG 189 189 189 ARG ARG A . n 
A 1 190 VAL 190 190 190 VAL VAL A . n 
# 
loop_
_pdbx_nonpoly_scheme.asym_id 
_pdbx_nonpoly_scheme.entity_id 
_pdbx_nonpoly_scheme.mon_id 
_pdbx_nonpoly_scheme.ndb_seq_num 
_pdbx_nonpoly_scheme.pdb_seq_num 
_pdbx_nonpoly_scheme.auth_seq_num 
_pdbx_nonpoly_scheme.pdb_mon_id 
_pdbx_nonpoly_scheme.auth_mon_id 
_pdbx_nonpoly_scheme.pdb_strand_id 
_pdbx_nonpoly_scheme.pdb_ins_code 
B 2 NAG 1   1201 1201 NAG NAG A . 
C 2 NAG 1   1203 1203 NAG NAG A . 
D 3 HOH 1   2001 2001 HOH HOH A . 
D 3 HOH 2   2002 2002 HOH HOH A . 
D 3 HOH 3   2003 2003 HOH HOH A . 
D 3 HOH 4   2004 2004 HOH HOH A . 
D 3 HOH 5   2005 2005 HOH HOH A . 
D 3 HOH 6   2006 2006 HOH HOH A . 
D 3 HOH 7   2007 2007 HOH HOH A . 
D 3 HOH 8   2008 2008 HOH HOH A . 
D 3 HOH 9   2009 2009 HOH HOH A . 
D 3 HOH 10  2010 2010 HOH HOH A . 
D 3 HOH 11  2011 2011 HOH HOH A . 
D 3 HOH 12  2012 2012 HOH HOH A . 
D 3 HOH 13  2013 2013 HOH HOH A . 
D 3 HOH 14  2014 2014 HOH HOH A . 
D 3 HOH 15  2015 2015 HOH HOH A . 
D 3 HOH 16  2016 2016 HOH HOH A . 
D 3 HOH 17  2017 2017 HOH HOH A . 
D 3 HOH 18  2018 2018 HOH HOH A . 
D 3 HOH 19  2019 2019 HOH HOH A . 
D 3 HOH 20  2020 2020 HOH HOH A . 
D 3 HOH 21  2021 2021 HOH HOH A . 
D 3 HOH 22  2022 2022 HOH HOH A . 
D 3 HOH 23  2023 2023 HOH HOH A . 
D 3 HOH 24  2024 2024 HOH HOH A . 
D 3 HOH 25  2025 2025 HOH HOH A . 
D 3 HOH 26  2026 2026 HOH HOH A . 
D 3 HOH 27  2027 2027 HOH HOH A . 
D 3 HOH 28  2028 2028 HOH HOH A . 
D 3 HOH 29  2029 2029 HOH HOH A . 
D 3 HOH 30  2030 2030 HOH HOH A . 
D 3 HOH 31  2031 2031 HOH HOH A . 
D 3 HOH 32  2032 2032 HOH HOH A . 
D 3 HOH 33  2033 2033 HOH HOH A . 
D 3 HOH 34  2034 2034 HOH HOH A . 
D 3 HOH 35  2035 2035 HOH HOH A . 
D 3 HOH 36  2036 2036 HOH HOH A . 
D 3 HOH 37  2037 2037 HOH HOH A . 
D 3 HOH 38  2038 2038 HOH HOH A . 
D 3 HOH 39  2039 2039 HOH HOH A . 
D 3 HOH 40  2040 2040 HOH HOH A . 
D 3 HOH 41  2041 2041 HOH HOH A . 
D 3 HOH 42  2042 2042 HOH HOH A . 
D 3 HOH 43  2043 2043 HOH HOH A . 
D 3 HOH 44  2044 2044 HOH HOH A . 
D 3 HOH 45  2045 2045 HOH HOH A . 
D 3 HOH 46  2046 2046 HOH HOH A . 
D 3 HOH 47  2047 2047 HOH HOH A . 
D 3 HOH 48  2048 2048 HOH HOH A . 
D 3 HOH 49  2049 2049 HOH HOH A . 
D 3 HOH 50  2050 2050 HOH HOH A . 
D 3 HOH 51  2051 2051 HOH HOH A . 
D 3 HOH 52  2052 2052 HOH HOH A . 
D 3 HOH 53  2053 2053 HOH HOH A . 
D 3 HOH 54  2054 2054 HOH HOH A . 
D 3 HOH 55  2055 2055 HOH HOH A . 
D 3 HOH 56  2056 2056 HOH HOH A . 
D 3 HOH 57  2057 2057 HOH HOH A . 
D 3 HOH 58  2058 2058 HOH HOH A . 
D 3 HOH 59  2059 2059 HOH HOH A . 
D 3 HOH 60  2060 2060 HOH HOH A . 
D 3 HOH 61  2061 2061 HOH HOH A . 
D 3 HOH 62  2062 2062 HOH HOH A . 
D 3 HOH 63  2063 2063 HOH HOH A . 
D 3 HOH 64  2064 2064 HOH HOH A . 
D 3 HOH 65  2065 2065 HOH HOH A . 
D 3 HOH 66  2066 2066 HOH HOH A . 
D 3 HOH 67  2067 2067 HOH HOH A . 
D 3 HOH 68  2068 2068 HOH HOH A . 
D 3 HOH 69  2069 2069 HOH HOH A . 
D 3 HOH 70  2070 2070 HOH HOH A . 
D 3 HOH 71  2071 2071 HOH HOH A . 
D 3 HOH 72  2072 2072 HOH HOH A . 
D 3 HOH 73  2073 2073 HOH HOH A . 
D 3 HOH 74  2074 2074 HOH HOH A . 
D 3 HOH 75  2075 2075 HOH HOH A . 
D 3 HOH 76  2076 2076 HOH HOH A . 
D 3 HOH 77  2077 2077 HOH HOH A . 
D 3 HOH 78  2078 2078 HOH HOH A . 
D 3 HOH 79  2079 2079 HOH HOH A . 
D 3 HOH 80  2080 2080 HOH HOH A . 
D 3 HOH 81  2081 2081 HOH HOH A . 
D 3 HOH 82  2082 2082 HOH HOH A . 
D 3 HOH 83  2083 2083 HOH HOH A . 
D 3 HOH 84  2084 2084 HOH HOH A . 
D 3 HOH 85  2085 2085 HOH HOH A . 
D 3 HOH 86  2086 2086 HOH HOH A . 
D 3 HOH 87  2087 2087 HOH HOH A . 
D 3 HOH 88  2088 2088 HOH HOH A . 
D 3 HOH 89  2089 2089 HOH HOH A . 
D 3 HOH 90  2090 2090 HOH HOH A . 
D 3 HOH 91  2091 2091 HOH HOH A . 
D 3 HOH 92  2092 2092 HOH HOH A . 
D 3 HOH 93  2093 2093 HOH HOH A . 
D 3 HOH 94  2094 2094 HOH HOH A . 
D 3 HOH 95  2095 2095 HOH HOH A . 
D 3 HOH 96  2096 2096 HOH HOH A . 
D 3 HOH 97  2097 2097 HOH HOH A . 
D 3 HOH 98  2098 2098 HOH HOH A . 
D 3 HOH 99  2099 2099 HOH HOH A . 
D 3 HOH 100 2100 2100 HOH HOH A . 
D 3 HOH 101 2101 2101 HOH HOH A . 
D 3 HOH 102 2102 2102 HOH HOH A . 
D 3 HOH 103 2103 2103 HOH HOH A . 
D 3 HOH 104 2104 2104 HOH HOH A . 
D 3 HOH 105 2105 2105 HOH HOH A . 
D 3 HOH 106 2106 2106 HOH HOH A . 
D 3 HOH 107 2107 2107 HOH HOH A . 
D 3 HOH 108 2108 2108 HOH HOH A . 
D 3 HOH 109 2109 2109 HOH HOH A . 
D 3 HOH 110 2110 2110 HOH HOH A . 
D 3 HOH 111 2111 2111 HOH HOH A . 
D 3 HOH 112 2112 2112 HOH HOH A . 
D 3 HOH 113 2113 2113 HOH HOH A . 
# 
loop_
_software.name 
_software.classification 
_software.version 
_software.citation_id 
_software.pdbx_ordinal 
PHENIX  refinement       '(PHENIX.REFINE)' ? 1 
MOSFLM  'data reduction' .                 ? 2 
SCALA   'data scaling'   .                 ? 3 
HKL2Map phasing          .                 ? 4 
# 
_cell.entry_id           2WV3 
_cell.length_a           49.390 
_cell.length_b           81.080 
_cell.length_c           137.540 
_cell.angle_alpha        90.00 
_cell.angle_beta         90.00 
_cell.angle_gamma        90.00 
_cell.Z_PDB              8 
_cell.pdbx_unique_axis   ? 
# 
_symmetry.entry_id                         2WV3 
_symmetry.space_group_name_H-M             'I 2 2 2' 
_symmetry.pdbx_full_space_group_name_H-M   ? 
_symmetry.cell_setting                     ? 
_symmetry.Int_Tables_number                23 
# 
_exptl.entry_id          2WV3 
_exptl.method            'X-RAY DIFFRACTION' 
_exptl.crystals_number   1 
# 
_exptl_crystal.id                    1 
_exptl_crystal.density_meas          ? 
_exptl_crystal.density_Matthews      2.95 
_exptl_crystal.density_percent_sol   57.98 
_exptl_crystal.description           NONE 
# 
_exptl_crystal_grow.crystal_id      1 
_exptl_crystal_grow.method          ? 
_exptl_crystal_grow.temp            ? 
_exptl_crystal_grow.temp_details    ? 
_exptl_crystal_grow.pH              7.4 
_exptl_crystal_grow.pdbx_pH_range   ? 
_exptl_crystal_grow.pdbx_details    
;NEUROPLASTIN-55 AT A CONCENTRATION OF 4 MG/ML IN 5 MM SODIUM PHOSPHATE AND 150 MM NACL, PH 7.4, WAS MIXED WITH THE RESERVOIR SOLUTION CONTAINING 13-15% W/V PEG 4000, 0.2 M AMMONIUM SULFATE, AND 0.1 M SODIUM ACETATE, PH 4.6.
;
# 
_diffrn.id                     1 
_diffrn.ambient_temp           288 
_diffrn.ambient_temp_details   ? 
_diffrn.crystal_id             1 
# 
_diffrn_detector.diffrn_id              1 
_diffrn_detector.detector               CCD 
_diffrn_detector.type                   MARRESEARCH 
_diffrn_detector.pdbx_collection_date   ? 
_diffrn_detector.details                ? 
# 
_diffrn_radiation.diffrn_id                        1 
_diffrn_radiation.wavelength_id                    1 
_diffrn_radiation.pdbx_monochromatic_or_laue_m_l   M 
_diffrn_radiation.monochromator                    ? 
_diffrn_radiation.pdbx_diffrn_protocol             'SINGLE WAVELENGTH' 
_diffrn_radiation.pdbx_scattering_type             x-ray 
# 
_diffrn_radiation_wavelength.id           1 
_diffrn_radiation_wavelength.wavelength   0.934 
_diffrn_radiation_wavelength.wt           1.0 
# 
_diffrn_source.diffrn_id                   1 
_diffrn_source.source                      SYNCHROTRON 
_diffrn_source.type                        'EMBL/DESY, HAMBURG BEAMLINE X12' 
_diffrn_source.pdbx_synchrotron_site       'EMBL/DESY, HAMBURG' 
_diffrn_source.pdbx_synchrotron_beamline   X12 
_diffrn_source.pdbx_wavelength             0.934 
_diffrn_source.pdbx_wavelength_list        ? 
# 
_reflns.pdbx_diffrn_id               1 
_reflns.pdbx_ordinal                 1 
_reflns.entry_id                     2WV3 
_reflns.observed_criterion_sigma_I   1.45 
_reflns.observed_criterion_sigma_F   ? 
_reflns.d_resolution_low             33.60 
_reflns.d_resolution_high            1.95 
_reflns.number_obs                   20597 
_reflns.number_all                   ? 
_reflns.percent_possible_obs         99.2 
_reflns.pdbx_Rmerge_I_obs            0.06 
_reflns.pdbx_Rsym_value              ? 
_reflns.pdbx_netI_over_sigmaI        8.30 
_reflns.B_iso_Wilson_estimate        28.88 
_reflns.pdbx_redundancy              7.1 
# 
_reflns_shell.pdbx_diffrn_id         1 
_reflns_shell.pdbx_ordinal           1 
_reflns_shell.d_res_high             1.95 
_reflns_shell.d_res_low              2.06 
_reflns_shell.percent_possible_all   99.6 
_reflns_shell.Rmerge_I_obs           0.37 
_reflns_shell.pdbx_Rsym_value        ? 
_reflns_shell.meanI_over_sigI_obs    2.10 
_reflns_shell.pdbx_redundancy        7.3 
# 
_refine.pdbx_refine_id                           'X-RAY DIFFRACTION' 
_refine.entry_id                                 2WV3 
_refine.pdbx_diffrn_id                           1 
_refine.pdbx_TLS_residual_ADP_flag               ? 
_refine.ls_number_reflns_obs                     20427 
_refine.ls_number_reflns_all                     ? 
_refine.pdbx_ls_sigma_I                          ? 
_refine.pdbx_ls_sigma_F                          1.45 
_refine.pdbx_data_cutoff_high_absF               ? 
_refine.pdbx_data_cutoff_low_absF                ? 
_refine.pdbx_data_cutoff_high_rms_absF           ? 
_refine.ls_d_res_low                             33.601 
_refine.ls_d_res_high                            1.950 
_refine.ls_percent_reflns_obs                    99.22 
_refine.ls_R_factor_obs                          0.2097 
_refine.ls_R_factor_all                          ? 
_refine.ls_R_factor_R_work                       0.2076 
_refine.ls_R_factor_R_free                       0.2486 
_refine.ls_R_factor_R_free_error                 ? 
_refine.ls_R_factor_R_free_error_details         ? 
_refine.ls_percent_reflns_R_free                 5.1 
_refine.ls_number_reflns_R_free                  1044 
_refine.ls_number_parameters                     ? 
_refine.ls_number_restraints                     ? 
_refine.occupancy_min                            ? 
_refine.occupancy_max                            ? 
_refine.correlation_coeff_Fo_to_Fc               ? 
_refine.correlation_coeff_Fo_to_Fc_free          ? 
_refine.B_iso_mean                               42.83 
_refine.aniso_B[1][1]                            13.6388 
_refine.aniso_B[2][2]                            2.0433 
_refine.aniso_B[3][3]                            -15.6822 
_refine.aniso_B[1][2]                            0.0000 
_refine.aniso_B[1][3]                            -0.0000 
_refine.aniso_B[2][3]                            -0.0000 
_refine.solvent_model_details                    'FLAT BULK SOLVENT MODEL' 
_refine.solvent_model_param_ksol                 0.395 
_refine.solvent_model_param_bsol                 71.633 
_refine.pdbx_solvent_vdw_probe_radii             1.11 
_refine.pdbx_solvent_ion_probe_radii             ? 
_refine.pdbx_solvent_shrinkage_radii             0.90 
_refine.pdbx_ls_cross_valid_method               ? 
_refine.details                                  ? 
_refine.pdbx_starting_model                      NONE 
_refine.pdbx_method_to_determine_struct          SAD 
_refine.pdbx_isotropic_thermal_model             ? 
_refine.pdbx_stereochemistry_target_values       ML 
_refine.pdbx_stereochem_target_val_spec_case     ? 
_refine.pdbx_R_Free_selection_details            ? 
_refine.pdbx_overall_ESU_R                       ? 
_refine.pdbx_overall_ESU_R_Free                  ? 
_refine.overall_SU_ML                            0.29 
_refine.pdbx_overall_phase_error                 28.07 
_refine.overall_SU_B                             ? 
_refine.overall_SU_R_Cruickshank_DPI             ? 
_refine.pdbx_overall_SU_R_free_Cruickshank_DPI   ? 
_refine.pdbx_overall_SU_R_Blow_DPI               ? 
_refine.pdbx_overall_SU_R_free_Blow_DPI          ? 
# 
_refine_hist.pdbx_refine_id                   'X-RAY DIFFRACTION' 
_refine_hist.cycle_id                         LAST 
_refine_hist.pdbx_number_atoms_protein        1495 
_refine_hist.pdbx_number_atoms_nucleic_acid   0 
_refine_hist.pdbx_number_atoms_ligand         28 
_refine_hist.number_atoms_solvent             113 
_refine_hist.number_atoms_total               1636 
_refine_hist.d_res_high                       1.950 
_refine_hist.d_res_low                        33.601 
# 
loop_
_refine_ls_restr.type 
_refine_ls_restr.dev_ideal 
_refine_ls_restr.dev_ideal_target 
_refine_ls_restr.weight 
_refine_ls_restr.number 
_refine_ls_restr.pdbx_refine_id 
_refine_ls_restr.pdbx_restraint_function 
f_bond_d           0.006  ? ? 1596 'X-RAY DIFFRACTION' ? 
f_angle_d          1.057  ? ? 2166 'X-RAY DIFFRACTION' ? 
f_dihedral_angle_d 16.640 ? ? 621  'X-RAY DIFFRACTION' ? 
f_chiral_restr     0.071  ? ? 234  'X-RAY DIFFRACTION' ? 
f_plane_restr      0.004  ? ? 277  'X-RAY DIFFRACTION' ? 
# 
loop_
_refine_ls_shell.pdbx_refine_id 
_refine_ls_shell.pdbx_total_number_of_bins_used 
_refine_ls_shell.d_res_high 
_refine_ls_shell.d_res_low 
_refine_ls_shell.number_reflns_R_work 
_refine_ls_shell.R_factor_R_work 
_refine_ls_shell.percent_reflns_obs 
_refine_ls_shell.R_factor_R_free 
_refine_ls_shell.R_factor_R_free_error 
_refine_ls_shell.percent_reflns_R_free 
_refine_ls_shell.number_reflns_R_free 
_refine_ls_shell.number_reflns_all 
_refine_ls_shell.R_factor_all 
'X-RAY DIFFRACTION' . 1.9501 2.0529  2729 0.2622 99.00  0.3252 . . 142 . . 
'X-RAY DIFFRACTION' . 2.0529 2.1815  2721 0.2352 99.00  0.2652 . . 147 . . 
'X-RAY DIFFRACTION' . 2.1815 2.3499  2743 0.2280 100.00 0.2775 . . 142 . . 
'X-RAY DIFFRACTION' . 2.3499 2.5863  2751 0.2317 100.00 0.3196 . . 158 . . 
'X-RAY DIFFRACTION' . 2.5863 2.9603  2772 0.2262 100.00 0.2804 . . 150 . . 
'X-RAY DIFFRACTION' . 2.9603 3.7289  2803 0.1871 100.00 0.2507 . . 148 . . 
'X-RAY DIFFRACTION' . 3.7289 33.6064 2864 0.1861 98.00  0.1999 . . 157 . . 
# 
_struct.entry_id                  2WV3 
_struct.title                     'Neuroplastin-55 binds to and signals through the fibroblast growth factor receptor' 
_struct.pdbx_model_details        ? 
_struct.pdbx_CASP_flag            ? 
_struct.pdbx_model_type_details   ? 
# 
_struct_keywords.entry_id        2WV3 
_struct_keywords.pdbx_keywords   'CELL ADHESION' 
_struct_keywords.text            
;IGCAM, MEMBRANE, GLYCOPROTEIN, CELL MEMBRANE, CELL ADHESION, TRANSMEMBRANE, DISULFIDE BOND, ALTERNATIVE SPLICING, IMMUNOGLOBULIN DOMAIN
;
# 
loop_
_struct_asym.id 
_struct_asym.pdbx_blank_PDB_chainid_flag 
_struct_asym.pdbx_modified 
_struct_asym.entity_id 
_struct_asym.details 
A N N 1 ? 
B N N 2 ? 
C N N 2 ? 
D N N 3 ? 
# 
loop_
_struct_ref.id 
_struct_ref.db_name 
_struct_ref.db_code 
_struct_ref.entity_id 
_struct_ref.pdbx_seq_one_letter_code 
_struct_ref.pdbx_align_begin 
_struct_ref.pdbx_db_accession 
_struct_ref.pdbx_db_isoform 
1 UNP NPTN_RAT 1 ? ? P97546 ? 
2 PDB 2WV3     1 ? ? 2WV3   ? 
# 
loop_
_struct_ref_seq.align_id 
_struct_ref_seq.ref_id 
_struct_ref_seq.pdbx_PDB_id_code 
_struct_ref_seq.pdbx_strand_id 
_struct_ref_seq.seq_align_beg 
_struct_ref_seq.pdbx_seq_align_beg_ins_code 
_struct_ref_seq.seq_align_end 
_struct_ref_seq.pdbx_seq_align_end_ins_code 
_struct_ref_seq.pdbx_db_accession 
_struct_ref_seq.db_align_beg 
_struct_ref_seq.pdbx_db_align_beg_ins_code 
_struct_ref_seq.db_align_end 
_struct_ref_seq.pdbx_db_align_end_ins_code 
_struct_ref_seq.pdbx_auth_seq_align_beg 
_struct_ref_seq.pdbx_auth_seq_align_end 
1 1 2WV3 A 1   ? 189 ? P97546 29  ? 217 ? 1   189 
2 2 2WV3 A 190 ? 190 ? 2WV3   190 ? 190 ? 190 190 
# 
_pdbx_struct_assembly.id                   1 
_pdbx_struct_assembly.details              software_defined_assembly 
_pdbx_struct_assembly.method_details       PISA 
_pdbx_struct_assembly.oligomeric_details   monomeric 
_pdbx_struct_assembly.oligomeric_count     1 
# 
_pdbx_struct_assembly_gen.assembly_id       1 
_pdbx_struct_assembly_gen.oper_expression   1 
_pdbx_struct_assembly_gen.asym_id_list      A,B,C,D 
# 
_pdbx_struct_oper_list.id                   1 
_pdbx_struct_oper_list.type                 'identity operation' 
_pdbx_struct_oper_list.name                 1_555 
_pdbx_struct_oper_list.symmetry_operation   x,y,z 
_pdbx_struct_oper_list.matrix[1][1]         1.0000000000 
_pdbx_struct_oper_list.matrix[1][2]         0.0000000000 
_pdbx_struct_oper_list.matrix[1][3]         0.0000000000 
_pdbx_struct_oper_list.vector[1]            0.0000000000 
_pdbx_struct_oper_list.matrix[2][1]         0.0000000000 
_pdbx_struct_oper_list.matrix[2][2]         1.0000000000 
_pdbx_struct_oper_list.matrix[2][3]         0.0000000000 
_pdbx_struct_oper_list.vector[2]            0.0000000000 
_pdbx_struct_oper_list.matrix[3][1]         0.0000000000 
_pdbx_struct_oper_list.matrix[3][2]         0.0000000000 
_pdbx_struct_oper_list.matrix[3][3]         1.0000000000 
_pdbx_struct_oper_list.vector[3]            0.0000000000 
# 
_struct_biol.id   1 
# 
_struct_conf.conf_type_id            HELX_P 
_struct_conf.id                      HELX_P1 
_struct_conf.pdbx_PDB_helix_id       1 
_struct_conf.beg_label_comp_id       ARG 
_struct_conf.beg_label_asym_id       A 
_struct_conf.beg_label_seq_id        64 
_struct_conf.pdbx_beg_PDB_ins_code   ? 
_struct_conf.end_label_comp_id       SER 
_struct_conf.end_label_asym_id       A 
_struct_conf.end_label_seq_id        68 
_struct_conf.pdbx_end_PDB_ins_code   ? 
_struct_conf.beg_auth_comp_id        ARG 
_struct_conf.beg_auth_asym_id        A 
_struct_conf.beg_auth_seq_id         64 
_struct_conf.end_auth_comp_id        SER 
_struct_conf.end_auth_asym_id        A 
_struct_conf.end_auth_seq_id         68 
_struct_conf.pdbx_PDB_helix_class    5 
_struct_conf.details                 ? 
_struct_conf.pdbx_PDB_helix_length   5 
# 
_struct_conf_type.id          HELX_P 
_struct_conf_type.criteria    ? 
_struct_conf_type.reference   ? 
# 
loop_
_struct_conn.id 
_struct_conn.conn_type_id 
_struct_conn.pdbx_leaving_atom_flag 
_struct_conn.pdbx_PDB_id 
_struct_conn.ptnr1_label_asym_id 
_struct_conn.ptnr1_label_comp_id 
_struct_conn.ptnr1_label_seq_id 
_struct_conn.ptnr1_label_atom_id 
_struct_conn.pdbx_ptnr1_label_alt_id 
_struct_conn.pdbx_ptnr1_PDB_ins_code 
_struct_conn.pdbx_ptnr1_standard_comp_id 
_struct_conn.ptnr1_symmetry 
_struct_conn.ptnr2_label_asym_id 
_struct_conn.ptnr2_label_comp_id 
_struct_conn.ptnr2_label_seq_id 
_struct_conn.ptnr2_label_atom_id 
_struct_conn.pdbx_ptnr2_label_alt_id 
_struct_conn.pdbx_ptnr2_PDB_ins_code 
_struct_conn.ptnr1_auth_asym_id 
_struct_conn.ptnr1_auth_comp_id 
_struct_conn.ptnr1_auth_seq_id 
_struct_conn.ptnr2_auth_asym_id 
_struct_conn.ptnr2_auth_comp_id 
_struct_conn.ptnr2_auth_seq_id 
_struct_conn.ptnr2_symmetry 
_struct_conn.pdbx_ptnr3_label_atom_id 
_struct_conn.pdbx_ptnr3_label_seq_id 
_struct_conn.pdbx_ptnr3_label_comp_id 
_struct_conn.pdbx_ptnr3_label_asym_id 
_struct_conn.pdbx_ptnr3_label_alt_id 
_struct_conn.pdbx_ptnr3_PDB_ins_code 
_struct_conn.details 
_struct_conn.pdbx_dist_value 
_struct_conn.pdbx_value_order 
_struct_conn.pdbx_role 
disulf1 disulf ?   ? A CYS 25  SG  ? ? ? 1_555 A CYS 73  SG ? ? A CYS 25  A CYS 73   1_555 ? ? ? ? ? ? ? 2.012 ? ?               
disulf2 disulf ?   ? A CYS 114 SG  ? ? ? 1_555 A CYS 171 SG ? ? A CYS 114 A CYS 171  1_555 ? ? ? ? ? ? ? 2.020 ? ?               
covale1 covale one ? A ASN 26  ND2 ? ? ? 1_555 B NAG .   C1 ? ? A ASN 26  A NAG 1201 1_555 ? ? ? ? ? ? ? 1.450 ? N-Glycosylation 
covale2 covale one ? A ASN 139 ND2 ? ? ? 1_555 C NAG .   C1 ? ? A ASN 139 A NAG 1203 1_555 ? ? ? ? ? ? ? 1.451 ? N-Glycosylation 
# 
loop_
_struct_conn_type.id 
_struct_conn_type.criteria 
_struct_conn_type.reference 
disulf ? ? 
covale ? ? 
# 
loop_
_pdbx_modification_feature.ordinal 
_pdbx_modification_feature.label_comp_id 
_pdbx_modification_feature.label_asym_id 
_pdbx_modification_feature.label_seq_id 
_pdbx_modification_feature.label_alt_id 
_pdbx_modification_feature.modified_residue_label_comp_id 
_pdbx_modification_feature.modified_residue_label_asym_id 
_pdbx_modification_feature.modified_residue_label_seq_id 
_pdbx_modification_feature.modified_residue_label_alt_id 
_pdbx_modification_feature.auth_comp_id 
_pdbx_modification_feature.auth_asym_id 
_pdbx_modification_feature.auth_seq_id 
_pdbx_modification_feature.PDB_ins_code 
_pdbx_modification_feature.symmetry 
_pdbx_modification_feature.modified_residue_auth_comp_id 
_pdbx_modification_feature.modified_residue_auth_asym_id 
_pdbx_modification_feature.modified_residue_auth_seq_id 
_pdbx_modification_feature.modified_residue_PDB_ins_code 
_pdbx_modification_feature.modified_residue_symmetry 
_pdbx_modification_feature.comp_id_linking_atom 
_pdbx_modification_feature.modified_residue_id_linking_atom 
_pdbx_modification_feature.modified_residue_id 
_pdbx_modification_feature.ref_pcm_id 
_pdbx_modification_feature.ref_comp_id 
_pdbx_modification_feature.type 
_pdbx_modification_feature.category 
1 NAG B .   ? ASN A 26  ? NAG A 1201 ? 1_555 ASN A 26  ? 1_555 C1 ND2 ASN 1 NAG N-Glycosylation Carbohydrate       
2 NAG C .   ? ASN A 139 ? NAG A 1203 ? 1_555 ASN A 139 ? 1_555 C1 ND2 ASN 1 NAG N-Glycosylation Carbohydrate       
3 CYS A 25  ? CYS A 73  ? CYS A 25   ? 1_555 CYS A 73  ? 1_555 SG SG  .   . .   None            'Disulfide bridge' 
4 CYS A 114 ? CYS A 171 ? CYS A 114  ? 1_555 CYS A 171 ? 1_555 SG SG  .   . .   None            'Disulfide bridge' 
# 
_struct_mon_prot_cis.pdbx_id                1 
_struct_mon_prot_cis.label_comp_id          TYR 
_struct_mon_prot_cis.label_seq_id           119 
_struct_mon_prot_cis.label_asym_id          A 
_struct_mon_prot_cis.label_alt_id           . 
_struct_mon_prot_cis.pdbx_PDB_ins_code      ? 
_struct_mon_prot_cis.auth_comp_id           TYR 
_struct_mon_prot_cis.auth_seq_id            119 
_struct_mon_prot_cis.auth_asym_id           A 
_struct_mon_prot_cis.pdbx_label_comp_id_2   PRO 
_struct_mon_prot_cis.pdbx_label_seq_id_2    120 
_struct_mon_prot_cis.pdbx_label_asym_id_2   A 
_struct_mon_prot_cis.pdbx_PDB_ins_code_2    ? 
_struct_mon_prot_cis.pdbx_auth_comp_id_2    PRO 
_struct_mon_prot_cis.pdbx_auth_seq_id_2     120 
_struct_mon_prot_cis.pdbx_auth_asym_id_2    A 
_struct_mon_prot_cis.pdbx_PDB_model_num     1 
_struct_mon_prot_cis.pdbx_omega_angle       1.98 
# 
loop_
_struct_sheet.id 
_struct_sheet.type 
_struct_sheet.number_strands 
_struct_sheet.details 
AA ? 3 ? 
AB ? 5 ? 
AC ? 4 ? 
AD ? 5 ? 
# 
loop_
_struct_sheet_order.sheet_id 
_struct_sheet_order.range_id_1 
_struct_sheet_order.range_id_2 
_struct_sheet_order.offset 
_struct_sheet_order.sense 
AA 1 2 ? anti-parallel 
AA 2 3 ? anti-parallel 
AB 1 2 ? parallel      
AB 2 3 ? anti-parallel 
AB 3 4 ? anti-parallel 
AB 4 5 ? anti-parallel 
AC 1 2 ? anti-parallel 
AC 2 3 ? anti-parallel 
AC 3 4 ? anti-parallel 
AD 1 2 ? parallel      
AD 2 3 ? anti-parallel 
AD 3 4 ? anti-parallel 
AD 4 5 ? anti-parallel 
# 
loop_
_struct_sheet_range.sheet_id 
_struct_sheet_range.id 
_struct_sheet_range.beg_label_comp_id 
_struct_sheet_range.beg_label_asym_id 
_struct_sheet_range.beg_label_seq_id 
_struct_sheet_range.pdbx_beg_PDB_ins_code 
_struct_sheet_range.end_label_comp_id 
_struct_sheet_range.end_label_asym_id 
_struct_sheet_range.end_label_seq_id 
_struct_sheet_range.pdbx_end_PDB_ins_code 
_struct_sheet_range.beg_auth_comp_id 
_struct_sheet_range.beg_auth_asym_id 
_struct_sheet_range.beg_auth_seq_id 
_struct_sheet_range.end_auth_comp_id 
_struct_sheet_range.end_auth_asym_id 
_struct_sheet_range.end_auth_seq_id 
AA 1 ARG A 5   ? THR A 8   ? ARG A 5   THR A 8   
AA 2 VAL A 21  ? SER A 29  ? VAL A 21  SER A 29  
AA 3 ASN A 55  ? ILE A 60  ? ASN A 55  ILE A 60  
AB 1 VAL A 12  ? ILE A 13  ? VAL A 12  ILE A 13  
AB 2 ALA A 80  ? LYS A 90  ? ALA A 80  LYS A 90  
AB 3 GLY A 69  ? PHE A 77  ? GLY A 69  PHE A 77  
AB 4 LEU A 34  ? LYS A 41  ? LEU A 34  LYS A 41  
AB 5 VAL A 44  ? GLU A 45  ? VAL A 44  GLU A 45  
AC 1 ASP A 94  ? HIS A 98  ? ASP A 94  HIS A 98  
AC 2 ALA A 110 ? VAL A 117 ? ALA A 110 VAL A 117 
AC 3 TYR A 152 ? ILE A 157 ? TYR A 152 ILE A 157 
AC 4 PHE A 144 ? ASN A 148 ? PHE A 144 ASN A 148 
AD 1 SER A 101 ? ASN A 105 ? SER A 101 ASN A 105 
AD 2 SER A 179 ? ARG A 189 ? SER A 179 ARG A 189 
AD 3 GLY A 167 ? THR A 174 ? GLY A 167 THR A 174 
AD 4 GLU A 123 ? GLU A 130 ? GLU A 123 GLU A 130 
AD 5 VAL A 133 ? GLU A 136 ? VAL A 133 GLU A 136 
# 
loop_
_pdbx_struct_sheet_hbond.sheet_id 
_pdbx_struct_sheet_hbond.range_id_1 
_pdbx_struct_sheet_hbond.range_id_2 
_pdbx_struct_sheet_hbond.range_1_label_atom_id 
_pdbx_struct_sheet_hbond.range_1_label_comp_id 
_pdbx_struct_sheet_hbond.range_1_label_asym_id 
_pdbx_struct_sheet_hbond.range_1_label_seq_id 
_pdbx_struct_sheet_hbond.range_1_PDB_ins_code 
_pdbx_struct_sheet_hbond.range_1_auth_atom_id 
_pdbx_struct_sheet_hbond.range_1_auth_comp_id 
_pdbx_struct_sheet_hbond.range_1_auth_asym_id 
_pdbx_struct_sheet_hbond.range_1_auth_seq_id 
_pdbx_struct_sheet_hbond.range_2_label_atom_id 
_pdbx_struct_sheet_hbond.range_2_label_comp_id 
_pdbx_struct_sheet_hbond.range_2_label_asym_id 
_pdbx_struct_sheet_hbond.range_2_label_seq_id 
_pdbx_struct_sheet_hbond.range_2_PDB_ins_code 
_pdbx_struct_sheet_hbond.range_2_auth_atom_id 
_pdbx_struct_sheet_hbond.range_2_auth_comp_id 
_pdbx_struct_sheet_hbond.range_2_auth_asym_id 
_pdbx_struct_sheet_hbond.range_2_auth_seq_id 
AA 1 2 N VAL A 7   ? N VAL A 7   O ASN A 26  ? O ASN A 26  
AA 2 3 N CYS A 25  ? N CYS A 25  O MET A 56  ? O MET A 56  
AB 1 2 N VAL A 12  ? N VAL A 12  O GLU A 88  ? O GLU A 88  
AB 2 3 N VAL A 89  ? N VAL A 89  O GLY A 69  ? O GLY A 69  
AB 3 4 O HIS A 76  ? O HIS A 76  N MET A 35  ? N MET A 35  
AB 4 5 N LYS A 41  ? N LYS A 41  O VAL A 44  ? O VAL A 44  
AC 1 2 N THR A 96  ? N THR A 96  O LYS A 115 ? O LYS A 115 
AC 2 3 N CYS A 114 ? N CYS A 114 O THR A 153 ? O THR A 153 
AC 3 4 N ASN A 156 ? N ASN A 156 O PHE A 145 ? O PHE A 145 
AD 1 2 N GLU A 102 ? N GLU A 102 O VAL A 185 ? O VAL A 185 
AD 2 3 N LEU A 186 ? N LEU A 186 O GLY A 167 ? O GLY A 167 
AD 3 4 N THR A 174 ? N THR A 174 O GLU A 123 ? O GLU A 123 
AD 4 5 N GLU A 130 ? N GLU A 130 O VAL A 133 ? O VAL A 133 
# 
_pdbx_entry_details.entry_id                   2WV3 
_pdbx_entry_details.compound_details           ? 
_pdbx_entry_details.source_details             ? 
_pdbx_entry_details.nonpolymer_details         ? 
_pdbx_entry_details.sequence_details           ? 
_pdbx_entry_details.has_ligand_of_interest     ? 
_pdbx_entry_details.has_protein_modification   Y 
# 
_pdbx_validate_close_contact.id               1 
_pdbx_validate_close_contact.PDB_model_num    1 
_pdbx_validate_close_contact.auth_atom_id_1   ND2 
_pdbx_validate_close_contact.auth_asym_id_1   A 
_pdbx_validate_close_contact.auth_comp_id_1   ASN 
_pdbx_validate_close_contact.auth_seq_id_1    26 
_pdbx_validate_close_contact.PDB_ins_code_1   ? 
_pdbx_validate_close_contact.label_alt_id_1   ? 
_pdbx_validate_close_contact.auth_atom_id_2   O5 
_pdbx_validate_close_contact.auth_asym_id_2   A 
_pdbx_validate_close_contact.auth_comp_id_2   NAG 
_pdbx_validate_close_contact.auth_seq_id_2    1201 
_pdbx_validate_close_contact.PDB_ins_code_2   ? 
_pdbx_validate_close_contact.label_alt_id_2   ? 
_pdbx_validate_close_contact.dist             2.13 
# 
_pdbx_validate_torsion.id              1 
_pdbx_validate_torsion.PDB_model_num   1 
_pdbx_validate_torsion.auth_comp_id    ASN 
_pdbx_validate_torsion.auth_asym_id    A 
_pdbx_validate_torsion.auth_seq_id     52 
_pdbx_validate_torsion.PDB_ins_code    ? 
_pdbx_validate_torsion.label_alt_id    ? 
_pdbx_validate_torsion.phi             -100.56 
_pdbx_validate_torsion.psi             71.32 
# 
loop_
_pdbx_struct_mod_residue.id 
_pdbx_struct_mod_residue.label_asym_id 
_pdbx_struct_mod_residue.label_comp_id 
_pdbx_struct_mod_residue.label_seq_id 
_pdbx_struct_mod_residue.auth_asym_id 
_pdbx_struct_mod_residue.auth_comp_id 
_pdbx_struct_mod_residue.auth_seq_id 
_pdbx_struct_mod_residue.PDB_ins_code 
_pdbx_struct_mod_residue.parent_comp_id 
_pdbx_struct_mod_residue.details 
1 A ASN 26  A ASN 26  ? ASN 'GLYCOSYLATION SITE' 
2 A ASN 139 A ASN 139 ? ASN 'GLYCOSYLATION SITE' 
# 
_pdbx_struct_special_symmetry.id              1 
_pdbx_struct_special_symmetry.PDB_model_num   1 
_pdbx_struct_special_symmetry.auth_asym_id    A 
_pdbx_struct_special_symmetry.auth_comp_id    HOH 
_pdbx_struct_special_symmetry.auth_seq_id     2020 
_pdbx_struct_special_symmetry.PDB_ins_code    ? 
_pdbx_struct_special_symmetry.label_asym_id   D 
_pdbx_struct_special_symmetry.label_comp_id   HOH 
_pdbx_struct_special_symmetry.label_seq_id    . 
# 
loop_
_pdbx_unobs_or_zero_occ_residues.id 
_pdbx_unobs_or_zero_occ_residues.PDB_model_num 
_pdbx_unobs_or_zero_occ_residues.polymer_flag 
_pdbx_unobs_or_zero_occ_residues.occupancy_flag 
_pdbx_unobs_or_zero_occ_residues.auth_asym_id 
_pdbx_unobs_or_zero_occ_residues.auth_comp_id 
_pdbx_unobs_or_zero_occ_residues.auth_seq_id 
_pdbx_unobs_or_zero_occ_residues.PDB_ins_code 
_pdbx_unobs_or_zero_occ_residues.label_asym_id 
_pdbx_unobs_or_zero_occ_residues.label_comp_id 
_pdbx_unobs_or_zero_occ_residues.label_seq_id 
1 1 Y 1 A GLN 1 ? A GLN 1 
2 1 Y 1 A ASN 2 ? A ASN 2 
# 
loop_
_chem_comp_atom.comp_id 
_chem_comp_atom.atom_id 
_chem_comp_atom.type_symbol 
_chem_comp_atom.pdbx_aromatic_flag 
_chem_comp_atom.pdbx_stereo_config 
_chem_comp_atom.pdbx_ordinal 
ALA N    N N N 1   
ALA CA   C N S 2   
ALA C    C N N 3   
ALA O    O N N 4   
ALA CB   C N N 5   
ALA OXT  O N N 6   
ALA H    H N N 7   
ALA H2   H N N 8   
ALA HA   H N N 9   
ALA HB1  H N N 10  
ALA HB2  H N N 11  
ALA HB3  H N N 12  
ALA HXT  H N N 13  
ARG N    N N N 14  
ARG CA   C N S 15  
ARG C    C N N 16  
ARG O    O N N 17  
ARG CB   C N N 18  
ARG CG   C N N 19  
ARG CD   C N N 20  
ARG NE   N N N 21  
ARG CZ   C N N 22  
ARG NH1  N N N 23  
ARG NH2  N N N 24  
ARG OXT  O N N 25  
ARG H    H N N 26  
ARG H2   H N N 27  
ARG HA   H N N 28  
ARG HB2  H N N 29  
ARG HB3  H N N 30  
ARG HG2  H N N 31  
ARG HG3  H N N 32  
ARG HD2  H N N 33  
ARG HD3  H N N 34  
ARG HE   H N N 35  
ARG HH11 H N N 36  
ARG HH12 H N N 37  
ARG HH21 H N N 38  
ARG HH22 H N N 39  
ARG HXT  H N N 40  
ASN N    N N N 41  
ASN CA   C N S 42  
ASN C    C N N 43  
ASN O    O N N 44  
ASN CB   C N N 45  
ASN CG   C N N 46  
ASN OD1  O N N 47  
ASN ND2  N N N 48  
ASN OXT  O N N 49  
ASN H    H N N 50  
ASN H2   H N N 51  
ASN HA   H N N 52  
ASN HB2  H N N 53  
ASN HB3  H N N 54  
ASN HD21 H N N 55  
ASN HD22 H N N 56  
ASN HXT  H N N 57  
ASP N    N N N 58  
ASP CA   C N S 59  
ASP C    C N N 60  
ASP O    O N N 61  
ASP CB   C N N 62  
ASP CG   C N N 63  
ASP OD1  O N N 64  
ASP OD2  O N N 65  
ASP OXT  O N N 66  
ASP H    H N N 67  
ASP H2   H N N 68  
ASP HA   H N N 69  
ASP HB2  H N N 70  
ASP HB3  H N N 71  
ASP HD2  H N N 72  
ASP HXT  H N N 73  
CYS N    N N N 74  
CYS CA   C N R 75  
CYS C    C N N 76  
CYS O    O N N 77  
CYS CB   C N N 78  
CYS SG   S N N 79  
CYS OXT  O N N 80  
CYS H    H N N 81  
CYS H2   H N N 82  
CYS HA   H N N 83  
CYS HB2  H N N 84  
CYS HB3  H N N 85  
CYS HG   H N N 86  
CYS HXT  H N N 87  
GLN N    N N N 88  
GLN CA   C N S 89  
GLN C    C N N 90  
GLN O    O N N 91  
GLN CB   C N N 92  
GLN CG   C N N 93  
GLN CD   C N N 94  
GLN OE1  O N N 95  
GLN NE2  N N N 96  
GLN OXT  O N N 97  
GLN H    H N N 98  
GLN H2   H N N 99  
GLN HA   H N N 100 
GLN HB2  H N N 101 
GLN HB3  H N N 102 
GLN HG2  H N N 103 
GLN HG3  H N N 104 
GLN HE21 H N N 105 
GLN HE22 H N N 106 
GLN HXT  H N N 107 
GLU N    N N N 108 
GLU CA   C N S 109 
GLU C    C N N 110 
GLU O    O N N 111 
GLU CB   C N N 112 
GLU CG   C N N 113 
GLU CD   C N N 114 
GLU OE1  O N N 115 
GLU OE2  O N N 116 
GLU OXT  O N N 117 
GLU H    H N N 118 
GLU H2   H N N 119 
GLU HA   H N N 120 
GLU HB2  H N N 121 
GLU HB3  H N N 122 
GLU HG2  H N N 123 
GLU HG3  H N N 124 
GLU HE2  H N N 125 
GLU HXT  H N N 126 
GLY N    N N N 127 
GLY CA   C N N 128 
GLY C    C N N 129 
GLY O    O N N 130 
GLY OXT  O N N 131 
GLY H    H N N 132 
GLY H2   H N N 133 
GLY HA2  H N N 134 
GLY HA3  H N N 135 
GLY HXT  H N N 136 
HIS N    N N N 137 
HIS CA   C N S 138 
HIS C    C N N 139 
HIS O    O N N 140 
HIS CB   C N N 141 
HIS CG   C Y N 142 
HIS ND1  N Y N 143 
HIS CD2  C Y N 144 
HIS CE1  C Y N 145 
HIS NE2  N Y N 146 
HIS OXT  O N N 147 
HIS H    H N N 148 
HIS H2   H N N 149 
HIS HA   H N N 150 
HIS HB2  H N N 151 
HIS HB3  H N N 152 
HIS HD1  H N N 153 
HIS HD2  H N N 154 
HIS HE1  H N N 155 
HIS HE2  H N N 156 
HIS HXT  H N N 157 
HOH O    O N N 158 
HOH H1   H N N 159 
HOH H2   H N N 160 
ILE N    N N N 161 
ILE CA   C N S 162 
ILE C    C N N 163 
ILE O    O N N 164 
ILE CB   C N S 165 
ILE CG1  C N N 166 
ILE CG2  C N N 167 
ILE CD1  C N N 168 
ILE OXT  O N N 169 
ILE H    H N N 170 
ILE H2   H N N 171 
ILE HA   H N N 172 
ILE HB   H N N 173 
ILE HG12 H N N 174 
ILE HG13 H N N 175 
ILE HG21 H N N 176 
ILE HG22 H N N 177 
ILE HG23 H N N 178 
ILE HD11 H N N 179 
ILE HD12 H N N 180 
ILE HD13 H N N 181 
ILE HXT  H N N 182 
LEU N    N N N 183 
LEU CA   C N S 184 
LEU C    C N N 185 
LEU O    O N N 186 
LEU CB   C N N 187 
LEU CG   C N N 188 
LEU CD1  C N N 189 
LEU CD2  C N N 190 
LEU OXT  O N N 191 
LEU H    H N N 192 
LEU H2   H N N 193 
LEU HA   H N N 194 
LEU HB2  H N N 195 
LEU HB3  H N N 196 
LEU HG   H N N 197 
LEU HD11 H N N 198 
LEU HD12 H N N 199 
LEU HD13 H N N 200 
LEU HD21 H N N 201 
LEU HD22 H N N 202 
LEU HD23 H N N 203 
LEU HXT  H N N 204 
LYS N    N N N 205 
LYS CA   C N S 206 
LYS C    C N N 207 
LYS O    O N N 208 
LYS CB   C N N 209 
LYS CG   C N N 210 
LYS CD   C N N 211 
LYS CE   C N N 212 
LYS NZ   N N N 213 
LYS OXT  O N N 214 
LYS H    H N N 215 
LYS H2   H N N 216 
LYS HA   H N N 217 
LYS HB2  H N N 218 
LYS HB3  H N N 219 
LYS HG2  H N N 220 
LYS HG3  H N N 221 
LYS HD2  H N N 222 
LYS HD3  H N N 223 
LYS HE2  H N N 224 
LYS HE3  H N N 225 
LYS HZ1  H N N 226 
LYS HZ2  H N N 227 
LYS HZ3  H N N 228 
LYS HXT  H N N 229 
MET N    N N N 230 
MET CA   C N S 231 
MET C    C N N 232 
MET O    O N N 233 
MET CB   C N N 234 
MET CG   C N N 235 
MET SD   S N N 236 
MET CE   C N N 237 
MET OXT  O N N 238 
MET H    H N N 239 
MET H2   H N N 240 
MET HA   H N N 241 
MET HB2  H N N 242 
MET HB3  H N N 243 
MET HG2  H N N 244 
MET HG3  H N N 245 
MET HE1  H N N 246 
MET HE2  H N N 247 
MET HE3  H N N 248 
MET HXT  H N N 249 
NAG C1   C N R 250 
NAG C2   C N R 251 
NAG C3   C N R 252 
NAG C4   C N S 253 
NAG C5   C N R 254 
NAG C6   C N N 255 
NAG C7   C N N 256 
NAG C8   C N N 257 
NAG N2   N N N 258 
NAG O1   O N N 259 
NAG O3   O N N 260 
NAG O4   O N N 261 
NAG O5   O N N 262 
NAG O6   O N N 263 
NAG O7   O N N 264 
NAG H1   H N N 265 
NAG H2   H N N 266 
NAG H3   H N N 267 
NAG H4   H N N 268 
NAG H5   H N N 269 
NAG H61  H N N 270 
NAG H62  H N N 271 
NAG H81  H N N 272 
NAG H82  H N N 273 
NAG H83  H N N 274 
NAG HN2  H N N 275 
NAG HO1  H N N 276 
NAG HO3  H N N 277 
NAG HO4  H N N 278 
NAG HO6  H N N 279 
PHE N    N N N 280 
PHE CA   C N S 281 
PHE C    C N N 282 
PHE O    O N N 283 
PHE CB   C N N 284 
PHE CG   C Y N 285 
PHE CD1  C Y N 286 
PHE CD2  C Y N 287 
PHE CE1  C Y N 288 
PHE CE2  C Y N 289 
PHE CZ   C Y N 290 
PHE OXT  O N N 291 
PHE H    H N N 292 
PHE H2   H N N 293 
PHE HA   H N N 294 
PHE HB2  H N N 295 
PHE HB3  H N N 296 
PHE HD1  H N N 297 
PHE HD2  H N N 298 
PHE HE1  H N N 299 
PHE HE2  H N N 300 
PHE HZ   H N N 301 
PHE HXT  H N N 302 
PRO N    N N N 303 
PRO CA   C N S 304 
PRO C    C N N 305 
PRO O    O N N 306 
PRO CB   C N N 307 
PRO CG   C N N 308 
PRO CD   C N N 309 
PRO OXT  O N N 310 
PRO H    H N N 311 
PRO HA   H N N 312 
PRO HB2  H N N 313 
PRO HB3  H N N 314 
PRO HG2  H N N 315 
PRO HG3  H N N 316 
PRO HD2  H N N 317 
PRO HD3  H N N 318 
PRO HXT  H N N 319 
SER N    N N N 320 
SER CA   C N S 321 
SER C    C N N 322 
SER O    O N N 323 
SER CB   C N N 324 
SER OG   O N N 325 
SER OXT  O N N 326 
SER H    H N N 327 
SER H2   H N N 328 
SER HA   H N N 329 
SER HB2  H N N 330 
SER HB3  H N N 331 
SER HG   H N N 332 
SER HXT  H N N 333 
THR N    N N N 334 
THR CA   C N S 335 
THR C    C N N 336 
THR O    O N N 337 
THR CB   C N R 338 
THR OG1  O N N 339 
THR CG2  C N N 340 
THR OXT  O N N 341 
THR H    H N N 342 
THR H2   H N N 343 
THR HA   H N N 344 
THR HB   H N N 345 
THR HG1  H N N 346 
THR HG21 H N N 347 
THR HG22 H N N 348 
THR HG23 H N N 349 
THR HXT  H N N 350 
TRP N    N N N 351 
TRP CA   C N S 352 
TRP C    C N N 353 
TRP O    O N N 354 
TRP CB   C N N 355 
TRP CG   C Y N 356 
TRP CD1  C Y N 357 
TRP CD2  C Y N 358 
TRP NE1  N Y N 359 
TRP CE2  C Y N 360 
TRP CE3  C Y N 361 
TRP CZ2  C Y N 362 
TRP CZ3  C Y N 363 
TRP CH2  C Y N 364 
TRP OXT  O N N 365 
TRP H    H N N 366 
TRP H2   H N N 367 
TRP HA   H N N 368 
TRP HB2  H N N 369 
TRP HB3  H N N 370 
TRP HD1  H N N 371 
TRP HE1  H N N 372 
TRP HE3  H N N 373 
TRP HZ2  H N N 374 
TRP HZ3  H N N 375 
TRP HH2  H N N 376 
TRP HXT  H N N 377 
TYR N    N N N 378 
TYR CA   C N S 379 
TYR C    C N N 380 
TYR O    O N N 381 
TYR CB   C N N 382 
TYR CG   C Y N 383 
TYR CD1  C Y N 384 
TYR CD2  C Y N 385 
TYR CE1  C Y N 386 
TYR CE2  C Y N 387 
TYR CZ   C Y N 388 
TYR OH   O N N 389 
TYR OXT  O N N 390 
TYR H    H N N 391 
TYR H2   H N N 392 
TYR HA   H N N 393 
TYR HB2  H N N 394 
TYR HB3  H N N 395 
TYR HD1  H N N 396 
TYR HD2  H N N 397 
TYR HE1  H N N 398 
TYR HE2  H N N 399 
TYR HH   H N N 400 
TYR HXT  H N N 401 
VAL N    N N N 402 
VAL CA   C N S 403 
VAL C    C N N 404 
VAL O    O N N 405 
VAL CB   C N N 406 
VAL CG1  C N N 407 
VAL CG2  C N N 408 
VAL OXT  O N N 409 
VAL H    H N N 410 
VAL H2   H N N 411 
VAL HA   H N N 412 
VAL HB   H N N 413 
VAL HG11 H N N 414 
VAL HG12 H N N 415 
VAL HG13 H N N 416 
VAL HG21 H N N 417 
VAL HG22 H N N 418 
VAL HG23 H N N 419 
VAL HXT  H N N 420 
# 
loop_
_chem_comp_bond.comp_id 
_chem_comp_bond.atom_id_1 
_chem_comp_bond.atom_id_2 
_chem_comp_bond.value_order 
_chem_comp_bond.pdbx_aromatic_flag 
_chem_comp_bond.pdbx_stereo_config 
_chem_comp_bond.pdbx_ordinal 
ALA N   CA   sing N N 1   
ALA N   H    sing N N 2   
ALA N   H2   sing N N 3   
ALA CA  C    sing N N 4   
ALA CA  CB   sing N N 5   
ALA CA  HA   sing N N 6   
ALA C   O    doub N N 7   
ALA C   OXT  sing N N 8   
ALA CB  HB1  sing N N 9   
ALA CB  HB2  sing N N 10  
ALA CB  HB3  sing N N 11  
ALA OXT HXT  sing N N 12  
ARG N   CA   sing N N 13  
ARG N   H    sing N N 14  
ARG N   H2   sing N N 15  
ARG CA  C    sing N N 16  
ARG CA  CB   sing N N 17  
ARG CA  HA   sing N N 18  
ARG C   O    doub N N 19  
ARG C   OXT  sing N N 20  
ARG CB  CG   sing N N 21  
ARG CB  HB2  sing N N 22  
ARG CB  HB3  sing N N 23  
ARG CG  CD   sing N N 24  
ARG CG  HG2  sing N N 25  
ARG CG  HG3  sing N N 26  
ARG CD  NE   sing N N 27  
ARG CD  HD2  sing N N 28  
ARG CD  HD3  sing N N 29  
ARG NE  CZ   sing N N 30  
ARG NE  HE   sing N N 31  
ARG CZ  NH1  sing N N 32  
ARG CZ  NH2  doub N N 33  
ARG NH1 HH11 sing N N 34  
ARG NH1 HH12 sing N N 35  
ARG NH2 HH21 sing N N 36  
ARG NH2 HH22 sing N N 37  
ARG OXT HXT  sing N N 38  
ASN N   CA   sing N N 39  
ASN N   H    sing N N 40  
ASN N   H2   sing N N 41  
ASN CA  C    sing N N 42  
ASN CA  CB   sing N N 43  
ASN CA  HA   sing N N 44  
ASN C   O    doub N N 45  
ASN C   OXT  sing N N 46  
ASN CB  CG   sing N N 47  
ASN CB  HB2  sing N N 48  
ASN CB  HB3  sing N N 49  
ASN CG  OD1  doub N N 50  
ASN CG  ND2  sing N N 51  
ASN ND2 HD21 sing N N 52  
ASN ND2 HD22 sing N N 53  
ASN OXT HXT  sing N N 54  
ASP N   CA   sing N N 55  
ASP N   H    sing N N 56  
ASP N   H2   sing N N 57  
ASP CA  C    sing N N 58  
ASP CA  CB   sing N N 59  
ASP CA  HA   sing N N 60  
ASP C   O    doub N N 61  
ASP C   OXT  sing N N 62  
ASP CB  CG   sing N N 63  
ASP CB  HB2  sing N N 64  
ASP CB  HB3  sing N N 65  
ASP CG  OD1  doub N N 66  
ASP CG  OD2  sing N N 67  
ASP OD2 HD2  sing N N 68  
ASP OXT HXT  sing N N 69  
CYS N   CA   sing N N 70  
CYS N   H    sing N N 71  
CYS N   H2   sing N N 72  
CYS CA  C    sing N N 73  
CYS CA  CB   sing N N 74  
CYS CA  HA   sing N N 75  
CYS C   O    doub N N 76  
CYS C   OXT  sing N N 77  
CYS CB  SG   sing N N 78  
CYS CB  HB2  sing N N 79  
CYS CB  HB3  sing N N 80  
CYS SG  HG   sing N N 81  
CYS OXT HXT  sing N N 82  
GLN N   CA   sing N N 83  
GLN N   H    sing N N 84  
GLN N   H2   sing N N 85  
GLN CA  C    sing N N 86  
GLN CA  CB   sing N N 87  
GLN CA  HA   sing N N 88  
GLN C   O    doub N N 89  
GLN C   OXT  sing N N 90  
GLN CB  CG   sing N N 91  
GLN CB  HB2  sing N N 92  
GLN CB  HB3  sing N N 93  
GLN CG  CD   sing N N 94  
GLN CG  HG2  sing N N 95  
GLN CG  HG3  sing N N 96  
GLN CD  OE1  doub N N 97  
GLN CD  NE2  sing N N 98  
GLN NE2 HE21 sing N N 99  
GLN NE2 HE22 sing N N 100 
GLN OXT HXT  sing N N 101 
GLU N   CA   sing N N 102 
GLU N   H    sing N N 103 
GLU N   H2   sing N N 104 
GLU CA  C    sing N N 105 
GLU CA  CB   sing N N 106 
GLU CA  HA   sing N N 107 
GLU C   O    doub N N 108 
GLU C   OXT  sing N N 109 
GLU CB  CG   sing N N 110 
GLU CB  HB2  sing N N 111 
GLU CB  HB3  sing N N 112 
GLU CG  CD   sing N N 113 
GLU CG  HG2  sing N N 114 
GLU CG  HG3  sing N N 115 
GLU CD  OE1  doub N N 116 
GLU CD  OE2  sing N N 117 
GLU OE2 HE2  sing N N 118 
GLU OXT HXT  sing N N 119 
GLY N   CA   sing N N 120 
GLY N   H    sing N N 121 
GLY N   H2   sing N N 122 
GLY CA  C    sing N N 123 
GLY CA  HA2  sing N N 124 
GLY CA  HA3  sing N N 125 
GLY C   O    doub N N 126 
GLY C   OXT  sing N N 127 
GLY OXT HXT  sing N N 128 
HIS N   CA   sing N N 129 
HIS N   H    sing N N 130 
HIS N   H2   sing N N 131 
HIS CA  C    sing N N 132 
HIS CA  CB   sing N N 133 
HIS CA  HA   sing N N 134 
HIS C   O    doub N N 135 
HIS C   OXT  sing N N 136 
HIS CB  CG   sing N N 137 
HIS CB  HB2  sing N N 138 
HIS CB  HB3  sing N N 139 
HIS CG  ND1  sing Y N 140 
HIS CG  CD2  doub Y N 141 
HIS ND1 CE1  doub Y N 142 
HIS ND1 HD1  sing N N 143 
HIS CD2 NE2  sing Y N 144 
HIS CD2 HD2  sing N N 145 
HIS CE1 NE2  sing Y N 146 
HIS CE1 HE1  sing N N 147 
HIS NE2 HE2  sing N N 148 
HIS OXT HXT  sing N N 149 
HOH O   H1   sing N N 150 
HOH O   H2   sing N N 151 
ILE N   CA   sing N N 152 
ILE N   H    sing N N 153 
ILE N   H2   sing N N 154 
ILE CA  C    sing N N 155 
ILE CA  CB   sing N N 156 
ILE CA  HA   sing N N 157 
ILE C   O    doub N N 158 
ILE C   OXT  sing N N 159 
ILE CB  CG1  sing N N 160 
ILE CB  CG2  sing N N 161 
ILE CB  HB   sing N N 162 
ILE CG1 CD1  sing N N 163 
ILE CG1 HG12 sing N N 164 
ILE CG1 HG13 sing N N 165 
ILE CG2 HG21 sing N N 166 
ILE CG2 HG22 sing N N 167 
ILE CG2 HG23 sing N N 168 
ILE CD1 HD11 sing N N 169 
ILE CD1 HD12 sing N N 170 
ILE CD1 HD13 sing N N 171 
ILE OXT HXT  sing N N 172 
LEU N   CA   sing N N 173 
LEU N   H    sing N N 174 
LEU N   H2   sing N N 175 
LEU CA  C    sing N N 176 
LEU CA  CB   sing N N 177 
LEU CA  HA   sing N N 178 
LEU C   O    doub N N 179 
LEU C   OXT  sing N N 180 
LEU CB  CG   sing N N 181 
LEU CB  HB2  sing N N 182 
LEU CB  HB3  sing N N 183 
LEU CG  CD1  sing N N 184 
LEU CG  CD2  sing N N 185 
LEU CG  HG   sing N N 186 
LEU CD1 HD11 sing N N 187 
LEU CD1 HD12 sing N N 188 
LEU CD1 HD13 sing N N 189 
LEU CD2 HD21 sing N N 190 
LEU CD2 HD22 sing N N 191 
LEU CD2 HD23 sing N N 192 
LEU OXT HXT  sing N N 193 
LYS N   CA   sing N N 194 
LYS N   H    sing N N 195 
LYS N   H2   sing N N 196 
LYS CA  C    sing N N 197 
LYS CA  CB   sing N N 198 
LYS CA  HA   sing N N 199 
LYS C   O    doub N N 200 
LYS C   OXT  sing N N 201 
LYS CB  CG   sing N N 202 
LYS CB  HB2  sing N N 203 
LYS CB  HB3  sing N N 204 
LYS CG  CD   sing N N 205 
LYS CG  HG2  sing N N 206 
LYS CG  HG3  sing N N 207 
LYS CD  CE   sing N N 208 
LYS CD  HD2  sing N N 209 
LYS CD  HD3  sing N N 210 
LYS CE  NZ   sing N N 211 
LYS CE  HE2  sing N N 212 
LYS CE  HE3  sing N N 213 
LYS NZ  HZ1  sing N N 214 
LYS NZ  HZ2  sing N N 215 
LYS NZ  HZ3  sing N N 216 
LYS OXT HXT  sing N N 217 
MET N   CA   sing N N 218 
MET N   H    sing N N 219 
MET N   H2   sing N N 220 
MET CA  C    sing N N 221 
MET CA  CB   sing N N 222 
MET CA  HA   sing N N 223 
MET C   O    doub N N 224 
MET C   OXT  sing N N 225 
MET CB  CG   sing N N 226 
MET CB  HB2  sing N N 227 
MET CB  HB3  sing N N 228 
MET CG  SD   sing N N 229 
MET CG  HG2  sing N N 230 
MET CG  HG3  sing N N 231 
MET SD  CE   sing N N 232 
MET CE  HE1  sing N N 233 
MET CE  HE2  sing N N 234 
MET CE  HE3  sing N N 235 
MET OXT HXT  sing N N 236 
NAG C1  C2   sing N N 237 
NAG C1  O1   sing N N 238 
NAG C1  O5   sing N N 239 
NAG C1  H1   sing N N 240 
NAG C2  C3   sing N N 241 
NAG C2  N2   sing N N 242 
NAG C2  H2   sing N N 243 
NAG C3  C4   sing N N 244 
NAG C3  O3   sing N N 245 
NAG C3  H3   sing N N 246 
NAG C4  C5   sing N N 247 
NAG C4  O4   sing N N 248 
NAG C4  H4   sing N N 249 
NAG C5  C6   sing N N 250 
NAG C5  O5   sing N N 251 
NAG C5  H5   sing N N 252 
NAG C6  O6   sing N N 253 
NAG C6  H61  sing N N 254 
NAG C6  H62  sing N N 255 
NAG C7  C8   sing N N 256 
NAG C7  N2   sing N N 257 
NAG C7  O7   doub N N 258 
NAG C8  H81  sing N N 259 
NAG C8  H82  sing N N 260 
NAG C8  H83  sing N N 261 
NAG N2  HN2  sing N N 262 
NAG O1  HO1  sing N N 263 
NAG O3  HO3  sing N N 264 
NAG O4  HO4  sing N N 265 
NAG O6  HO6  sing N N 266 
PHE N   CA   sing N N 267 
PHE N   H    sing N N 268 
PHE N   H2   sing N N 269 
PHE CA  C    sing N N 270 
PHE CA  CB   sing N N 271 
PHE CA  HA   sing N N 272 
PHE C   O    doub N N 273 
PHE C   OXT  sing N N 274 
PHE CB  CG   sing N N 275 
PHE CB  HB2  sing N N 276 
PHE CB  HB3  sing N N 277 
PHE CG  CD1  doub Y N 278 
PHE CG  CD2  sing Y N 279 
PHE CD1 CE1  sing Y N 280 
PHE CD1 HD1  sing N N 281 
PHE CD2 CE2  doub Y N 282 
PHE CD2 HD2  sing N N 283 
PHE CE1 CZ   doub Y N 284 
PHE CE1 HE1  sing N N 285 
PHE CE2 CZ   sing Y N 286 
PHE CE2 HE2  sing N N 287 
PHE CZ  HZ   sing N N 288 
PHE OXT HXT  sing N N 289 
PRO N   CA   sing N N 290 
PRO N   CD   sing N N 291 
PRO N   H    sing N N 292 
PRO CA  C    sing N N 293 
PRO CA  CB   sing N N 294 
PRO CA  HA   sing N N 295 
PRO C   O    doub N N 296 
PRO C   OXT  sing N N 297 
PRO CB  CG   sing N N 298 
PRO CB  HB2  sing N N 299 
PRO CB  HB3  sing N N 300 
PRO CG  CD   sing N N 301 
PRO CG  HG2  sing N N 302 
PRO CG  HG3  sing N N 303 
PRO CD  HD2  sing N N 304 
PRO CD  HD3  sing N N 305 
PRO OXT HXT  sing N N 306 
SER N   CA   sing N N 307 
SER N   H    sing N N 308 
SER N   H2   sing N N 309 
SER CA  C    sing N N 310 
SER CA  CB   sing N N 311 
SER CA  HA   sing N N 312 
SER C   O    doub N N 313 
SER C   OXT  sing N N 314 
SER CB  OG   sing N N 315 
SER CB  HB2  sing N N 316 
SER CB  HB3  sing N N 317 
SER OG  HG   sing N N 318 
SER OXT HXT  sing N N 319 
THR N   CA   sing N N 320 
THR N   H    sing N N 321 
THR N   H2   sing N N 322 
THR CA  C    sing N N 323 
THR CA  CB   sing N N 324 
THR CA  HA   sing N N 325 
THR C   O    doub N N 326 
THR C   OXT  sing N N 327 
THR CB  OG1  sing N N 328 
THR CB  CG2  sing N N 329 
THR CB  HB   sing N N 330 
THR OG1 HG1  sing N N 331 
THR CG2 HG21 sing N N 332 
THR CG2 HG22 sing N N 333 
THR CG2 HG23 sing N N 334 
THR OXT HXT  sing N N 335 
TRP N   CA   sing N N 336 
TRP N   H    sing N N 337 
TRP N   H2   sing N N 338 
TRP CA  C    sing N N 339 
TRP CA  CB   sing N N 340 
TRP CA  HA   sing N N 341 
TRP C   O    doub N N 342 
TRP C   OXT  sing N N 343 
TRP CB  CG   sing N N 344 
TRP CB  HB2  sing N N 345 
TRP CB  HB3  sing N N 346 
TRP CG  CD1  doub Y N 347 
TRP CG  CD2  sing Y N 348 
TRP CD1 NE1  sing Y N 349 
TRP CD1 HD1  sing N N 350 
TRP CD2 CE2  doub Y N 351 
TRP CD2 CE3  sing Y N 352 
TRP NE1 CE2  sing Y N 353 
TRP NE1 HE1  sing N N 354 
TRP CE2 CZ2  sing Y N 355 
TRP CE3 CZ3  doub Y N 356 
TRP CE3 HE3  sing N N 357 
TRP CZ2 CH2  doub Y N 358 
TRP CZ2 HZ2  sing N N 359 
TRP CZ3 CH2  sing Y N 360 
TRP CZ3 HZ3  sing N N 361 
TRP CH2 HH2  sing N N 362 
TRP OXT HXT  sing N N 363 
TYR N   CA   sing N N 364 
TYR N   H    sing N N 365 
TYR N   H2   sing N N 366 
TYR CA  C    sing N N 367 
TYR CA  CB   sing N N 368 
TYR CA  HA   sing N N 369 
TYR C   O    doub N N 370 
TYR C   OXT  sing N N 371 
TYR CB  CG   sing N N 372 
TYR CB  HB2  sing N N 373 
TYR CB  HB3  sing N N 374 
TYR CG  CD1  doub Y N 375 
TYR CG  CD2  sing Y N 376 
TYR CD1 CE1  sing Y N 377 
TYR CD1 HD1  sing N N 378 
TYR CD2 CE2  doub Y N 379 
TYR CD2 HD2  sing N N 380 
TYR CE1 CZ   doub Y N 381 
TYR CE1 HE1  sing N N 382 
TYR CE2 CZ   sing Y N 383 
TYR CE2 HE2  sing N N 384 
TYR CZ  OH   sing N N 385 
TYR OH  HH   sing N N 386 
TYR OXT HXT  sing N N 387 
VAL N   CA   sing N N 388 
VAL N   H    sing N N 389 
VAL N   H2   sing N N 390 
VAL CA  C    sing N N 391 
VAL CA  CB   sing N N 392 
VAL CA  HA   sing N N 393 
VAL C   O    doub N N 394 
VAL C   OXT  sing N N 395 
VAL CB  CG1  sing N N 396 
VAL CB  CG2  sing N N 397 
VAL CB  HB   sing N N 398 
VAL CG1 HG11 sing N N 399 
VAL CG1 HG12 sing N N 400 
VAL CG1 HG13 sing N N 401 
VAL CG2 HG21 sing N N 402 
VAL CG2 HG22 sing N N 403 
VAL CG2 HG23 sing N N 404 
VAL OXT HXT  sing N N 405 
# 
_atom_sites.entry_id                    2WV3 
_atom_sites.fract_transf_matrix[1][1]   -0.00302919 
_atom_sites.fract_transf_matrix[1][2]   -0.00975899 
_atom_sites.fract_transf_matrix[1][3]   0.01747933 
_atom_sites.fract_transf_matrix[2][1]   0.00363281 
_atom_sites.fract_transf_matrix[2][2]   0.01001141 
_atom_sites.fract_transf_matrix[2][3]   0.00621910 
_atom_sites.fract_transf_matrix[3][1]   -0.00686272 
_atom_sites.fract_transf_matrix[3][2]   0.00239753 
_atom_sites.fract_transf_matrix[3][3]   0.00014926 
_atom_sites.fract_transf_vector[1]      0.240038 
_atom_sites.fract_transf_vector[2]      0.237387 
_atom_sites.fract_transf_vector[3]      0.210031 
# 
loop_
_atom_type.symbol 
C 
N 
O 
S 
# 
loop_
_atom_site.group_PDB 
_atom_site.id 
_atom_site.type_symbol 
_atom_site.label_atom_id 
_atom_site.label_alt_id 
_atom_site.label_comp_id 
_atom_site.label_asym_id 
_atom_site.label_entity_id 
_atom_site.label_seq_id 
_atom_site.pdbx_PDB_ins_code 
_atom_site.Cartn_x 
_atom_site.Cartn_y 
_atom_site.Cartn_z 
_atom_site.occupancy 
_atom_site.B_iso_or_equiv 
_atom_site.pdbx_formal_charge 
_atom_site.auth_seq_id 
_atom_site.auth_comp_id 
_atom_site.auth_asym_id 
_atom_site.auth_atom_id 
_atom_site.pdbx_PDB_model_num 
ATOM   1    N N   . GLU A 1 3   ? 33.932  -6.642  -5.791  1.00 73.38  ? 3    GLU A N   1 
ATOM   2    C CA  . GLU A 1 3   ? 32.594  -6.153  -6.103  1.00 115.35 ? 3    GLU A CA  1 
ATOM   3    C C   . GLU A 1 3   ? 31.681  -7.313  -6.484  1.00 57.79  ? 3    GLU A C   1 
ATOM   4    O O   . GLU A 1 3   ? 31.761  -7.828  -7.598  1.00 82.18  ? 3    GLU A O   1 
ATOM   5    C CB  . GLU A 1 3   ? 32.653  -5.130  -7.238  1.00 130.98 ? 3    GLU A CB  1 
ATOM   6    C CG  . GLU A 1 3   ? 31.406  -4.271  -7.375  1.00 64.43  ? 3    GLU A CG  1 
ATOM   7    C CD  . GLU A 1 3   ? 31.668  -2.998  -8.158  1.00 123.86 ? 3    GLU A CD  1 
ATOM   8    O OE1 . GLU A 1 3   ? 32.482  -3.037  -9.105  1.00 116.99 ? 3    GLU A OE1 1 
ATOM   9    O OE2 . GLU A 1 3   ? 31.065  -1.956  -7.824  1.00 146.83 ? 3    GLU A OE2 1 
ATOM   10   N N   . PRO A 1 4   ? 30.799  -7.721  -5.560  1.00 57.73  ? 4    PRO A N   1 
ATOM   11   C CA  . PRO A 1 4   ? 30.009  -8.934  -5.775  1.00 42.23  ? 4    PRO A CA  1 
ATOM   12   C C   . PRO A 1 4   ? 28.930  -8.703  -6.822  1.00 67.82  ? 4    PRO A C   1 
ATOM   13   O O   . PRO A 1 4   ? 28.611  -7.557  -7.136  1.00 58.22  ? 4    PRO A O   1 
ATOM   14   C CB  . PRO A 1 4   ? 29.365  -9.190  -4.406  1.00 41.85  ? 4    PRO A CB  1 
ATOM   15   C CG  . PRO A 1 4   ? 29.789  -8.052  -3.511  1.00 46.48  ? 4    PRO A CG  1 
ATOM   16   C CD  . PRO A 1 4   ? 30.341  -6.974  -4.380  1.00 65.97  ? 4    PRO A CD  1 
ATOM   17   N N   . ARG A 1 5   ? 28.375  -9.782  -7.357  1.00 37.92  ? 5    ARG A N   1 
ATOM   18   C CA  . ARG A 1 5   ? 27.324  -9.669  -8.354  1.00 65.85  ? 5    ARG A CA  1 
ATOM   19   C C   . ARG A 1 5   ? 26.113  -10.484 -7.941  1.00 52.40  ? 5    ARG A C   1 
ATOM   20   O O   . ARG A 1 5   ? 26.256  -11.624 -7.505  1.00 35.10  ? 5    ARG A O   1 
ATOM   21   C CB  . ARG A 1 5   ? 27.813  -10.138 -9.722  1.00 40.44  ? 5    ARG A CB  1 
ATOM   22   C CG  . ARG A 1 5   ? 26.716  -10.136 -10.768 1.00 64.67  ? 5    ARG A CG  1 
ATOM   23   C CD  . ARG A 1 5   ? 27.262  -10.215 -12.175 1.00 96.84  ? 5    ARG A CD  1 
ATOM   24   N NE  . ARG A 1 5   ? 26.217  -9.926  -13.152 1.00 68.78  ? 5    ARG A NE  1 
ATOM   25   C CZ  . ARG A 1 5   ? 25.456  -10.850 -13.731 1.00 97.49  ? 5    ARG A CZ  1 
ATOM   26   N NH1 . ARG A 1 5   ? 25.624  -12.133 -13.437 1.00 61.08  ? 5    ARG A NH1 1 
ATOM   27   N NH2 . ARG A 1 5   ? 24.528  -10.487 -14.610 1.00 56.15  ? 5    ARG A NH2 1 
ATOM   28   N N   . ILE A 1 6   ? 24.931  -9.891  -8.079  1.00 37.18  ? 6    ILE A N   1 
ATOM   29   C CA  . ILE A 1 6   ? 23.672  -10.561 -7.756  1.00 46.42  ? 6    ILE A CA  1 
ATOM   30   C C   . ILE A 1 6   ? 22.660  -10.415 -8.888  1.00 37.74  ? 6    ILE A C   1 
ATOM   31   O O   . ILE A 1 6   ? 22.394  -9.307  -9.345  1.00 45.63  ? 6    ILE A O   1 
ATOM   32   C CB  . ILE A 1 6   ? 23.020  -9.967  -6.489  1.00 50.95  ? 6    ILE A CB  1 
ATOM   33   C CG1 . ILE A 1 6   ? 24.036  -9.878  -5.351  1.00 49.25  ? 6    ILE A CG1 1 
ATOM   34   C CG2 . ILE A 1 6   ? 21.806  -10.792 -6.083  1.00 35.39  ? 6    ILE A CG2 1 
ATOM   35   C CD1 . ILE A 1 6   ? 23.583  -9.016  -4.192  1.00 31.66  ? 6    ILE A CD1 1 
ATOM   36   N N   . VAL A 1 7   ? 22.097  -11.535 -9.337  1.00 34.47  ? 7    VAL A N   1 
ATOM   37   C CA  . VAL A 1 7   ? 21.006  -11.503 -10.305 1.00 43.10  ? 7    VAL A CA  1 
ATOM   38   C C   . VAL A 1 7   ? 19.697  -11.874 -9.613  1.00 39.49  ? 7    VAL A C   1 
ATOM   39   O O   . VAL A 1 7   ? 19.678  -12.720 -8.725  1.00 36.26  ? 7    VAL A O   1 
ATOM   40   C CB  . VAL A 1 7   ? 21.266  -12.447 -11.486 1.00 39.97  ? 7    VAL A CB  1 
ATOM   41   C CG1 . VAL A 1 7   ? 22.658  -12.206 -12.042 1.00 37.91  ? 7    VAL A CG1 1 
ATOM   42   C CG2 . VAL A 1 7   ? 21.111  -13.898 -11.062 1.00 43.82  ? 7    VAL A CG2 1 
ATOM   43   N N   . THR A 1 8   ? 18.603  -11.238 -10.017 1.00 39.98  ? 8    THR A N   1 
ATOM   44   C CA  . THR A 1 8   ? 17.316  -11.466 -9.367  1.00 33.37  ? 8    THR A CA  1 
ATOM   45   C C   . THR A 1 8   ? 16.272  -11.983 -10.348 1.00 36.66  ? 8    THR A C   1 
ATOM   46   O O   . THR A 1 8   ? 16.468  -11.923 -11.560 1.00 35.16  ? 8    THR A O   1 
ATOM   47   C CB  . THR A 1 8   ? 16.777  -10.168 -8.733  1.00 46.08  ? 8    THR A CB  1 
ATOM   48   O OG1 . THR A 1 8   ? 16.264  -9.311  -9.759  1.00 42.52  ? 8    THR A OG1 1 
ATOM   49   C CG2 . THR A 1 8   ? 17.880  -9.443  -7.983  1.00 37.36  ? 8    THR A CG2 1 
ATOM   50   N N   . SER A 1 9   ? 15.168  -12.507 -9.825  1.00 35.59  ? 9    SER A N   1 
ATOM   51   C CA  . SER A 1 9   ? 14.024  -12.805 -10.674 1.00 28.01  ? 9    SER A CA  1 
ATOM   52   C C   . SER A 1 9   ? 13.352  -11.483 -11.048 1.00 32.32  ? 9    SER A C   1 
ATOM   53   O O   . SER A 1 9   ? 13.791  -10.410 -10.615 1.00 27.01  ? 9    SER A O   1 
ATOM   54   C CB  . SER A 1 9   ? 13.055  -13.762 -9.987  1.00 35.16  ? 9    SER A CB  1 
ATOM   55   O OG  . SER A 1 9   ? 12.803  -13.379 -8.649  1.00 29.99  ? 9    SER A OG  1 
ATOM   56   N N   . GLU A 1 10  ? 12.300  -11.545 -11.858 1.00 33.88  ? 10   GLU A N   1 
ATOM   57   C CA  . GLU A 1 10  ? 11.715  -10.323 -12.398 1.00 34.81  ? 10   GLU A CA  1 
ATOM   58   C C   . GLU A 1 10  ? 10.675  -9.703  -11.462 1.00 26.69  ? 10   GLU A C   1 
ATOM   59   O O   . GLU A 1 10  ? 10.194  -10.345 -10.530 1.00 32.77  ? 10   GLU A O   1 
ATOM   60   C CB  . GLU A 1 10  ? 11.111  -10.576 -13.791 1.00 57.84  ? 10   GLU A CB  1 
ATOM   61   C CG  . GLU A 1 10  ? 12.097  -11.143 -14.832 1.00 51.79  ? 10   GLU A CG  1 
ATOM   62   C CD  . GLU A 1 10  ? 13.254  -10.200 -15.145 1.00 123.60 ? 10   GLU A CD  1 
ATOM   63   O OE1 . GLU A 1 10  ? 13.101  -8.977  -14.945 1.00 78.29  ? 10   GLU A OE1 1 
ATOM   64   O OE2 . GLU A 1 10  ? 14.318  -10.685 -15.599 1.00 69.27  ? 10   GLU A OE2 1 
ATOM   65   N N   . GLU A 1 11  ? 10.338  -8.445  -11.723 1.00 36.82  ? 11   GLU A N   1 
ATOM   66   C CA  . GLU A 1 11  ? 9.272   -7.766  -10.999 1.00 32.94  ? 11   GLU A CA  1 
ATOM   67   C C   . GLU A 1 11  ? 8.016   -8.623  -10.950 1.00 33.91  ? 11   GLU A C   1 
ATOM   68   O O   . GLU A 1 11  ? 7.607   -9.197  -11.958 1.00 35.28  ? 11   GLU A O   1 
ATOM   69   C CB  . GLU A 1 11  ? 8.953   -6.440  -11.685 1.00 45.01  ? 11   GLU A CB  1 
ATOM   70   C CG  . GLU A 1 11  ? 7.702   -5.767  -11.178 1.00 43.95  ? 11   GLU A CG  1 
ATOM   71   C CD  . GLU A 1 11  ? 7.262   -4.639  -12.079 1.00 41.61  ? 11   GLU A CD  1 
ATOM   72   O OE1 . GLU A 1 11  ? 6.306   -4.843  -12.853 1.00 59.19  ? 11   GLU A OE1 1 
ATOM   73   O OE2 . GLU A 1 11  ? 7.887   -3.561  -12.031 1.00 41.18  ? 11   GLU A OE2 1 
ATOM   74   N N   . VAL A 1 12  ? 7.408   -8.705  -9.774  1.00 34.02  ? 12   VAL A N   1 
ATOM   75   C CA  . VAL A 1 12  ? 6.211   -9.509  -9.584  1.00 24.76  ? 12   VAL A CA  1 
ATOM   76   C C   . VAL A 1 12  ? 4.955   -8.636  -9.507  1.00 31.50  ? 12   VAL A C   1 
ATOM   77   O O   . VAL A 1 12  ? 4.918   -7.666  -8.758  1.00 31.05  ? 12   VAL A O   1 
ATOM   78   C CB  . VAL A 1 12  ? 6.286   -10.313 -8.262  1.00 30.73  ? 12   VAL A CB  1 
ATOM   79   C CG1 . VAL A 1 12  ? 4.977   -11.048 -8.011  1.00 37.37  ? 12   VAL A CG1 1 
ATOM   80   C CG2 . VAL A 1 12  ? 7.464   -11.290 -8.279  1.00 35.09  ? 12   VAL A CG2 1 
ATOM   81   N N   . ILE A 1 13  ? 3.934   -8.975  -10.286 1.00 39.19  ? 13   ILE A N   1 
ATOM   82   C CA  A ILE A 1 13  ? 2.634   -8.333  -10.135 0.64 36.88  ? 13   ILE A CA  1 
ATOM   83   C CA  B ILE A 1 13  ? 2.630   -8.332  -10.147 0.36 36.88  ? 13   ILE A CA  1 
ATOM   84   C C   . ILE A 1 13  ? 1.620   -9.334  -9.603  1.00 45.33  ? 13   ILE A C   1 
ATOM   85   O O   . ILE A 1 13  ? 1.284   -10.310 -10.273 1.00 33.04  ? 13   ILE A O   1 
ATOM   86   C CB  A ILE A 1 13  ? 2.128   -7.713  -11.457 0.64 39.95  ? 13   ILE A CB  1 
ATOM   87   C CB  B ILE A 1 13  ? 2.108   -7.751  -11.482 0.36 39.79  ? 13   ILE A CB  1 
ATOM   88   C CG1 A ILE A 1 13  ? 3.066   -6.591  -11.906 0.64 29.85  ? 13   ILE A CG1 1 
ATOM   89   C CG1 B ILE A 1 13  ? 2.565   -6.302  -11.664 0.36 36.50  ? 13   ILE A CG1 1 
ATOM   90   C CG2 A ILE A 1 13  ? 0.707   -7.182  -11.291 0.64 29.59  ? 13   ILE A CG2 1 
ATOM   91   C CG2 B ILE A 1 13  ? 0.592   -7.761  -11.502 0.36 35.62  ? 13   ILE A CG2 1 
ATOM   92   C CD1 A ILE A 1 13  ? 2.616   -5.881  -13.159 0.64 50.29  ? 13   ILE A CD1 1 
ATOM   93   C CD1 B ILE A 1 13  ? 4.016   -6.059  -11.362 0.36 18.49  ? 13   ILE A CD1 1 
ATOM   94   N N   . ILE A 1 14  ? 1.149   -9.094  -8.382  1.00 26.62  ? 14   ILE A N   1 
ATOM   95   C CA  . ILE A 1 14  ? 0.149   -9.953  -7.764  1.00 28.23  ? 14   ILE A CA  1 
ATOM   96   C C   . ILE A 1 14  ? -1.237  -9.681  -8.341  1.00 48.27  ? 14   ILE A C   1 
ATOM   97   O O   . ILE A 1 14  ? -1.714  -8.541  -8.322  1.00 39.20  ? 14   ILE A O   1 
ATOM   98   C CB  . ILE A 1 14  ? 0.104   -9.761  -6.234  1.00 28.04  ? 14   ILE A CB  1 
ATOM   99   C CG1 . ILE A 1 14  ? 1.433   -10.179 -5.601  1.00 31.20  ? 14   ILE A CG1 1 
ATOM   100  C CG2 . ILE A 1 14  ? -1.040  -10.561 -5.629  1.00 26.73  ? 14   ILE A CG2 1 
ATOM   101  C CD1 . ILE A 1 14  ? 1.524   -9.865  -4.124  1.00 28.26  ? 14   ILE A CD1 1 
ATOM   102  N N   . ARG A 1 15  ? -1.884  -10.722 -8.855  1.00 39.97  ? 15   ARG A N   1 
ATOM   103  C CA  . ARG A 1 15  ? -3.223  -10.564 -9.439  1.00 51.85  ? 15   ARG A CA  1 
ATOM   104  C C   . ARG A 1 15  ? -4.324  -11.218 -8.600  1.00 42.29  ? 15   ARG A C   1 
ATOM   105  O O   . ARG A 1 15  ? -5.459  -10.745 -8.582  1.00 61.95  ? 15   ARG A O   1 
ATOM   106  C CB  . ARG A 1 15  ? -3.263  -11.087 -10.877 1.00 44.60  ? 15   ARG A CB  1 
ATOM   107  C CG  . ARG A 1 15  ? -2.427  -10.271 -11.862 1.00 74.59  ? 15   ARG A CG  1 
ATOM   108  C CD  . ARG A 1 15  ? -2.974  -8.861  -12.040 1.00 64.07  ? 15   ARG A CD  1 
ATOM   109  N NE  . ARG A 1 15  ? -2.135  -8.051  -12.920 1.00 68.55  ? 15   ARG A NE  1 
ATOM   110  C CZ  . ARG A 1 15  ? -2.396  -6.789  -13.252 1.00 45.33  ? 15   ARG A CZ  1 
ATOM   111  N NH1 . ARG A 1 15  ? -3.482  -6.187  -12.777 1.00 63.22  ? 15   ARG A NH1 1 
ATOM   112  N NH2 . ARG A 1 15  ? -1.571  -6.123  -14.054 1.00 49.03  ? 15   ARG A NH2 1 
ATOM   113  N N   . ASP A 1 16  ? -3.988  -12.307 -7.916  1.00 42.19  ? 16   ASP A N   1 
ATOM   114  C CA  . ASP A 1 16  ? -4.910  -12.929 -6.967  1.00 43.77  ? 16   ASP A CA  1 
ATOM   115  C C   . ASP A 1 16  ? -4.124  -13.740 -5.943  1.00 42.89  ? 16   ASP A C   1 
ATOM   116  O O   . ASP A 1 16  ? -2.893  -13.760 -5.972  1.00 32.80  ? 16   ASP A O   1 
ATOM   117  C CB  . ASP A 1 16  ? -5.946  -13.797 -7.684  1.00 56.27  ? 16   ASP A CB  1 
ATOM   118  C CG  . ASP A 1 16  ? -5.317  -14.937 -8.453  1.00 55.84  ? 16   ASP A CG  1 
ATOM   119  O OD1 . ASP A 1 16  ? -4.653  -15.785 -7.821  1.00 54.79  ? 16   ASP A OD1 1 
ATOM   120  O OD2 . ASP A 1 16  ? -5.493  -14.986 -9.689  1.00 76.91  ? 16   ASP A OD2 1 
ATOM   121  N N   . SER A 1 17  ? -4.821  -14.409 -5.033  1.00 32.27  ? 17   SER A N   1 
ATOM   122  C CA  . SER A 1 17  ? -4.123  -15.081 -3.942  1.00 34.96  ? 17   SER A CA  1 
ATOM   123  C C   . SER A 1 17  ? -3.967  -16.595 -4.093  1.00 38.56  ? 17   SER A C   1 
ATOM   124  O O   . SER A 1 17  ? -3.511  -17.255 -3.162  1.00 43.52  ? 17   SER A O   1 
ATOM   125  C CB  . SER A 1 17  ? -4.795  -14.767 -2.605  1.00 38.84  ? 17   SER A CB  1 
ATOM   126  O OG  . SER A 1 17  ? -6.179  -15.056 -2.668  1.00 70.71  ? 17   SER A OG  1 
ATOM   127  N N   . LEU A 1 18  ? -4.335  -17.153 -5.246  1.00 42.78  ? 18   LEU A N   1 
ATOM   128  C CA  . LEU A 1 18  ? -4.254  -18.609 -5.406  1.00 34.80  ? 18   LEU A CA  1 
ATOM   129  C C   . LEU A 1 18  ? -2.814  -19.093 -5.455  1.00 38.74  ? 18   LEU A C   1 
ATOM   130  O O   . LEU A 1 18  ? -2.348  -19.801 -4.550  1.00 38.07  ? 18   LEU A O   1 
ATOM   131  C CB  . LEU A 1 18  ? -4.995  -19.090 -6.657  1.00 54.93  ? 18   LEU A CB  1 
ATOM   132  C CG  . LEU A 1 18  ? -4.909  -20.608 -6.885  1.00 40.73  ? 18   LEU A CG  1 
ATOM   133  C CD1 . LEU A 1 18  ? -5.725  -21.368 -5.836  1.00 48.82  ? 18   LEU A CD1 1 
ATOM   134  C CD2 . LEU A 1 18  ? -5.353  -21.009 -8.293  1.00 50.36  ? 18   LEU A CD2 1 
ATOM   135  N N   . LEU A 1 19  ? -2.114  -18.713 -6.522  1.00 31.53  ? 19   LEU A N   1 
ATOM   136  C CA  . LEU A 1 19  ? -0.782  -19.240 -6.788  1.00 33.20  ? 19   LEU A CA  1 
ATOM   137  C C   . LEU A 1 19  ? 0.299   -18.546 -5.975  1.00 32.63  ? 19   LEU A C   1 
ATOM   138  O O   . LEU A 1 19  ? 0.296   -17.323 -5.841  1.00 31.75  ? 19   LEU A O   1 
ATOM   139  C CB  . LEU A 1 19  ? -0.456  -19.137 -8.280  1.00 38.87  ? 19   LEU A CB  1 
ATOM   140  C CG  . LEU A 1 19  ? -1.406  -19.913 -9.200  1.00 34.41  ? 19   LEU A CG  1 
ATOM   141  C CD1 . LEU A 1 19  ? -0.893  -19.896 -10.620 1.00 38.50  ? 19   LEU A CD1 1 
ATOM   142  C CD2 . LEU A 1 19  ? -1.563  -21.345 -8.699  1.00 28.48  ? 19   LEU A CD2 1 
ATOM   143  N N   . PRO A 1 20  ? 1.229   -19.333 -5.427  1.00 29.08  ? 20   PRO A N   1 
ATOM   144  C CA  . PRO A 1 20  ? 2.366   -18.756 -4.707  1.00 25.66  ? 20   PRO A CA  1 
ATOM   145  C C   . PRO A 1 20  ? 3.235   -17.986 -5.683  1.00 35.35  ? 20   PRO A C   1 
ATOM   146  O O   . PRO A 1 20  ? 3.207   -18.269 -6.880  1.00 43.98  ? 20   PRO A O   1 
ATOM   147  C CB  . PRO A 1 20  ? 3.138   -19.984 -4.199  1.00 32.15  ? 20   PRO A CB  1 
ATOM   148  C CG  . PRO A 1 20  ? 2.209   -21.140 -4.334  1.00 39.32  ? 20   PRO A CG  1 
ATOM   149  C CD  . PRO A 1 20  ? 1.261   -20.804 -5.449  1.00 29.56  ? 20   PRO A CD  1 
ATOM   150  N N   . VAL A 1 21  ? 3.993   -17.020 -5.180  1.00 36.00  ? 21   VAL A N   1 
ATOM   151  C CA  . VAL A 1 21  ? 4.987   -16.337 -5.993  1.00 29.70  ? 21   VAL A CA  1 
ATOM   152  C C   . VAL A 1 21  ? 6.350   -16.519 -5.333  1.00 32.32  ? 21   VAL A C   1 
ATOM   153  O O   . VAL A 1 21  ? 6.476   -16.429 -4.111  1.00 31.47  ? 21   VAL A O   1 
ATOM   154  C CB  . VAL A 1 21  ? 4.651   -14.827 -6.178  1.00 41.30  ? 21   VAL A CB  1 
ATOM   155  C CG1 . VAL A 1 21  ? 3.311   -14.649 -6.897  1.00 39.59  ? 21   VAL A CG1 1 
ATOM   156  C CG2 . VAL A 1 21  ? 4.623   -14.116 -4.846  1.00 53.08  ? 21   VAL A CG2 1 
ATOM   157  N N   . THR A 1 22  ? 7.372   -16.801 -6.135  1.00 33.24  ? 22   THR A N   1 
ATOM   158  C CA  . THR A 1 22  ? 8.704   -17.013 -5.594  1.00 32.54  ? 22   THR A CA  1 
ATOM   159  C C   . THR A 1 22  ? 9.666   -15.944 -6.085  1.00 39.24  ? 22   THR A C   1 
ATOM   160  O O   . THR A 1 22  ? 9.781   -15.708 -7.285  1.00 54.90  ? 22   THR A O   1 
ATOM   161  C CB  . THR A 1 22  ? 9.276   -18.397 -5.973  1.00 38.73  ? 22   THR A CB  1 
ATOM   162  O OG1 . THR A 1 22  ? 8.495   -19.427 -5.361  1.00 43.60  ? 22   THR A OG1 1 
ATOM   163  C CG2 . THR A 1 22  ? 10.697  -18.523 -5.487  1.00 39.30  ? 22   THR A CG2 1 
ATOM   164  N N   . LEU A 1 23  ? 10.349  -15.300 -5.146  1.00 28.57  ? 23   LEU A N   1 
ATOM   165  C CA  . LEU A 1 23  ? 11.372  -14.319 -5.476  1.00 26.53  ? 23   LEU A CA  1 
ATOM   166  C C   . LEU A 1 23  ? 12.717  -15.027 -5.413  1.00 32.08  ? 23   LEU A C   1 
ATOM   167  O O   . LEU A 1 23  ? 12.915  -15.895 -4.570  1.00 27.13  ? 23   LEU A O   1 
ATOM   168  C CB  . LEU A 1 23  ? 11.367  -13.176 -4.464  1.00 32.45  ? 23   LEU A CB  1 
ATOM   169  C CG  . LEU A 1 23  ? 10.022  -12.603 -4.012  1.00 29.17  ? 23   LEU A CG  1 
ATOM   170  C CD1 . LEU A 1 23  ? 10.273  -11.353 -3.201  1.00 29.95  ? 23   LEU A CD1 1 
ATOM   171  C CD2 . LEU A 1 23  ? 9.144   -12.303 -5.200  1.00 26.79  ? 23   LEU A CD2 1 
ATOM   172  N N   . GLN A 1 24  ? 13.637  -14.659 -6.292  1.00 28.04  ? 24   GLN A N   1 
ATOM   173  C CA  . GLN A 1 24  ? 14.960  -15.279 -6.294  1.00 35.17  ? 24   GLN A CA  1 
ATOM   174  C C   . GLN A 1 24  ? 16.075  -14.268 -6.453  1.00 30.92  ? 24   GLN A C   1 
ATOM   175  O O   . GLN A 1 24  ? 15.943  -13.312 -7.217  1.00 28.22  ? 24   GLN A O   1 
ATOM   176  C CB  . GLN A 1 24  ? 15.071  -16.290 -7.427  1.00 32.65  ? 24   GLN A CB  1 
ATOM   177  C CG  . GLN A 1 24  ? 14.170  -17.475 -7.278  1.00 28.26  ? 24   GLN A CG  1 
ATOM   178  C CD  . GLN A 1 24  ? 14.423  -18.512 -8.347  1.00 65.57  ? 24   GLN A CD  1 
ATOM   179  O OE1 . GLN A 1 24  ? 14.871  -18.191 -9.446  1.00 39.93  ? 24   GLN A OE1 1 
ATOM   180  N NE2 . GLN A 1 24  ? 14.141  -19.766 -8.032  1.00 48.00  ? 24   GLN A NE2 1 
ATOM   181  N N   . CYS A 1 25  ? 17.163  -14.493 -5.715  1.00 26.04  ? 25   CYS A N   1 
ATOM   182  C CA  . CYS A 1 25  ? 18.432  -13.804 -5.928  1.00 33.65  ? 25   CYS A CA  1 
ATOM   183  C C   . CYS A 1 25  ? 19.548  -14.835 -6.022  1.00 35.74  ? 25   CYS A C   1 
ATOM   184  O O   . CYS A 1 25  ? 19.617  -15.746 -5.202  1.00 35.38  ? 25   CYS A O   1 
ATOM   185  C CB  . CYS A 1 25  ? 18.741  -12.857 -4.771  1.00 35.34  ? 25   CYS A CB  1 
ATOM   186  S SG  . CYS A 1 25  ? 17.797  -11.306 -4.797  1.00 31.09  ? 25   CYS A SG  1 
ATOM   187  N N   . ASN A 1 26  ? 20.420  -14.689 -7.015  1.00 35.37  ? 26   ASN A N   1 
ATOM   188  C CA  . ASN A 1 26  ? 21.609  -15.537 -7.130  1.00 39.32  ? 26   ASN A CA  1 
ATOM   189  C C   . ASN A 1 26  ? 22.897  -14.728 -7.056  1.00 30.90  ? 26   ASN A C   1 
ATOM   190  O O   . ASN A 1 26  ? 23.123  -13.829 -7.867  1.00 40.34  ? 26   ASN A O   1 
ATOM   191  C CB  . ASN A 1 26  ? 21.583  -16.348 -8.428  1.00 32.93  ? 26   ASN A CB  1 
ATOM   192  C CG  . ASN A 1 26  ? 20.550  -17.456 -8.401  1.00 39.66  ? 26   ASN A CG  1 
ATOM   193  O OD1 . ASN A 1 26  ? 20.062  -17.833 -7.337  1.00 40.12  ? 26   ASN A OD1 1 
ATOM   194  N ND2 . ASN A 1 26  ? 20.211  -17.984 -9.572  1.00 45.39  ? 26   ASN A ND2 1 
ATOM   195  N N   . LEU A 1 27  ? 23.730  -15.045 -6.069  1.00 39.61  ? 27   LEU A N   1 
ATOM   196  C CA  . LEU A 1 27  ? 25.061  -14.473 -5.980  1.00 33.49  ? 27   LEU A CA  1 
ATOM   197  C C   . LEU A 1 27  ? 25.883  -15.170 -7.055  1.00 32.68  ? 27   LEU A C   1 
ATOM   198  O O   . LEU A 1 27  ? 26.110  -16.377 -6.988  1.00 32.60  ? 27   LEU A O   1 
ATOM   199  C CB  . LEU A 1 27  ? 25.660  -14.723 -4.591  1.00 42.09  ? 27   LEU A CB  1 
ATOM   200  C CG  . LEU A 1 27  ? 27.072  -14.193 -4.307  1.00 39.20  ? 27   LEU A CG  1 
ATOM   201  C CD1 . LEU A 1 27  ? 27.107  -12.668 -4.314  1.00 33.08  ? 27   LEU A CD1 1 
ATOM   202  C CD2 . LEU A 1 27  ? 27.602  -14.726 -2.981  1.00 39.09  ? 27   LEU A CD2 1 
ATOM   203  N N   . THR A 1 28  ? 26.297  -14.417 -8.067  1.00 36.54  ? 28   THR A N   1 
ATOM   204  C CA  . THR A 1 28  ? 26.958  -15.015 -9.226  1.00 37.57  ? 28   THR A CA  1 
ATOM   205  C C   . THR A 1 28  ? 28.464  -14.698 -9.275  1.00 36.95  ? 28   THR A C   1 
ATOM   206  O O   . THR A 1 28  ? 29.194  -15.270 -10.083 1.00 33.99  ? 28   THR A O   1 
ATOM   207  C CB  . THR A 1 28  ? 26.276  -14.584 -10.542 1.00 29.91  ? 28   THR A CB  1 
ATOM   208  O OG1 . THR A 1 28  ? 26.249  -13.155 -10.622 1.00 40.98  ? 28   THR A OG1 1 
ATOM   209  C CG2 . THR A 1 28  ? 24.804  -15.110 -10.610 1.00 24.13  ? 28   THR A CG2 1 
ATOM   210  N N   . SER A 1 29  ? 28.926  -13.800 -8.410  1.00 39.91  ? 29   SER A N   1 
ATOM   211  C CA  . SER A 1 29  ? 30.363  -13.502 -8.315  1.00 40.53  ? 29   SER A CA  1 
ATOM   212  C C   . SER A 1 29  ? 30.755  -12.954 -6.946  1.00 50.60  ? 29   SER A C   1 
ATOM   213  O O   . SER A 1 29  ? 30.083  -12.075 -6.411  1.00 37.42  ? 29   SER A O   1 
ATOM   214  C CB  . SER A 1 29  ? 30.788  -12.509 -9.400  1.00 44.89  ? 29   SER A CB  1 
ATOM   215  O OG  . SER A 1 29  ? 30.537  -13.027 -10.693 1.00 77.70  ? 29   SER A OG  1 
ATOM   216  N N   . SER A 1 30  ? 31.848  -13.467 -6.386  1.00 34.24  ? 30   SER A N   1 
ATOM   217  C CA  . SER A 1 30  ? 32.343  -12.978 -5.100  1.00 31.54  ? 30   SER A CA  1 
ATOM   218  C C   . SER A 1 30  ? 33.861  -13.190 -4.923  1.00 29.55  ? 30   SER A C   1 
ATOM   219  O O   . SER A 1 30  ? 34.424  -14.173 -5.406  1.00 29.48  ? 30   SER A O   1 
ATOM   220  C CB  . SER A 1 30  ? 31.580  -13.644 -3.956  1.00 25.83  ? 30   SER A CB  1 
ATOM   221  O OG  . SER A 1 30  ? 31.913  -13.068 -2.709  1.00 41.68  ? 30   SER A OG  1 
ATOM   222  N N   . SER A 1 31  ? 34.499  -12.245 -4.236  1.00 36.29  ? 31   SER A N   1 
ATOM   223  C CA  . SER A 1 31  ? 35.904  -12.332 -3.860  1.00 32.77  ? 31   SER A CA  1 
ATOM   224  C C   . SER A 1 31  ? 35.993  -12.459 -2.347  1.00 41.15  ? 31   SER A C   1 
ATOM   225  O O   . SER A 1 31  ? 37.061  -12.321 -1.763  1.00 46.02  ? 31   SER A O   1 
ATOM   226  C CB  . SER A 1 31  ? 36.649  -11.070 -4.300  1.00 39.84  ? 31   SER A CB  1 
ATOM   227  O OG  . SER A 1 31  ? 36.570  -10.889 -5.704  1.00 46.31  ? 31   SER A OG  1 
ATOM   228  N N   . HIS A 1 32  ? 34.855  -12.716 -1.714  1.00 33.51  ? 32   HIS A N   1 
ATOM   229  C CA  . HIS A 1 32  ? 34.788  -12.777 -0.260  1.00 38.07  ? 32   HIS A CA  1 
ATOM   230  C C   . HIS A 1 32  ? 33.859  -13.891 0.188   1.00 41.81  ? 32   HIS A C   1 
ATOM   231  O O   . HIS A 1 32  ? 32.884  -14.212 -0.492  1.00 50.83  ? 32   HIS A O   1 
ATOM   232  C CB  . HIS A 1 32  ? 34.332  -11.427 0.301   1.00 33.31  ? 32   HIS A CB  1 
ATOM   233  C CG  . HIS A 1 32  ? 35.292  -10.314 0.017   1.00 42.01  ? 32   HIS A CG  1 
ATOM   234  N ND1 . HIS A 1 32  ? 36.411  -10.083 0.789   1.00 46.74  ? 32   HIS A ND1 1 
ATOM   235  C CD2 . HIS A 1 32  ? 35.322  -9.391  -0.972  1.00 40.29  ? 32   HIS A CD2 1 
ATOM   236  C CE1 . HIS A 1 32  ? 37.080  -9.056  0.295   1.00 46.54  ? 32   HIS A CE1 1 
ATOM   237  N NE2 . HIS A 1 32  ? 36.445  -8.620  -0.777  1.00 47.54  ? 32   HIS A NE2 1 
ATOM   238  N N   . THR A 1 33  ? 34.165  -14.492 1.330   1.00 37.70  ? 33   THR A N   1 
ATOM   239  C CA  . THR A 1 33  ? 33.348  -15.579 1.847   1.00 41.84  ? 33   THR A CA  1 
ATOM   240  C C   . THR A 1 33  ? 32.022  -15.039 2.390   1.00 99.72  ? 33   THR A C   1 
ATOM   241  O O   . THR A 1 33  ? 31.991  -14.016 3.072   1.00 40.20  ? 33   THR A O   1 
ATOM   242  C CB  . THR A 1 33  ? 34.102  -16.375 2.927   1.00 56.66  ? 33   THR A CB  1 
ATOM   243  O OG1 . THR A 1 33  ? 35.070  -17.217 2.296   1.00 66.39  ? 33   THR A OG1 1 
ATOM   244  C CG2 . THR A 1 33  ? 33.147  -17.242 3.735   1.00 45.44  ? 33   THR A CG2 1 
ATOM   245  N N   . LEU A 1 34  ? 30.922  -15.708 2.069   1.00 62.22  ? 34   LEU A N   1 
ATOM   246  C CA  . LEU A 1 34  ? 29.618  -15.247 2.532   1.00 58.72  ? 34   LEU A CA  1 
ATOM   247  C C   . LEU A 1 34  ? 29.427  -15.614 3.994   1.00 38.01  ? 34   LEU A C   1 
ATOM   248  O O   . LEU A 1 34  ? 29.514  -16.792 4.359   1.00 57.05  ? 34   LEU A O   1 
ATOM   249  C CB  . LEU A 1 34  ? 28.491  -15.858 1.696   1.00 43.09  ? 34   LEU A CB  1 
ATOM   250  C CG  . LEU A 1 34  ? 27.073  -15.421 2.093   1.00 38.86  ? 34   LEU A CG  1 
ATOM   251  C CD1 . LEU A 1 34  ? 26.820  -13.981 1.671   1.00 38.60  ? 34   LEU A CD1 1 
ATOM   252  C CD2 . LEU A 1 34  ? 26.037  -16.354 1.493   1.00 37.62  ? 34   LEU A CD2 1 
ATOM   253  N N   . MET A 1 35  ? 29.174  -14.616 4.838   1.00 34.11  ? 35   MET A N   1 
ATOM   254  C CA  . MET A 1 35  ? 28.845  -14.897 6.229   1.00 44.06  ? 35   MET A CA  1 
ATOM   255  C C   . MET A 1 35  ? 27.398  -15.375 6.300   1.00 88.88  ? 35   MET A C   1 
ATOM   256  O O   . MET A 1 35  ? 27.118  -16.449 6.832   1.00 49.85  ? 35   MET A O   1 
ATOM   257  C CB  . MET A 1 35  ? 29.063  -13.678 7.125   1.00 45.40  ? 35   MET A CB  1 
ATOM   258  C CG  . MET A 1 35  ? 29.226  -14.040 8.597   1.00 69.30  ? 35   MET A CG  1 
ATOM   259  S SD  . MET A 1 35  ? 29.552  -12.624 9.663   1.00 73.09  ? 35   MET A SD  1 
ATOM   260  C CE  . MET A 1 35  ? 30.968  -11.883 8.860   1.00 74.44  ? 35   MET A CE  1 
ATOM   261  N N   . TYR A 1 36  ? 26.489  -14.578 5.741   1.00 55.54  ? 36   TYR A N   1 
ATOM   262  C CA  . TYR A 1 36  ? 25.088  -14.970 5.620   1.00 53.20  ? 36   TYR A CA  1 
ATOM   263  C C   . TYR A 1 36  ? 24.310  -14.035 4.686   1.00 39.15  ? 36   TYR A C   1 
ATOM   264  O O   . TYR A 1 36  ? 24.753  -12.917 4.394   1.00 40.32  ? 36   TYR A O   1 
ATOM   265  C CB  . TYR A 1 36  ? 24.415  -15.021 6.998   1.00 79.17  ? 36   TYR A CB  1 
ATOM   266  C CG  . TYR A 1 36  ? 24.416  -13.702 7.744   1.00 69.56  ? 36   TYR A CG  1 
ATOM   267  C CD1 . TYR A 1 36  ? 25.412  -13.404 8.663   1.00 73.98  ? 36   TYR A CD1 1 
ATOM   268  C CD2 . TYR A 1 36  ? 23.421  -12.758 7.529   1.00 71.89  ? 36   TYR A CD2 1 
ATOM   269  C CE1 . TYR A 1 36  ? 25.418  -12.202 9.348   1.00 92.74  ? 36   TYR A CE1 1 
ATOM   270  C CE2 . TYR A 1 36  ? 23.420  -11.551 8.208   1.00 78.65  ? 36   TYR A CE2 1 
ATOM   271  C CZ  . TYR A 1 36  ? 24.420  -11.279 9.117   1.00 109.27 ? 36   TYR A CZ  1 
ATOM   272  O OH  . TYR A 1 36  ? 24.427  -10.081 9.799   1.00 81.64  ? 36   TYR A OH  1 
ATOM   273  N N   . SER A 1 37  ? 23.157  -14.510 4.220   1.00 51.69  ? 37   SER A N   1 
ATOM   274  C CA  . SER A 1 37  ? 22.232  -13.696 3.435   1.00 42.52  ? 37   SER A CA  1 
ATOM   275  C C   . SER A 1 37  ? 20.799  -13.835 3.957   1.00 78.84  ? 37   SER A C   1 
ATOM   276  O O   . SER A 1 37  ? 20.411  -14.901 4.433   1.00 49.25  ? 37   SER A O   1 
ATOM   277  C CB  . SER A 1 37  ? 22.271  -14.102 1.963   1.00 45.20  ? 37   SER A CB  1 
ATOM   278  O OG  . SER A 1 37  ? 21.667  -15.367 1.766   1.00 52.49  ? 37   SER A OG  1 
ATOM   279  N N   . TYR A 1 38  ? 20.021  -12.757 3.862   1.00 57.11  ? 38   TYR A N   1 
ATOM   280  C CA  . TYR A 1 38  ? 18.601  -12.781 4.244   1.00 42.77  ? 38   TYR A CA  1 
ATOM   281  C C   . TYR A 1 38  ? 17.730  -11.933 3.316   1.00 37.53  ? 38   TYR A C   1 
ATOM   282  O O   . TYR A 1 38  ? 18.235  -11.279 2.405   1.00 45.49  ? 38   TYR A O   1 
ATOM   283  C CB  . TYR A 1 38  ? 18.402  -12.326 5.697   1.00 35.82  ? 38   TYR A CB  1 
ATOM   284  C CG  . TYR A 1 38  ? 18.985  -10.963 6.031   1.00 39.74  ? 38   TYR A CG  1 
ATOM   285  C CD1 . TYR A 1 38  ? 18.267  -9.798  5.801   1.00 47.90  ? 38   TYR A CD1 1 
ATOM   286  C CD2 . TYR A 1 38  ? 20.249  -10.850 6.594   1.00 65.22  ? 38   TYR A CD2 1 
ATOM   287  C CE1 . TYR A 1 38  ? 18.797  -8.556  6.113   1.00 40.80  ? 38   TYR A CE1 1 
ATOM   288  C CE2 . TYR A 1 38  ? 20.785  -9.617  6.910   1.00 42.63  ? 38   TYR A CE2 1 
ATOM   289  C CZ  . TYR A 1 38  ? 20.061  -8.475  6.671   1.00 42.64  ? 38   TYR A CZ  1 
ATOM   290  O OH  . TYR A 1 38  ? 20.603  -7.246  6.983   1.00 49.49  ? 38   TYR A OH  1 
ATOM   291  N N   . TRP A 1 39  ? 16.420  -11.961 3.557   1.00 50.93  ? 39   TRP A N   1 
ATOM   292  C CA  . TRP A 1 39  ? 15.463  -11.131 2.823   1.00 32.46  ? 39   TRP A CA  1 
ATOM   293  C C   . TRP A 1 39  ? 14.887  -10.042 3.726   1.00 24.96  ? 39   TRP A C   1 
ATOM   294  O O   . TRP A 1 39  ? 14.616  -10.279 4.905   1.00 37.68  ? 39   TRP A O   1 
ATOM   295  C CB  . TRP A 1 39  ? 14.304  -11.982 2.289   1.00 26.52  ? 39   TRP A CB  1 
ATOM   296  C CG  . TRP A 1 39  ? 14.684  -12.911 1.186   1.00 48.88  ? 39   TRP A CG  1 
ATOM   297  C CD1 . TRP A 1 39  ? 15.095  -14.208 1.309   1.00 30.64  ? 39   TRP A CD1 1 
ATOM   298  C CD2 . TRP A 1 39  ? 14.683  -12.617 -0.216  1.00 30.31  ? 39   TRP A CD2 1 
ATOM   299  N NE1 . TRP A 1 39  ? 15.345  -14.743 0.064   1.00 33.01  ? 39   TRP A NE1 1 
ATOM   300  C CE2 . TRP A 1 39  ? 15.101  -13.786 -0.887  1.00 30.21  ? 39   TRP A CE2 1 
ATOM   301  C CE3 . TRP A 1 39  ? 14.355  -11.485 -0.970  1.00 27.40  ? 39   TRP A CE3 1 
ATOM   302  C CZ2 . TRP A 1 39  ? 15.210  -13.851 -2.275  1.00 30.70  ? 39   TRP A CZ2 1 
ATOM   303  C CZ3 . TRP A 1 39  ? 14.465  -11.553 -2.349  1.00 26.75  ? 39   TRP A CZ3 1 
ATOM   304  C CH2 . TRP A 1 39  ? 14.894  -12.723 -2.985  1.00 32.06  ? 39   TRP A CH2 1 
ATOM   305  N N   . THR A 1 40  ? 14.719  -8.847  3.171   1.00 36.88  ? 40   THR A N   1 
ATOM   306  C CA  . THR A 1 40  ? 13.992  -7.784  3.851   1.00 37.85  ? 40   THR A CA  1 
ATOM   307  C C   . THR A 1 40  ? 12.777  -7.396  3.020   1.00 46.14  ? 40   THR A C   1 
ATOM   308  O O   . THR A 1 40  ? 12.787  -7.534  1.800   1.00 29.06  ? 40   THR A O   1 
ATOM   309  C CB  . THR A 1 40  ? 14.843  -6.524  4.034   1.00 33.57  ? 40   THR A CB  1 
ATOM   310  O OG1 . THR A 1 40  ? 15.083  -5.922  2.757   1.00 40.75  ? 40   THR A OG1 1 
ATOM   311  C CG2 . THR A 1 40  ? 16.181  -6.855  4.698   1.00 34.84  ? 40   THR A CG2 1 
ATOM   312  N N   . LYS A 1 41  ? 11.736  -6.912  3.691   1.00 40.95  ? 41   LYS A N   1 
ATOM   313  C CA  . LYS A 1 41  ? 10.567  -6.360  3.027   1.00 30.81  ? 41   LYS A CA  1 
ATOM   314  C C   . LYS A 1 41  ? 10.257  -4.990  3.604   1.00 39.08  ? 41   LYS A C   1 
ATOM   315  O O   . LYS A 1 41  ? 10.042  -4.850  4.806   1.00 40.55  ? 41   LYS A O   1 
ATOM   316  C CB  . LYS A 1 41  ? 9.366   -7.275  3.226   1.00 34.95  ? 41   LYS A CB  1 
ATOM   317  C CG  . LYS A 1 41  ? 8.023   -6.687  2.820   1.00 37.66  ? 41   LYS A CG  1 
ATOM   318  C CD  . LYS A 1 41  ? 6.946   -7.571  3.424   1.00 35.98  ? 41   LYS A CD  1 
ATOM   319  C CE  . LYS A 1 41  ? 5.545   -7.147  3.091   1.00 52.77  ? 41   LYS A CE  1 
ATOM   320  N NZ  . LYS A 1 41  ? 4.638   -8.065  3.817   1.00 37.03  ? 41   LYS A NZ  1 
ATOM   321  N N   . ASN A 1 42  ? 10.231  -3.985  2.742   1.00 35.36  ? 42   ASN A N   1 
ATOM   322  C CA  . ASN A 1 42  ? 9.960   -2.625  3.183   1.00 63.03  ? 42   ASN A CA  1 
ATOM   323  C C   . ASN A 1 42  ? 10.910  -2.229  4.302   1.00 64.68  ? 42   ASN A C   1 
ATOM   324  O O   . ASN A 1 42  ? 10.496  -1.640  5.294   1.00 40.84  ? 42   ASN A O   1 
ATOM   325  C CB  . ASN A 1 42  ? 8.505   -2.480  3.644   1.00 50.10  ? 42   ASN A CB  1 
ATOM   326  C CG  . ASN A 1 42  ? 7.511   -2.701  2.515   1.00 43.48  ? 42   ASN A CG  1 
ATOM   327  O OD1 . ASN A 1 42  ? 7.750   -2.303  1.371   1.00 44.41  ? 42   ASN A OD1 1 
ATOM   328  N ND2 . ASN A 1 42  ? 6.389   -3.345  2.831   1.00 44.25  ? 42   ASN A ND2 1 
ATOM   329  N N   . GLY A 1 43  ? 12.183  -2.581  4.140   1.00 51.06  ? 43   GLY A N   1 
ATOM   330  C CA  . GLY A 1 43  ? 13.224  -2.148  5.053   1.00 45.97  ? 43   GLY A CA  1 
ATOM   331  C C   . GLY A 1 43  ? 13.407  -2.995  6.298   1.00 66.63  ? 43   GLY A C   1 
ATOM   332  O O   . GLY A 1 43  ? 14.336  -2.770  7.069   1.00 53.67  ? 43   GLY A O   1 
ATOM   333  N N   . VAL A 1 44  ? 12.531  -3.972  6.504   1.00 47.17  ? 44   VAL A N   1 
ATOM   334  C CA  . VAL A 1 44  ? 12.593  -4.786  7.717   1.00 49.79  ? 44   VAL A CA  1 
ATOM   335  C C   . VAL A 1 44  ? 12.882  -6.239  7.403   1.00 41.22  ? 44   VAL A C   1 
ATOM   336  O O   . VAL A 1 44  ? 12.224  -6.834  6.545   1.00 38.78  ? 44   VAL A O   1 
ATOM   337  C CB  . VAL A 1 44  ? 11.267  -4.729  8.501   1.00 41.44  ? 44   VAL A CB  1 
ATOM   338  C CG1 . VAL A 1 44  ? 11.428  -5.429  9.840   1.00 56.55  ? 44   VAL A CG1 1 
ATOM   339  C CG2 . VAL A 1 44  ? 10.830  -3.291  8.686   1.00 57.38  ? 44   VAL A CG2 1 
ATOM   340  N N   . GLU A 1 45  ? 13.845  -6.821  8.114   1.00 44.26  ? 45   GLU A N   1 
ATOM   341  C CA  A GLU A 1 45  ? 14.229  -8.206  7.890   0.54 51.34  ? 45   GLU A CA  1 
ATOM   342  C CA  B GLU A 1 45  ? 14.230  -8.209  7.883   0.46 51.34  ? 45   GLU A CA  1 
ATOM   343  C C   . GLU A 1 45  ? 13.048  -9.146  8.063   1.00 45.86  ? 45   GLU A C   1 
ATOM   344  O O   . GLU A 1 45  ? 12.259  -8.992  8.988   1.00 48.93  ? 45   GLU A O   1 
ATOM   345  C CB  A GLU A 1 45  ? 15.351  -8.617  8.840   0.54 38.38  ? 45   GLU A CB  1 
ATOM   346  C CB  B GLU A 1 45  ? 15.356  -8.648  8.824   0.46 38.44  ? 45   GLU A CB  1 
ATOM   347  C CG  A GLU A 1 45  ? 15.740  -10.081 8.710   0.54 35.70  ? 45   GLU A CG  1 
ATOM   348  C CG  B GLU A 1 45  ? 16.095  -9.893  8.331   0.46 32.34  ? 45   GLU A CG  1 
ATOM   349  C CD  A GLU A 1 45  ? 17.109  -10.370 9.273   0.54 58.60  ? 45   GLU A CD  1 
ATOM   350  C CD  B GLU A 1 45  ? 16.415  -10.878 9.438   0.46 73.97  ? 45   GLU A CD  1 
ATOM   351  O OE1 A GLU A 1 45  ? 17.770  -9.417  9.739   0.54 38.46  ? 45   GLU A OE1 1 
ATOM   352  O OE1 B GLU A 1 45  ? 15.556  -11.737 9.740   0.46 49.80  ? 45   GLU A OE1 1 
ATOM   353  O OE2 A GLU A 1 45  ? 17.522  -11.549 9.244   0.54 30.20  ? 45   GLU A OE2 1 
ATOM   354  O OE2 B GLU A 1 45  ? 17.532  -10.806 9.992   0.46 28.33  ? 45   GLU A OE2 1 
ATOM   355  N N   . LEU A 1 46  ? 12.939  -10.121 7.169   1.00 36.78  ? 46   LEU A N   1 
ATOM   356  C CA  . LEU A 1 46  ? 11.873  -11.097 7.262   1.00 35.15  ? 46   LEU A CA  1 
ATOM   357  C C   . LEU A 1 46  ? 12.292  -12.231 8.171   1.00 41.43  ? 46   LEU A C   1 
ATOM   358  O O   . LEU A 1 46  ? 13.461  -12.610 8.230   1.00 46.06  ? 46   LEU A O   1 
ATOM   359  C CB  . LEU A 1 46  ? 11.499  -11.631 5.877   1.00 33.42  ? 46   LEU A CB  1 
ATOM   360  C CG  . LEU A 1 46  ? 10.827  -10.596 4.975   1.00 38.24  ? 46   LEU A CG  1 
ATOM   361  C CD1 . LEU A 1 46  ? 10.955  -10.992 3.514   1.00 31.76  ? 46   LEU A CD1 1 
ATOM   362  C CD2 . LEU A 1 46  ? 9.369   -10.420 5.384   1.00 41.23  ? 46   LEU A CD2 1 
ATOM   363  N N   . THR A 1 47  ? 11.314  -12.767 8.880   1.00 28.08  ? 47   THR A N   1 
ATOM   364  C CA  . THR A 1 47  ? 11.517  -13.866 9.807   1.00 34.74  ? 47   THR A CA  1 
ATOM   365  C C   . THR A 1 47  ? 12.158  -15.091 9.154   1.00 59.16  ? 47   THR A C   1 
ATOM   366  O O   . THR A 1 47  ? 11.737  -15.534 8.084   1.00 37.54  ? 47   THR A O   1 
ATOM   367  C CB  . THR A 1 47  ? 10.170  -14.236 10.483  1.00 84.52  ? 47   THR A CB  1 
ATOM   368  O OG1 . THR A 1 47  ? 10.120  -13.658 11.794  1.00 53.92  ? 47   THR A OG1 1 
ATOM   369  C CG2 . THR A 1 47  ? 9.984   -15.742 10.586  1.00 43.63  ? 47   THR A CG2 1 
ATOM   370  N N   . ALA A 1 48  ? 13.196  -15.616 9.798   1.00 46.00  ? 48   ALA A N   1 
ATOM   371  C CA  . ALA A 1 48  ? 13.784  -16.895 9.410   1.00 41.75  ? 48   ALA A CA  1 
ATOM   372  C C   . ALA A 1 48  ? 14.198  -16.976 7.942   1.00 50.41  ? 48   ALA A C   1 
ATOM   373  O O   . ALA A 1 48  ? 13.876  -17.946 7.254   1.00 53.16  ? 48   ALA A O   1 
ATOM   374  C CB  . ALA A 1 48  ? 12.827  -18.043 9.752   1.00 46.72  ? 48   ALA A CB  1 
ATOM   375  N N   . THR A 1 49  ? 14.911  -15.961 7.463   1.00 43.40  ? 49   THR A N   1 
ATOM   376  C CA  . THR A 1 49  ? 15.396  -15.969 6.087   1.00 57.74  ? 49   THR A CA  1 
ATOM   377  C C   . THR A 1 49  ? 16.925  -16.018 6.029   1.00 60.13  ? 49   THR A C   1 
ATOM   378  O O   . THR A 1 49  ? 17.496  -16.273 4.968   1.00 46.41  ? 49   THR A O   1 
ATOM   379  C CB  . THR A 1 49  ? 14.884  -14.751 5.279   1.00 33.53  ? 49   THR A CB  1 
ATOM   380  O OG1 . THR A 1 49  ? 15.324  -13.540 5.903   1.00 41.24  ? 49   THR A OG1 1 
ATOM   381  C CG2 . THR A 1 49  ? 13.369  -14.756 5.200   1.00 33.46  ? 49   THR A CG2 1 
ATOM   382  N N   . ARG A 1 50  ? 17.574  -15.774 7.170   1.00 36.86  ? 50   ARG A N   1 
ATOM   383  C CA  . ARG A 1 50  ? 19.040  -15.828 7.282   1.00 81.50  ? 50   ARG A CA  1 
ATOM   384  C C   . ARG A 1 50  ? 19.598  -17.213 6.976   1.00 57.37  ? 50   ARG A C   1 
ATOM   385  O O   . ARG A 1 50  ? 19.516  -18.119 7.800   1.00 61.12  ? 50   ARG A O   1 
ATOM   386  C CB  . ARG A 1 50  ? 19.501  -15.407 8.681   1.00 54.56  ? 50   ARG A CB  1 
ATOM   387  C CG  . ARG A 1 50  ? 19.445  -13.916 8.959   1.00 52.99  ? 50   ARG A CG  1 
ATOM   388  C CD  . ARG A 1 50  ? 19.981  -13.599 10.357  1.00 99.45  ? 50   ARG A CD  1 
ATOM   389  N NE  . ARG A 1 50  ? 19.636  -12.248 10.795  1.00 49.31  ? 50   ARG A NE  1 
ATOM   390  C CZ  . ARG A 1 50  ? 20.502  -11.246 10.911  1.00 70.63  ? 50   ARG A CZ  1 
ATOM   391  N NH1 . ARG A 1 50  ? 21.783  -11.435 10.631  1.00 92.94  ? 50   ARG A NH1 1 
ATOM   392  N NH2 . ARG A 1 50  ? 20.088  -10.052 11.315  1.00 67.80  ? 50   ARG A NH2 1 
ATOM   393  N N   . LYS A 1 51  ? 20.175  -17.358 5.789   1.00 50.46  ? 51   LYS A N   1 
ATOM   394  C CA  . LYS A 1 51  ? 20.743  -18.619 5.345   1.00 64.40  ? 51   LYS A CA  1 
ATOM   395  C C   . LYS A 1 51  ? 22.088  -18.331 4.691   1.00 60.83  ? 51   LYS A C   1 
ATOM   396  O O   . LYS A 1 51  ? 22.350  -17.213 4.246   1.00 69.76  ? 51   LYS A O   1 
ATOM   397  C CB  . LYS A 1 51  ? 19.800  -19.310 4.352   1.00 46.68  ? 51   LYS A CB  1 
ATOM   398  C CG  . LYS A 1 51  ? 20.229  -20.701 3.895   1.00 75.04  ? 51   LYS A CG  1 
ATOM   399  C CD  . LYS A 1 51  ? 19.284  -21.244 2.819   1.00 58.59  ? 51   LYS A CD  1 
ATOM   400  C CE  . LYS A 1 51  ? 19.533  -22.729 2.541   1.00 76.02  ? 51   LYS A CE  1 
ATOM   401  N NZ  . LYS A 1 51  ? 20.877  -22.995 1.954   1.00 88.03  ? 51   LYS A NZ  1 
ATOM   402  N N   . ASN A 1 52  ? 22.950  -19.333 4.647   1.00 60.83  ? 52   ASN A N   1 
ATOM   403  C CA  . ASN A 1 52  ? 24.236  -19.184 3.994   1.00 37.22  ? 52   ASN A CA  1 
ATOM   404  C C   . ASN A 1 52  ? 24.158  -19.819 2.614   1.00 75.60  ? 52   ASN A C   1 
ATOM   405  O O   . ASN A 1 52  ? 24.730  -20.883 2.374   1.00 58.92  ? 52   ASN A O   1 
ATOM   406  C CB  . ASN A 1 52  ? 25.325  -19.848 4.831   1.00 88.82  ? 52   ASN A CB  1 
ATOM   407  C CG  . ASN A 1 52  ? 26.717  -19.554 4.317   1.00 80.84  ? 52   ASN A CG  1 
ATOM   408  O OD1 . ASN A 1 52  ? 27.515  -20.466 4.102   1.00 125.76 ? 52   ASN A OD1 1 
ATOM   409  N ND2 . ASN A 1 52  ? 27.017  -18.276 4.110   1.00 96.25  ? 52   ASN A ND2 1 
ATOM   410  N N   . ALA A 1 53  ? 23.429  -19.175 1.710   1.00 72.91  ? 53   ALA A N   1 
ATOM   411  C CA  . ALA A 1 53  ? 23.269  -19.696 0.359   1.00 44.92  ? 53   ALA A CA  1 
ATOM   412  C C   . ALA A 1 53  ? 23.461  -18.573 -0.644  1.00 51.19  ? 53   ALA A C   1 
ATOM   413  O O   . ALA A 1 53  ? 23.012  -17.449 -0.429  1.00 49.73  ? 53   ALA A O   1 
ATOM   414  C CB  . ALA A 1 53  ? 21.908  -20.345 0.189   1.00 73.09  ? 53   ALA A CB  1 
ATOM   415  N N   . SER A 1 54  ? 24.149  -18.884 -1.732  1.00 57.07  ? 54   SER A N   1 
ATOM   416  C CA  . SER A 1 54  ? 24.389  -17.904 -2.772  1.00 55.74  ? 54   SER A CA  1 
ATOM   417  C C   . SER A 1 54  ? 23.102  -17.727 -3.564  1.00 45.63  ? 54   SER A C   1 
ATOM   418  O O   . SER A 1 54  ? 22.803  -16.640 -4.056  1.00 44.00  ? 54   SER A O   1 
ATOM   419  C CB  . SER A 1 54  ? 25.530  -18.367 -3.681  1.00 39.86  ? 54   SER A CB  1 
ATOM   420  O OG  . SER A 1 54  ? 25.267  -19.654 -4.215  1.00 41.27  ? 54   SER A OG  1 
ATOM   421  N N   . ASN A 1 55  ? 22.340  -18.810 -3.671  1.00 36.60  ? 55   ASN A N   1 
ATOM   422  C CA  . ASN A 1 55  ? 21.055  -18.787 -4.352  1.00 47.60  ? 55   ASN A CA  1 
ATOM   423  C C   . ASN A 1 55  ? 19.899  -18.758 -3.360  1.00 72.90  ? 55   ASN A C   1 
ATOM   424  O O   . ASN A 1 55  ? 19.532  -19.790 -2.794  1.00 48.58  ? 55   ASN A O   1 
ATOM   425  C CB  . ASN A 1 55  ? 20.929  -19.998 -5.273  1.00 52.04  ? 55   ASN A CB  1 
ATOM   426  C CG  . ASN A 1 55  ? 21.985  -20.008 -6.356  1.00 42.13  ? 55   ASN A CG  1 
ATOM   427  O OD1 . ASN A 1 55  ? 22.962  -19.261 -6.290  1.00 49.87  ? 55   ASN A OD1 1 
ATOM   428  N ND2 . ASN A 1 55  ? 21.791  -20.846 -7.365  1.00 47.99  ? 55   ASN A ND2 1 
ATOM   429  N N   . MET A 1 56  ? 19.333  -17.569 -3.161  1.00 44.78  ? 56   MET A N   1 
ATOM   430  C CA  A MET A 1 56  ? 18.238  -17.371 -2.214  0.36 42.05  ? 56   MET A CA  1 
ATOM   431  C CA  B MET A 1 56  ? 18.242  -17.379 -2.209  0.64 42.05  ? 56   MET A CA  1 
ATOM   432  C C   . MET A 1 56  ? 16.876  -17.411 -2.897  1.00 28.65  ? 56   MET A C   1 
ATOM   433  O O   . MET A 1 56  ? 16.726  -16.957 -4.034  1.00 35.43  ? 56   MET A O   1 
ATOM   434  C CB  A MET A 1 56  ? 18.381  -16.022 -1.515  0.36 40.80  ? 56   MET A CB  1 
ATOM   435  C CB  B MET A 1 56  ? 18.419  -16.061 -1.444  0.64 41.37  ? 56   MET A CB  1 
ATOM   436  C CG  A MET A 1 56  ? 19.786  -15.667 -1.100  0.36 26.71  ? 56   MET A CG  1 
ATOM   437  C CG  B MET A 1 56  ? 19.396  -16.116 -0.272  0.64 43.41  ? 56   MET A CG  1 
ATOM   438  S SD  A MET A 1 56  ? 19.857  -13.944 -0.596  0.36 37.18  ? 56   MET A SD  1 
ATOM   439  S SD  B MET A 1 56  ? 18.995  -17.388 0.949   0.64 51.80  ? 56   MET A SD  1 
ATOM   440  C CE  A MET A 1 56  ? 18.732  -13.961 0.794   0.36 28.47  ? 56   MET A CE  1 
ATOM   441  C CE  B MET A 1 56  ? 17.244  -17.089 1.241   0.64 23.36  ? 56   MET A CE  1 
ATOM   442  N N   . GLU A 1 57  ? 15.885  -17.953 -2.200  1.00 45.42  ? 57   GLU A N   1 
ATOM   443  C CA  . GLU A 1 57  ? 14.508  -17.934 -2.668  1.00 32.54  ? 57   GLU A CA  1 
ATOM   444  C C   . GLU A 1 57  ? 13.620  -17.444 -1.542  1.00 48.92  ? 57   GLU A C   1 
ATOM   445  O O   . GLU A 1 57  ? 13.884  -17.731 -0.377  1.00 39.54  ? 57   GLU A O   1 
ATOM   446  C CB  . GLU A 1 57  ? 14.045  -19.325 -3.086  1.00 40.54  ? 57   GLU A CB  1 
ATOM   447  C CG  . GLU A 1 57  ? 14.317  -19.672 -4.524  1.00 54.74  ? 57   GLU A CG  1 
ATOM   448  C CD  . GLU A 1 57  ? 13.632  -20.955 -4.924  1.00 37.86  ? 57   GLU A CD  1 
ATOM   449  O OE1 . GLU A 1 57  ? 13.686  -21.316 -6.118  1.00 54.96  ? 57   GLU A OE1 1 
ATOM   450  O OE2 . GLU A 1 57  ? 13.026  -21.599 -4.043  1.00 90.67  ? 57   GLU A OE2 1 
ATOM   451  N N   . TYR A 1 58  ? 12.576  -16.697 -1.887  1.00 35.66  ? 58   TYR A N   1 
ATOM   452  C CA  . TYR A 1 58  ? 11.562  -16.313 -0.908  1.00 28.02  ? 58   TYR A CA  1 
ATOM   453  C C   . TYR A 1 58  ? 10.191  -16.590 -1.490  1.00 26.94  ? 58   TYR A C   1 
ATOM   454  O O   . TYR A 1 58  ? 9.824   -16.041 -2.522  1.00 31.37  ? 58   TYR A O   1 
ATOM   455  C CB  . TYR A 1 58  ? 11.661  -14.840 -0.507  1.00 27.44  ? 58   TYR A CB  1 
ATOM   456  C CG  . TYR A 1 58  ? 10.742  -14.538 0.650   1.00 36.98  ? 58   TYR A CG  1 
ATOM   457  C CD1 . TYR A 1 58  ? 11.058  -14.964 1.929   1.00 40.84  ? 58   TYR A CD1 1 
ATOM   458  C CD2 . TYR A 1 58  ? 9.537   -13.875 0.460   1.00 37.07  ? 58   TYR A CD2 1 
ATOM   459  C CE1 . TYR A 1 58  ? 10.215  -14.721 2.990   1.00 37.09  ? 58   TYR A CE1 1 
ATOM   460  C CE2 . TYR A 1 58  ? 8.689   -13.622 1.522   1.00 23.68  ? 58   TYR A CE2 1 
ATOM   461  C CZ  . TYR A 1 58  ? 9.037   -14.053 2.783   1.00 31.80  ? 58   TYR A CZ  1 
ATOM   462  O OH  . TYR A 1 58  ? 8.205   -13.816 3.850   1.00 42.40  ? 58   TYR A OH  1 
ATOM   463  N N   . ARG A 1 59  ? 9.447   -17.466 -0.833  1.00 28.99  ? 59   ARG A N   1 
ATOM   464  C CA  . ARG A 1 59  ? 8.155   -17.875 -1.322  1.00 31.32  ? 59   ARG A CA  1 
ATOM   465  C C   . ARG A 1 59  ? 7.049   -17.084 -0.629  1.00 32.48  ? 59   ARG A C   1 
ATOM   466  O O   . ARG A 1 59  ? 7.009   -17.019 0.596   1.00 30.34  ? 59   ARG A O   1 
ATOM   467  C CB  . ARG A 1 59  ? 7.963   -19.364 -1.061  1.00 35.01  ? 59   ARG A CB  1 
ATOM   468  C CG  . ARG A 1 59  ? 6.659   -19.892 -1.591  1.00 32.77  ? 59   ARG A CG  1 
ATOM   469  C CD  . ARG A 1 59  ? 6.525   -21.380 -1.328  1.00 67.44  ? 59   ARG A CD  1 
ATOM   470  N NE  . ARG A 1 59  ? 5.334   -21.929 -1.970  1.00 79.49  ? 59   ARG A NE  1 
ATOM   471  C CZ  . ARG A 1 59  ? 5.002   -23.216 -1.951  1.00 155.16 ? 59   ARG A CZ  1 
ATOM   472  N NH1 . ARG A 1 59  ? 5.769   -24.093 -1.317  1.00 145.77 ? 59   ARG A NH1 1 
ATOM   473  N NH2 . ARG A 1 59  ? 3.900   -23.625 -2.567  1.00 68.88  ? 59   ARG A NH2 1 
ATOM   474  N N   . ILE A 1 60  ? 6.173   -16.470 -1.421  1.00 24.53  ? 60   ILE A N   1 
ATOM   475  C CA  . ILE A 1 60  ? 4.975   -15.818 -0.887  1.00 22.91  ? 60   ILE A CA  1 
ATOM   476  C C   . ILE A 1 60  ? 3.755   -16.675 -1.137  1.00 21.99  ? 60   ILE A C   1 
ATOM   477  O O   . ILE A 1 60  ? 3.236   -16.763 -2.259  1.00 26.85  ? 60   ILE A O   1 
ATOM   478  C CB  . ILE A 1 60  ? 4.767   -14.405 -1.474  1.00 30.37  ? 60   ILE A CB  1 
ATOM   479  C CG1 . ILE A 1 60  ? 5.995   -13.535 -1.184  1.00 32.10  ? 60   ILE A CG1 1 
ATOM   480  C CG2 . ILE A 1 60  ? 3.523   -13.760 -0.888  1.00 21.26  ? 60   ILE A CG2 1 
ATOM   481  C CD1 . ILE A 1 60  ? 6.125   -12.354 -2.092  1.00 26.07  ? 60   ILE A CD1 1 
ATOM   482  N N   . ASN A 1 61  ? 3.300   -17.319 -0.075  1.00 25.02  ? 61   ASN A N   1 
ATOM   483  C CA  . ASN A 1 61  ? 2.108   -18.140 -0.127  1.00 26.88  ? 61   ASN A CA  1 
ATOM   484  C C   . ASN A 1 61  ? 0.847   -17.288 0.020   1.00 41.76  ? 61   ASN A C   1 
ATOM   485  O O   . ASN A 1 61  ? 0.794   -16.400 0.878   1.00 37.83  ? 61   ASN A O   1 
ATOM   486  C CB  . ASN A 1 61  ? 2.206   -19.230 0.950   1.00 36.04  ? 61   ASN A CB  1 
ATOM   487  C CG  . ASN A 1 61  ? 3.190   -20.336 0.570   1.00 41.97  ? 61   ASN A CG  1 
ATOM   488  O OD1 . ASN A 1 61  ? 3.080   -20.919 -0.504  1.00 38.82  ? 61   ASN A OD1 1 
ATOM   489  N ND2 . ASN A 1 61  ? 4.160   -20.619 1.444   1.00 30.12  ? 61   ASN A ND2 1 
ATOM   490  N N   . LYS A 1 62  ? -0.148  -17.544 -0.837  1.00 28.85  ? 62   LYS A N   1 
ATOM   491  C CA  . LYS A 1 62  ? -1.419  -16.813 -0.831  1.00 37.02  ? 62   LYS A CA  1 
ATOM   492  C C   . LYS A 1 62  ? -1.246  -15.295 -0.954  1.00 32.72  ? 62   LYS A C   1 
ATOM   493  O O   . LYS A 1 62  ? -1.766  -14.542 -0.126  1.00 33.21  ? 62   LYS A O   1 
ATOM   494  C CB  . LYS A 1 62  ? -2.223  -17.138 0.431   1.00 47.09  ? 62   LYS A CB  1 
ATOM   495  C CG  . LYS A 1 62  ? -2.907  -18.488 0.403   1.00 72.05  ? 62   LYS A CG  1 
ATOM   496  C CD  . LYS A 1 62  ? -4.083  -18.527 1.366   1.00 74.87  ? 62   LYS A CD  1 
ATOM   497  C CE  . LYS A 1 62  ? -3.662  -18.149 2.776   1.00 81.93  ? 62   LYS A CE  1 
ATOM   498  N NZ  . LYS A 1 62  ? -4.806  -18.208 3.731   1.00 74.85  ? 62   LYS A NZ  1 
ATOM   499  N N   . PRO A 1 63  ? -0.531  -14.844 -1.995  1.00 37.99  ? 63   PRO A N   1 
ATOM   500  C CA  . PRO A 1 63  ? -0.113  -13.441 -2.075  1.00 24.54  ? 63   PRO A CA  1 
ATOM   501  C C   . PRO A 1 63  ? -1.304  -12.475 -2.037  1.00 29.55  ? 63   PRO A C   1 
ATOM   502  O O   . PRO A 1 63  ? -2.283  -12.671 -2.757  1.00 36.79  ? 63   PRO A O   1 
ATOM   503  C CB  . PRO A 1 63  ? 0.590   -13.347 -3.439  1.00 20.70  ? 63   PRO A CB  1 
ATOM   504  C CG  . PRO A 1 63  ? 0.858   -14.734 -3.857  1.00 40.58  ? 63   PRO A CG  1 
ATOM   505  C CD  . PRO A 1 63  ? -0.137  -15.615 -3.188  1.00 34.43  ? 63   PRO A CD  1 
ATOM   506  N N   . ARG A 1 64  ? -1.196  -11.449 -1.200  1.00 28.91  ? 64   ARG A N   1 
ATOM   507  C CA  . ARG A 1 64  ? -2.211  -10.397 -1.086  1.00 26.06  ? 64   ARG A CA  1 
ATOM   508  C C   . ARG A 1 64  ? -1.558  -9.020  -1.111  1.00 28.96  ? 64   ARG A C   1 
ATOM   509  O O   . ARG A 1 64  ? -0.332  -8.908  -1.142  1.00 25.10  ? 64   ARG A O   1 
ATOM   510  C CB  . ARG A 1 64  ? -2.982  -10.558 0.225   1.00 34.62  ? 64   ARG A CB  1 
ATOM   511  C CG  . ARG A 1 64  ? -3.790  -11.839 0.348   1.00 43.14  ? 64   ARG A CG  1 
ATOM   512  C CD  . ARG A 1 64  ? -4.593  -11.824 1.636   1.00 114.25 ? 64   ARG A CD  1 
ATOM   513  N NE  . ARG A 1 64  ? -3.785  -11.355 2.758   1.00 122.43 ? 64   ARG A NE  1 
ATOM   514  C CZ  . ARG A 1 64  ? -4.281  -10.832 3.875   1.00 127.46 ? 64   ARG A CZ  1 
ATOM   515  N NH1 . ARG A 1 64  ? -5.593  -10.701 4.026   1.00 74.14  ? 64   ARG A NH1 1 
ATOM   516  N NH2 . ARG A 1 64  ? -3.462  -10.433 4.840   1.00 75.20  ? 64   ARG A NH2 1 
ATOM   517  N N   . ALA A 1 65  ? -2.376  -7.966  -1.065  1.00 27.70  ? 65   ALA A N   1 
ATOM   518  C CA  . ALA A 1 65  ? -1.857  -6.600  -1.036  1.00 25.31  ? 65   ALA A CA  1 
ATOM   519  C C   . ALA A 1 65  ? -0.837  -6.424  0.083   1.00 19.19  ? 65   ALA A C   1 
ATOM   520  O O   . ALA A 1 65  ? 0.198   -5.750  -0.083  1.00 27.68  ? 65   ALA A O   1 
ATOM   521  C CB  . ALA A 1 65  ? -3.023  -5.586  -0.890  1.00 22.88  ? 65   ALA A CB  1 
ATOM   522  N N   . GLU A 1 66  ? -1.120  -7.037  1.229   1.00 26.00  ? 66   GLU A N   1 
ATOM   523  C CA  . GLU A 1 66  ? -0.230  -6.964  2.389   1.00 30.87  ? 66   GLU A CA  1 
ATOM   524  C C   . GLU A 1 66  ? 1.176   -7.467  2.076   1.00 40.52  ? 66   GLU A C   1 
ATOM   525  O O   . GLU A 1 66  ? 2.148   -7.073  2.728   1.00 31.45  ? 66   GLU A O   1 
ATOM   526  C CB  . GLU A 1 66  ? -0.815  -7.766  3.560   1.00 37.05  ? 66   GLU A CB  1 
ATOM   527  C CG  . GLU A 1 66  ? -1.975  -7.093  4.291   1.00 80.59  ? 66   GLU A CG  1 
ATOM   528  C CD  . GLU A 1 66  ? -3.326  -7.283  3.609   1.00 128.46 ? 66   GLU A CD  1 
ATOM   529  O OE1 . GLU A 1 66  ? -3.395  -7.964  2.563   1.00 45.52  ? 66   GLU A OE1 1 
ATOM   530  O OE2 . GLU A 1 66  ? -4.329  -6.745  4.128   1.00 85.99  ? 66   GLU A OE2 1 
ATOM   531  N N   . ASP A 1 67  ? 1.279   -8.342  1.078   1.00 25.74  ? 67   ASP A N   1 
ATOM   532  C CA  . ASP A 1 67  ? 2.558   -8.945  0.699   1.00 31.84  ? 67   ASP A CA  1 
ATOM   533  C C   . ASP A 1 67  ? 3.344   -8.123  -0.303  1.00 32.09  ? 67   ASP A C   1 
ATOM   534  O O   . ASP A 1 67  ? 4.493   -8.432  -0.604  1.00 29.61  ? 67   ASP A O   1 
ATOM   535  C CB  . ASP A 1 67  ? 2.323   -10.340 0.125   1.00 25.32  ? 67   ASP A CB  1 
ATOM   536  C CG  . ASP A 1 67  ? 1.749   -11.284 1.146   1.00 24.01  ? 67   ASP A CG  1 
ATOM   537  O OD1 . ASP A 1 67  ? 2.455   -11.567 2.135   1.00 32.08  ? 67   ASP A OD1 1 
ATOM   538  O OD2 . ASP A 1 67  ? 0.590   -11.714 0.975   1.00 29.88  ? 67   ASP A OD2 1 
ATOM   539  N N   . SER A 1 68  ? 2.729   -7.079  -0.833  1.00 24.38  ? 68   SER A N   1 
ATOM   540  C CA  . SER A 1 68  ? 3.403   -6.288  -1.836  1.00 20.59  ? 68   SER A CA  1 
ATOM   541  C C   . SER A 1 68  ? 4.426   -5.375  -1.169  1.00 22.19  ? 68   SER A C   1 
ATOM   542  O O   . SER A 1 68  ? 4.376   -5.136  0.033   1.00 25.57  ? 68   SER A O   1 
ATOM   543  C CB  . SER A 1 68  ? 2.390   -5.488  -2.666  1.00 28.62  ? 68   SER A CB  1 
ATOM   544  O OG  . SER A 1 68  ? 1.622   -4.618  -1.851  1.00 28.92  ? 68   SER A OG  1 
ATOM   545  N N   . GLY A 1 69  ? 5.363   -4.873  -1.953  1.00 21.47  ? 69   GLY A N   1 
ATOM   546  C CA  . GLY A 1 69  ? 6.371   -3.990  -1.409  1.00 26.10  ? 69   GLY A CA  1 
ATOM   547  C C   . GLY A 1 69  ? 7.692   -4.168  -2.109  1.00 26.04  ? 69   GLY A C   1 
ATOM   548  O O   . GLY A 1 69  ? 7.805   -4.882  -3.115  1.00 29.08  ? 69   GLY A O   1 
ATOM   549  N N   . GLU A 1 70  ? 8.702   -3.504  -1.570  1.00 31.08  ? 70   GLU A N   1 
ATOM   550  C CA  . GLU A 1 70  ? 10.043  -3.576  -2.105  1.00 42.64  ? 70   GLU A CA  1 
ATOM   551  C C   . GLU A 1 70  ? 10.817  -4.591  -1.279  1.00 32.37  ? 70   GLU A C   1 
ATOM   552  O O   . GLU A 1 70  ? 10.999  -4.417  -0.078  1.00 34.01  ? 70   GLU A O   1 
ATOM   553  C CB  . GLU A 1 70  ? 10.697  -2.201  -2.036  1.00 37.39  ? 70   GLU A CB  1 
ATOM   554  C CG  . GLU A 1 70  ? 12.132  -2.160  -2.515  1.00 58.28  ? 70   GLU A CG  1 
ATOM   555  C CD  . GLU A 1 70  ? 12.606  -0.745  -2.789  1.00 85.02  ? 70   GLU A CD  1 
ATOM   556  O OE1 . GLU A 1 70  ? 13.531  -0.276  -2.091  1.00 64.32  ? 70   GLU A OE1 1 
ATOM   557  O OE2 . GLU A 1 70  ? 12.040  -0.101  -3.697  1.00 80.88  ? 70   GLU A OE2 1 
ATOM   558  N N   . TYR A 1 71  ? 11.228  -5.675  -1.918  1.00 35.22  ? 71   TYR A N   1 
ATOM   559  C CA  . TYR A 1 71  ? 11.970  -6.714  -1.220  1.00 29.47  ? 71   TYR A CA  1 
ATOM   560  C C   . TYR A 1 71  ? 13.447  -6.577  -1.544  1.00 32.35  ? 71   TYR A C   1 
ATOM   561  O O   . TYR A 1 71  ? 13.804  -6.212  -2.659  1.00 35.94  ? 71   TYR A O   1 
ATOM   562  C CB  . TYR A 1 71  ? 11.494  -8.100  -1.647  1.00 28.62  ? 71   TYR A CB  1 
ATOM   563  C CG  . TYR A 1 71  ? 10.162  -8.513  -1.072  1.00 34.97  ? 71   TYR A CG  1 
ATOM   564  C CD1 . TYR A 1 71  ? 8.975   -7.951  -1.536  1.00 30.69  ? 71   TYR A CD1 1 
ATOM   565  C CD2 . TYR A 1 71  ? 10.085  -9.483  -0.081  1.00 27.28  ? 71   TYR A CD2 1 
ATOM   566  C CE1 . TYR A 1 71  ? 7.762   -8.334  -1.020  1.00 21.24  ? 71   TYR A CE1 1 
ATOM   567  C CE2 . TYR A 1 71  ? 8.880   -9.875  0.441   1.00 28.20  ? 71   TYR A CE2 1 
ATOM   568  C CZ  . TYR A 1 71  ? 7.713   -9.295  -0.037  1.00 29.93  ? 71   TYR A CZ  1 
ATOM   569  O OH  . TYR A 1 71  ? 6.504   -9.679  0.476   1.00 27.71  ? 71   TYR A OH  1 
ATOM   570  N N   . HIS A 1 72  ? 14.295  -6.847  -0.555  1.00 36.91  ? 72   HIS A N   1 
ATOM   571  C CA  A HIS A 1 72  ? 15.737  -6.896  -0.769  0.46 35.14  ? 72   HIS A CA  1 
ATOM   572  C CA  B HIS A 1 72  ? 15.739  -6.895  -0.768  0.54 35.18  ? 72   HIS A CA  1 
ATOM   573  C C   . HIS A 1 72  ? 16.292  -8.243  -0.342  1.00 28.80  ? 72   HIS A C   1 
ATOM   574  O O   . HIS A 1 72  ? 15.913  -8.776  0.700   1.00 36.73  ? 72   HIS A O   1 
ATOM   575  C CB  A HIS A 1 72  ? 16.450  -5.791  0.014   0.46 31.70  ? 72   HIS A CB  1 
ATOM   576  C CB  B HIS A 1 72  ? 16.452  -5.795  0.025   0.54 31.69  ? 72   HIS A CB  1 
ATOM   577  C CG  A HIS A 1 72  ? 16.195  -4.414  -0.512  0.46 44.45  ? 72   HIS A CG  1 
ATOM   578  C CG  B HIS A 1 72  ? 16.113  -4.407  -0.420  0.54 46.65  ? 72   HIS A CG  1 
ATOM   579  N ND1 A HIS A 1 72  ? 15.135  -3.640  -0.094  0.46 58.02  ? 72   HIS A ND1 1 
ATOM   580  N ND1 B HIS A 1 72  ? 16.909  -3.688  -1.285  0.54 41.68  ? 72   HIS A ND1 1 
ATOM   581  C CD2 A HIS A 1 72  ? 16.865  -3.671  -1.426  0.46 41.65  ? 72   HIS A CD2 1 
ATOM   582  C CD2 B HIS A 1 72  ? 15.065  -3.606  -0.120  0.54 56.82  ? 72   HIS A CD2 1 
ATOM   583  C CE1 A HIS A 1 72  ? 15.161  -2.481  -0.725  0.46 51.32  ? 72   HIS A CE1 1 
ATOM   584  C CE1 B HIS A 1 72  ? 16.366  -2.504  -1.498  0.54 41.23  ? 72   HIS A CE1 1 
ATOM   585  N NE2 A HIS A 1 72  ? 16.202  -2.475  -1.540  0.46 43.00  ? 72   HIS A NE2 1 
ATOM   586  N NE2 B HIS A 1 72  ? 15.245  -2.428  -0.804  0.54 52.79  ? 72   HIS A NE2 1 
ATOM   587  N N   . CYS A 1 73  ? 17.175  -8.796  -1.164  1.00 30.64  ? 73   CYS A N   1 
ATOM   588  C CA  . CYS A 1 73  ? 17.980  -9.940  -0.747  1.00 34.36  ? 73   CYS A CA  1 
ATOM   589  C C   . CYS A 1 73  ? 19.307  -9.329  -0.347  1.00 30.39  ? 73   CYS A C   1 
ATOM   590  O O   . CYS A 1 73  ? 19.947  -8.645  -1.144  1.00 36.87  ? 73   CYS A O   1 
ATOM   591  C CB  . CYS A 1 73  ? 18.172  -10.947 -1.883  1.00 33.96  ? 73   CYS A CB  1 
ATOM   592  S SG  . CYS A 1 73  ? 18.778  -10.220 -3.416  1.00 31.89  ? 73   CYS A SG  1 
ATOM   593  N N   . VAL A 1 74  ? 19.697  -9.539  0.905   1.00 35.51  ? 74   VAL A N   1 
ATOM   594  C CA  . VAL A 1 74  ? 20.893  -8.923  1.451   1.00 45.01  ? 74   VAL A CA  1 
ATOM   595  C C   . VAL A 1 74  ? 21.952  -9.985  1.701   1.00 37.35  ? 74   VAL A C   1 
ATOM   596  O O   . VAL A 1 74  ? 21.656  -11.076 2.184   1.00 34.50  ? 74   VAL A O   1 
ATOM   597  C CB  . VAL A 1 74  ? 20.589  -8.176  2.762   1.00 43.20  ? 74   VAL A CB  1 
ATOM   598  C CG1 . VAL A 1 74  ? 21.839  -7.472  3.283   1.00 49.76  ? 74   VAL A CG1 1 
ATOM   599  C CG2 . VAL A 1 74  ? 19.446  -7.183  2.552   1.00 31.61  ? 74   VAL A CG2 1 
ATOM   600  N N   . TYR A 1 75  ? 23.187  -9.659  1.347   1.00 38.20  ? 75   TYR A N   1 
ATOM   601  C CA  . TYR A 1 75  ? 24.298  -10.584 1.514   1.00 32.89  ? 75   TYR A CA  1 
ATOM   602  C C   . TYR A 1 75  ? 25.337  -9.965  2.428   1.00 27.89  ? 75   TYR A C   1 
ATOM   603  O O   . TYR A 1 75  ? 25.924  -8.932  2.097   1.00 36.52  ? 75   TYR A O   1 
ATOM   604  C CB  . TYR A 1 75  ? 24.926  -10.893 0.160   1.00 36.38  ? 75   TYR A CB  1 
ATOM   605  C CG  . TYR A 1 75  ? 24.059  -11.730 -0.743  1.00 42.96  ? 75   TYR A CG  1 
ATOM   606  C CD1 . TYR A 1 75  ? 24.202  -13.102 -0.783  1.00 27.41  ? 75   TYR A CD1 1 
ATOM   607  C CD2 . TYR A 1 75  ? 23.097  -11.149 -1.557  1.00 40.17  ? 75   TYR A CD2 1 
ATOM   608  C CE1 . TYR A 1 75  ? 23.429  -13.882 -1.610  1.00 39.23  ? 75   TYR A CE1 1 
ATOM   609  C CE2 . TYR A 1 75  ? 22.310  -11.920 -2.389  1.00 31.54  ? 75   TYR A CE2 1 
ATOM   610  C CZ  . TYR A 1 75  ? 22.478  -13.288 -2.407  1.00 36.28  ? 75   TYR A CZ  1 
ATOM   611  O OH  . TYR A 1 75  ? 21.703  -14.075 -3.227  1.00 32.35  ? 75   TYR A OH  1 
ATOM   612  N N   . HIS A 1 76  ? 25.555  -10.586 3.581   1.00 40.33  ? 76   HIS A N   1 
ATOM   613  C CA  . HIS A 1 76  ? 26.563  -10.106 4.520   1.00 62.07  ? 76   HIS A CA  1 
ATOM   614  C C   . HIS A 1 76  ? 27.838  -10.926 4.375   1.00 58.17  ? 76   HIS A C   1 
ATOM   615  O O   . HIS A 1 76  ? 27.819  -12.152 4.478   1.00 38.69  ? 76   HIS A O   1 
ATOM   616  C CB  . HIS A 1 76  ? 26.043  -10.161 5.961   1.00 83.54  ? 76   HIS A CB  1 
ATOM   617  C CG  . HIS A 1 76  ? 26.979  -9.562  6.967   1.00 133.15 ? 76   HIS A CG  1 
ATOM   618  N ND1 . HIS A 1 76  ? 27.460  -8.275  6.864   1.00 156.61 ? 76   HIS A ND1 1 
ATOM   619  C CD2 . HIS A 1 76  ? 27.510  -10.072 8.104   1.00 90.01  ? 76   HIS A CD2 1 
ATOM   620  C CE1 . HIS A 1 76  ? 28.255  -8.020  7.889   1.00 75.59  ? 76   HIS A CE1 1 
ATOM   621  N NE2 . HIS A 1 76  ? 28.301  -9.094  8.657   1.00 111.84 ? 76   HIS A NE2 1 
ATOM   622  N N   . PHE A 1 77  ? 28.946  -10.242 4.123   1.00 63.15  ? 77   PHE A N   1 
ATOM   623  C CA  . PHE A 1 77  ? 30.210  -10.923 3.904   1.00 71.78  ? 77   PHE A CA  1 
ATOM   624  C C   . PHE A 1 77  ? 31.144  -10.786 5.091   1.00 60.63  ? 77   PHE A C   1 
ATOM   625  O O   . PHE A 1 77  ? 31.085  -9.812  5.840   1.00 98.34  ? 77   PHE A O   1 
ATOM   626  C CB  . PHE A 1 77  ? 30.889  -10.398 2.640   1.00 42.20  ? 77   PHE A CB  1 
ATOM   627  C CG  . PHE A 1 77  ? 30.113  -10.667 1.395   1.00 51.08  ? 77   PHE A CG  1 
ATOM   628  C CD1 . PHE A 1 77  ? 30.149  -11.918 0.806   1.00 41.03  ? 77   PHE A CD1 1 
ATOM   629  C CD2 . PHE A 1 77  ? 29.333  -9.679  0.822   1.00 39.59  ? 77   PHE A CD2 1 
ATOM   630  C CE1 . PHE A 1 77  ? 29.422  -12.180 -0.341  1.00 47.43  ? 77   PHE A CE1 1 
ATOM   631  C CE2 . PHE A 1 77  ? 28.609  -9.934  -0.326  1.00 34.45  ? 77   PHE A CE2 1 
ATOM   632  C CZ  . PHE A 1 77  ? 28.655  -11.192 -0.908  1.00 37.21  ? 77   PHE A CZ  1 
ATOM   633  N N   . VAL A 1 78  ? 31.999  -11.788 5.257   1.00 124.98 ? 78   VAL A N   1 
ATOM   634  C CA  . VAL A 1 78  ? 33.072  -11.721 6.228   1.00 52.75  ? 78   VAL A CA  1 
ATOM   635  C C   . VAL A 1 78  ? 34.155  -10.833 5.647   1.00 79.37  ? 78   VAL A C   1 
ATOM   636  O O   . VAL A 1 78  ? 34.670  -11.107 4.559   1.00 70.58  ? 78   VAL A O   1 
ATOM   637  C CB  . VAL A 1 78  ? 33.667  -13.109 6.482   1.00 51.27  ? 78   VAL A CB  1 
ATOM   638  C CG1 . VAL A 1 78  ? 34.445  -13.116 7.785   1.00 114.86 ? 78   VAL A CG1 1 
ATOM   639  C CG2 . VAL A 1 78  ? 32.565  -14.155 6.507   1.00 52.03  ? 78   VAL A CG2 1 
ATOM   640  N N   . SER A 1 79  ? 34.473  -9.753  6.355   1.00 48.12  ? 79   SER A N   1 
ATOM   641  C CA  . SER A 1 79  ? 35.618  -8.917  5.997   1.00 108.19 ? 79   SER A CA  1 
ATOM   642  C C   . SER A 1 79  ? 35.326  -7.998  4.812   1.00 104.40 ? 79   SER A C   1 
ATOM   643  O O   . SER A 1 79  ? 36.241  -7.439  4.208   1.00 79.82  ? 79   SER A O   1 
ATOM   644  C CB  . SER A 1 79  ? 36.843  -9.799  5.714   1.00 109.45 ? 79   SER A CB  1 
ATOM   645  O OG  . SER A 1 79  ? 37.841  -9.107  4.984   1.00 145.86 ? 79   SER A OG  1 
ATOM   646  N N   . ALA A 1 80  ? 34.049  -7.834  4.487   1.00 47.63  ? 80   ALA A N   1 
ATOM   647  C CA  . ALA A 1 80  ? 33.665  -6.999  3.357   1.00 36.64  ? 80   ALA A CA  1 
ATOM   648  C C   . ALA A 1 80  ? 32.273  -6.418  3.579   1.00 47.48  ? 80   ALA A C   1 
ATOM   649  O O   . ALA A 1 80  ? 31.486  -6.975  4.346   1.00 52.50  ? 80   ALA A O   1 
ATOM   650  C CB  . ALA A 1 80  ? 33.702  -7.803  2.062   1.00 50.27  ? 80   ALA A CB  1 
ATOM   651  N N   . PRO A 1 81  ? 31.969  -5.298  2.901   1.00 47.32  ? 81   PRO A N   1 
ATOM   652  C CA  . PRO A 1 81  ? 30.667  -4.637  3.040   1.00 55.27  ? 81   PRO A CA  1 
ATOM   653  C C   . PRO A 1 81  ? 29.542  -5.537  2.536   1.00 59.16  ? 81   PRO A C   1 
ATOM   654  O O   . PRO A 1 81  ? 29.776  -6.373  1.659   1.00 48.90  ? 81   PRO A O   1 
ATOM   655  C CB  . PRO A 1 81  ? 30.793  -3.408  2.127   1.00 49.42  ? 81   PRO A CB  1 
ATOM   656  C CG  . PRO A 1 81  ? 32.247  -3.272  1.814   1.00 68.44  ? 81   PRO A CG  1 
ATOM   657  C CD  . PRO A 1 81  ? 32.807  -4.654  1.876   1.00 53.67  ? 81   PRO A CD  1 
ATOM   658  N N   . LYS A 1 82  ? 28.346  -5.368  3.093   1.00 71.46  ? 82   LYS A N   1 
ATOM   659  C CA  . LYS A 1 82  ? 27.158  -6.076  2.625   1.00 63.70  ? 82   LYS A CA  1 
ATOM   660  C C   . LYS A 1 82  ? 26.843  -5.741  1.167   1.00 47.28  ? 82   LYS A C   1 
ATOM   661  O O   . LYS A 1 82  ? 27.265  -4.709  0.647   1.00 43.59  ? 82   LYS A O   1 
ATOM   662  C CB  . LYS A 1 82  ? 25.943  -5.707  3.484   1.00 99.28  ? 82   LYS A CB  1 
ATOM   663  C CG  . LYS A 1 82  ? 25.745  -6.533  4.753   1.00 49.73  ? 82   LYS A CG  1 
ATOM   664  C CD  . LYS A 1 82  ? 24.399  -6.188  5.398   1.00 74.09  ? 82   LYS A CD  1 
ATOM   665  C CE  . LYS A 1 82  ? 23.991  -7.191  6.472   1.00 45.94  ? 82   LYS A CE  1 
ATOM   666  N NZ  . LYS A 1 82  ? 24.732  -6.976  7.745   1.00 92.10  ? 82   LYS A NZ  1 
ATOM   667  N N   . ALA A 1 83  ? 26.095  -6.621  0.510   1.00 44.26  ? 83   ALA A N   1 
ATOM   668  C CA  . ALA A 1 83  ? 25.563  -6.331  -0.813  1.00 52.82  ? 83   ALA A CA  1 
ATOM   669  C C   . ALA A 1 83  ? 24.084  -6.707  -0.858  1.00 42.48  ? 83   ALA A C   1 
ATOM   670  O O   . ALA A 1 83  ? 23.644  -7.620  -0.163  1.00 43.73  ? 83   ALA A O   1 
ATOM   671  C CB  . ALA A 1 83  ? 26.338  -7.083  -1.878  1.00 36.28  ? 83   ALA A CB  1 
ATOM   672  N N   . ASN A 1 84  ? 23.315  -6.004  -1.676  1.00 38.62  ? 84   ASN A N   1 
ATOM   673  C CA  . ASN A 1 84  ? 21.907  -6.328  -1.817  1.00 38.47  ? 84   ASN A CA  1 
ATOM   674  C C   . ASN A 1 84  ? 21.426  -6.094  -3.233  1.00 42.92  ? 84   ASN A C   1 
ATOM   675  O O   . ASN A 1 84  ? 22.075  -5.399  -4.011  1.00 40.37  ? 84   ASN A O   1 
ATOM   676  C CB  . ASN A 1 84  ? 21.056  -5.522  -0.824  1.00 47.76  ? 84   ASN A CB  1 
ATOM   677  C CG  . ASN A 1 84  ? 20.769  -4.106  -1.305  1.00 69.06  ? 84   ASN A CG  1 
ATOM   678  O OD1 . ASN A 1 84  ? 20.026  -3.900  -2.263  1.00 97.16  ? 84   ASN A OD1 1 
ATOM   679  N ND2 . ASN A 1 84  ? 21.345  -3.121  -0.624  1.00 45.23  ? 84   ASN A ND2 1 
ATOM   680  N N   . ALA A 1 85  ? 20.291  -6.701  -3.561  1.00 38.51  ? 85   ALA A N   1 
ATOM   681  C CA  . ALA A 1 85  ? 19.580  -6.413  -4.792  1.00 33.28  ? 85   ALA A CA  1 
ATOM   682  C C   . ALA A 1 85  ? 18.102  -6.273  -4.443  1.00 38.94  ? 85   ALA A C   1 
ATOM   683  O O   . ALA A 1 85  ? 17.675  -6.677  -3.363  1.00 31.62  ? 85   ALA A O   1 
ATOM   684  C CB  . ALA A 1 85  ? 19.787  -7.525  -5.799  1.00 32.74  ? 85   ALA A CB  1 
ATOM   685  N N   . THR A 1 86  ? 17.330  -5.706  -5.360  1.00 44.09  ? 86   THR A N   1 
ATOM   686  C CA  . THR A 1 86  ? 15.949  -5.336  -5.077  1.00 44.30  ? 86   THR A CA  1 
ATOM   687  C C   . THR A 1 86  ? 14.982  -6.051  -6.013  1.00 33.60  ? 86   THR A C   1 
ATOM   688  O O   . THR A 1 86  ? 15.263  -6.222  -7.203  1.00 40.08  ? 86   THR A O   1 
ATOM   689  C CB  . THR A 1 86  ? 15.763  -3.811  -5.206  1.00 46.79  ? 86   THR A CB  1 
ATOM   690  O OG1 . THR A 1 86  ? 16.572  -3.150  -4.226  1.00 40.66  ? 86   THR A OG1 1 
ATOM   691  C CG2 . THR A 1 86  ? 14.315  -3.418  -4.995  1.00 39.06  ? 86   THR A CG2 1 
ATOM   692  N N   . ILE A 1 87  ? 13.867  -6.512  -5.459  1.00 30.97  ? 87   ILE A N   1 
ATOM   693  C CA  . ILE A 1 87  ? 12.765  -7.018  -6.269  1.00 29.81  ? 87   ILE A CA  1 
ATOM   694  C C   . ILE A 1 87  ? 11.487  -6.332  -5.823  1.00 32.12  ? 87   ILE A C   1 
ATOM   695  O O   . ILE A 1 87  ? 11.158  -6.310  -4.636  1.00 30.57  ? 87   ILE A O   1 
ATOM   696  C CB  . ILE A 1 87  ? 12.547  -8.527  -6.134  1.00 30.76  ? 87   ILE A CB  1 
ATOM   697  C CG1 . ILE A 1 87  ? 13.817  -9.312  -6.494  1.00 24.97  ? 87   ILE A CG1 1 
ATOM   698  C CG2 . ILE A 1 87  ? 11.364  -8.956  -7.008  1.00 25.90  ? 87   ILE A CG2 1 
ATOM   699  C CD1 . ILE A 1 87  ? 13.682  -10.800 -6.232  1.00 26.45  ? 87   ILE A CD1 1 
ATOM   700  N N   . GLU A 1 88  ? 10.771  -5.771  -6.788  1.00 32.04  ? 88   GLU A N   1 
ATOM   701  C CA  . GLU A 1 88  ? 9.513   -5.121  -6.511  1.00 44.09  ? 88   GLU A CA  1 
ATOM   702  C C   . GLU A 1 88  ? 8.376   -6.111  -6.688  1.00 26.69  ? 88   GLU A C   1 
ATOM   703  O O   . GLU A 1 88  ? 8.292   -6.801  -7.708  1.00 30.48  ? 88   GLU A O   1 
ATOM   704  C CB  . GLU A 1 88  ? 9.318   -3.923  -7.441  1.00 40.48  ? 88   GLU A CB  1 
ATOM   705  C CG  . GLU A 1 88  ? 10.139  -2.700  -7.065  1.00 41.17  ? 88   GLU A CG  1 
ATOM   706  C CD  . GLU A 1 88  ? 9.797   -1.495  -7.921  1.00 111.29 ? 88   GLU A CD  1 
ATOM   707  O OE1 . GLU A 1 88  ? 9.794   -1.629  -9.162  1.00 58.58  ? 88   GLU A OE1 1 
ATOM   708  O OE2 . GLU A 1 88  ? 9.527   -0.415  -7.357  1.00 102.83 ? 88   GLU A OE2 1 
ATOM   709  N N   . VAL A 1 89  ? 7.509   -6.180  -5.680  1.00 28.95  ? 89   VAL A N   1 
ATOM   710  C CA  . VAL A 1 89  ? 6.285   -6.968  -5.758  1.00 21.51  ? 89   VAL A CA  1 
ATOM   711  C C   . VAL A 1 89  ? 5.109   -6.002  -5.669  1.00 28.80  ? 89   VAL A C   1 
ATOM   712  O O   . VAL A 1 89  ? 4.922   -5.344  -4.648  1.00 25.60  ? 89   VAL A O   1 
ATOM   713  C CB  . VAL A 1 89  ? 6.205   -7.974  -4.605  1.00 22.98  ? 89   VAL A CB  1 
ATOM   714  C CG1 . VAL A 1 89  ? 4.932   -8.754  -4.682  1.00 28.93  ? 89   VAL A CG1 1 
ATOM   715  C CG2 . VAL A 1 89  ? 7.395   -8.930  -4.666  1.00 22.42  ? 89   VAL A CG2 1 
ATOM   716  N N   . LYS A 1 90  ? 4.322   -5.918  -6.739  1.00 27.27  ? 90   LYS A N   1 
ATOM   717  C CA  . LYS A 1 90  ? 3.248   -4.927  -6.831  1.00 24.23  ? 90   LYS A CA  1 
ATOM   718  C C   . LYS A 1 90  ? 1.868   -5.562  -6.752  1.00 32.17  ? 90   LYS A C   1 
ATOM   719  O O   . LYS A 1 90  ? 1.663   -6.659  -7.262  1.00 25.91  ? 90   LYS A O   1 
ATOM   720  C CB  . LYS A 1 90  ? 3.379   -4.151  -8.140  1.00 23.60  ? 90   LYS A CB  1 
ATOM   721  C CG  . LYS A 1 90  ? 4.744   -3.529  -8.320  1.00 29.32  ? 90   LYS A CG  1 
ATOM   722  C CD  . LYS A 1 90  ? 4.833   -2.701  -9.582  1.00 39.20  ? 90   LYS A CD  1 
ATOM   723  C CE  . LYS A 1 90  ? 6.128   -1.889  -9.581  1.00 38.49  ? 90   LYS A CE  1 
ATOM   724  N NZ  . LYS A 1 90  ? 6.348   -1.218  -10.888 1.00 44.75  ? 90   LYS A NZ  1 
ATOM   725  N N   . ALA A 1 91  ? 0.922   -4.868  -6.111  1.00 20.75  ? 91   ALA A N   1 
ATOM   726  C CA  . ALA A 1 91  ? -0.449  -5.345  -6.005  1.00 22.68  ? 91   ALA A CA  1 
ATOM   727  C C   . ALA A 1 91  ? -1.407  -4.151  -6.069  1.00 32.98  ? 91   ALA A C   1 
ATOM   728  O O   . ALA A 1 91  ? -0.992  -3.013  -5.828  1.00 23.84  ? 91   ALA A O   1 
ATOM   729  C CB  . ALA A 1 91  ? -0.648  -6.093  -4.690  1.00 26.08  ? 91   ALA A CB  1 
ATOM   730  N N   . ALA A 1 92  ? -2.671  -4.407  -6.403  1.00 24.11  ? 92   ALA A N   1 
ATOM   731  C CA  . ALA A 1 92  ? -3.708  -3.368  -6.324  1.00 23.66  ? 92   ALA A CA  1 
ATOM   732  C C   . ALA A 1 92  ? -3.964  -3.007  -4.862  1.00 27.72  ? 92   ALA A C   1 
ATOM   733  O O   . ALA A 1 92  ? -3.784  -3.833  -3.968  1.00 29.07  ? 92   ALA A O   1 
ATOM   734  C CB  . ALA A 1 92  ? -5.012  -3.836  -6.998  1.00 25.54  ? 92   ALA A CB  1 
ATOM   735  N N   . PRO A 1 93  ? -4.393  -1.764  -4.605  1.00 30.62  ? 93   PRO A N   1 
ATOM   736  C CA  . PRO A 1 93  ? -4.551  -1.358  -3.209  1.00 21.85  ? 93   PRO A CA  1 
ATOM   737  C C   . PRO A 1 93  ? -5.659  -2.131  -2.498  1.00 23.19  ? 93   PRO A C   1 
ATOM   738  O O   . PRO A 1 93  ? -6.602  -2.612  -3.114  1.00 27.60  ? 93   PRO A O   1 
ATOM   739  C CB  . PRO A 1 93  ? -4.955  0.131   -3.316  1.00 24.14  ? 93   PRO A CB  1 
ATOM   740  C CG  . PRO A 1 93  ? -4.471  0.557   -4.668  1.00 30.16  ? 93   PRO A CG  1 
ATOM   741  C CD  . PRO A 1 93  ? -4.646  -0.654  -5.540  1.00 27.84  ? 93   PRO A CD  1 
ATOM   742  N N   . ASP A 1 94  ? -5.529  -2.219  -1.182  1.00 27.08  ? 94   ASP A N   1 
ATOM   743  C CA  . ASP A 1 94  ? -6.560  -2.767  -0.334  1.00 26.50  ? 94   ASP A CA  1 
ATOM   744  C C   . ASP A 1 94  ? -6.842  -1.707  0.722   1.00 23.48  ? 94   ASP A C   1 
ATOM   745  O O   . ASP A 1 94  ? -5.927  -1.265  1.403   1.00 30.41  ? 94   ASP A O   1 
ATOM   746  C CB  . ASP A 1 94  ? -6.036  -4.040  0.327   1.00 39.73  ? 94   ASP A CB  1 
ATOM   747  C CG  . ASP A 1 94  ? -7.129  -4.857  0.971   1.00 56.34  ? 94   ASP A CG  1 
ATOM   748  O OD1 . ASP A 1 94  ? -8.281  -4.781  0.500   1.00 76.28  ? 94   ASP A OD1 1 
ATOM   749  O OD2 . ASP A 1 94  ? -6.830  -5.588  1.938   1.00 81.88  ? 94   ASP A OD2 1 
ATOM   750  N N   . ILE A 1 95  ? -8.098  -1.279  0.849   1.00 29.34  ? 95   ILE A N   1 
ATOM   751  C CA  . ILE A 1 95  ? -8.431  -0.298  1.878   1.00 31.58  ? 95   ILE A CA  1 
ATOM   752  C C   . ILE A 1 95  ? -8.710  -1.027  3.180   1.00 28.50  ? 95   ILE A C   1 
ATOM   753  O O   . ILE A 1 95  ? -9.641  -1.819  3.262   1.00 35.53  ? 95   ILE A O   1 
ATOM   754  C CB  . ILE A 1 95  ? -9.635  0.587   1.478   1.00 30.28  ? 95   ILE A CB  1 
ATOM   755  C CG1 . ILE A 1 95  ? -9.245  1.518   0.321   1.00 24.23  ? 95   ILE A CG1 1 
ATOM   756  C CG2 . ILE A 1 95  ? -10.102 1.409   2.665   1.00 27.83  ? 95   ILE A CG2 1 
ATOM   757  C CD1 . ILE A 1 95  ? -10.432 2.096   -0.416  1.00 38.63  ? 95   ILE A CD1 1 
ATOM   758  N N   . THR A 1 96  ? -7.885  -0.781  4.190   1.00 28.16  ? 96   THR A N   1 
ATOM   759  C CA  . THR A 1 96  ? -7.966  -1.541  5.432   1.00 33.28  ? 96   THR A CA  1 
ATOM   760  C C   . THR A 1 96  ? -8.709  -0.843  6.562   1.00 60.72  ? 96   THR A C   1 
ATOM   761  O O   . THR A 1 96  ? -9.011  -1.460  7.583   1.00 31.55  ? 96   THR A O   1 
ATOM   762  C CB  . THR A 1 96  ? -6.568  -1.917  5.936   1.00 28.24  ? 96   THR A CB  1 
ATOM   763  O OG1 . THR A 1 96  ? -5.773  -0.730  6.052   1.00 36.11  ? 96   THR A OG1 1 
ATOM   764  C CG2 . THR A 1 96  ? -5.896  -2.879  4.961   1.00 40.79  ? 96   THR A CG2 1 
ATOM   765  N N   . GLY A 1 97  ? -9.004  0.437   6.392   1.00 34.78  ? 97   GLY A N   1 
ATOM   766  C CA  . GLY A 1 97  ? -9.684  1.172   7.438   1.00 38.67  ? 97   GLY A CA  1 
ATOM   767  C C   . GLY A 1 97  ? -10.479 2.343   6.901   1.00 27.76  ? 97   GLY A C   1 
ATOM   768  O O   . GLY A 1 97  ? -10.054 3.008   5.959   1.00 35.73  ? 97   GLY A O   1 
ATOM   769  N N   . HIS A 1 98  ? -11.639 2.574   7.500   1.00 29.56  ? 98   HIS A N   1 
ATOM   770  C CA  . HIS A 1 98  ? -12.461 3.742   7.182   1.00 33.44  ? 98   HIS A CA  1 
ATOM   771  C C   . HIS A 1 98  ? -13.583 3.868   8.208   1.00 41.42  ? 98   HIS A C   1 
ATOM   772  O O   . HIS A 1 98  ? -13.728 3.001   9.062   1.00 36.62  ? 98   HIS A O   1 
ATOM   773  C CB  . HIS A 1 98  ? -13.016 3.650   5.755   1.00 32.44  ? 98   HIS A CB  1 
ATOM   774  C CG  . HIS A 1 98  ? -14.192 2.731   5.608   1.00 49.58  ? 98   HIS A CG  1 
ATOM   775  N ND1 . HIS A 1 98  ? -14.120 1.378   5.859   1.00 50.38  ? 98   HIS A ND1 1 
ATOM   776  C CD2 . HIS A 1 98  ? -15.462 2.970   5.203   1.00 29.03  ? 98   HIS A CD2 1 
ATOM   777  C CE1 . HIS A 1 98  ? -15.300 0.825   5.633   1.00 35.82  ? 98   HIS A CE1 1 
ATOM   778  N NE2 . HIS A 1 98  ? -16.134 1.770   5.236   1.00 38.60  ? 98   HIS A NE2 1 
ATOM   779  N N   . LYS A 1 99  ? -14.356 4.952   8.147   1.00 36.18  ? 99   LYS A N   1 
ATOM   780  C CA  . LYS A 1 99  ? -15.577 5.048   8.945   1.00 27.60  ? 99   LYS A CA  1 
ATOM   781  C C   . LYS A 1 99  ? -16.773 4.583   8.135   1.00 30.45  ? 99   LYS A C   1 
ATOM   782  O O   . LYS A 1 99  ? -17.003 5.059   7.023   1.00 37.81  ? 99   LYS A O   1 
ATOM   783  C CB  . LYS A 1 99  ? -15.847 6.485   9.379   1.00 54.50  ? 99   LYS A CB  1 
ATOM   784  C CG  . LYS A 1 99  ? -14.843 7.061   10.326  1.00 40.09  ? 99   LYS A CG  1 
ATOM   785  C CD  . LYS A 1 99  ? -15.361 8.366   10.890  1.00 37.42  ? 99   LYS A CD  1 
ATOM   786  C CE  . LYS A 1 99  ? -14.245 9.148   11.562  1.00 54.52  ? 99   LYS A CE  1 
ATOM   787  N NZ  . LYS A 1 99  ? -14.740 10.404  12.204  1.00 44.45  ? 99   LYS A NZ  1 
ATOM   788  N N   . ARG A 1 100 ? -17.552 3.668   8.697   1.00 33.12  ? 100  ARG A N   1 
ATOM   789  C CA  . ARG A 1 100 ? -18.765 3.212   8.043   1.00 42.46  ? 100  ARG A CA  1 
ATOM   790  C C   . ARG A 1 100 ? -19.779 4.348   7.990   1.00 38.83  ? 100  ARG A C   1 
ATOM   791  O O   . ARG A 1 100 ? -20.540 4.481   7.027   1.00 39.53  ? 100  ARG A O   1 
ATOM   792  C CB  . ARG A 1 100 ? -19.345 2.005   8.786   1.00 68.75  ? 100  ARG A CB  1 
ATOM   793  C CG  . ARG A 1 100 ? -18.892 1.901   10.242  1.00 133.38 ? 100  ARG A CG  1 
ATOM   794  C CD  . ARG A 1 100 ? -19.409 3.059   11.093  1.00 132.20 ? 100  ARG A CD  1 
ATOM   795  N NE  . ARG A 1 100 ? -18.468 3.574   12.099  1.00 38.68  ? 100  ARG A NE  1 
ATOM   796  C CZ  . ARG A 1 100 ? -17.214 3.166   12.280  1.00 28.78  ? 100  ARG A CZ  1 
ATOM   797  N NH1 . ARG A 1 100 ? -16.682 2.224   11.513  1.00 53.88  ? 100  ARG A NH1 1 
ATOM   798  N NH2 . ARG A 1 100 ? -16.473 3.735   13.224  1.00 42.18  ? 100  ARG A NH2 1 
ATOM   799  N N   . SER A 1 101 ? -19.782 5.177   9.026   1.00 37.90  ? 101  SER A N   1 
ATOM   800  C CA  . SER A 1 101 ? -20.761 6.251   9.103   1.00 44.59  ? 101  SER A CA  1 
ATOM   801  C C   . SER A 1 101 ? -20.333 7.331   10.074  1.00 49.05  ? 101  SER A C   1 
ATOM   802  O O   . SER A 1 101 ? -19.558 7.088   10.997  1.00 36.76  ? 101  SER A O   1 
ATOM   803  C CB  . SER A 1 101 ? -22.132 5.708   9.507   1.00 51.13  ? 101  SER A CB  1 
ATOM   804  O OG  . SER A 1 101 ? -22.221 5.561   10.910  1.00 44.60  ? 101  SER A OG  1 
ATOM   805  N N   . GLU A 1 102 ? -20.855 8.531   9.858   1.00 29.54  ? 102  GLU A N   1 
ATOM   806  C CA  . GLU A 1 102 ? -20.539 9.664   10.707  1.00 37.59  ? 102  GLU A CA  1 
ATOM   807  C C   . GLU A 1 102 ? -21.777 10.536  10.907  1.00 45.05  ? 102  GLU A C   1 
ATOM   808  O O   . GLU A 1 102 ? -22.435 10.927  9.944   1.00 40.90  ? 102  GLU A O   1 
ATOM   809  C CB  . GLU A 1 102 ? -19.412 10.478  10.076  1.00 42.34  ? 102  GLU A CB  1 
ATOM   810  C CG  . GLU A 1 102 ? -18.515 11.166  11.083  1.00 51.56  ? 102  GLU A CG  1 
ATOM   811  C CD  . GLU A 1 102 ? -17.828 12.358  10.483  1.00 49.48  ? 102  GLU A CD  1 
ATOM   812  O OE1 . GLU A 1 102 ? -17.970 12.556  9.260   1.00 85.39  ? 102  GLU A OE1 1 
ATOM   813  O OE2 . GLU A 1 102 ? -17.156 13.104  11.225  1.00 37.73  ? 102  GLU A OE2 1 
ATOM   814  N N   . ASN A 1 103 ? -22.097 10.828  12.160  1.00 47.35  ? 103  ASN A N   1 
ATOM   815  C CA  . ASN A 1 103 ? -23.246 11.661  12.479  1.00 30.69  ? 103  ASN A CA  1 
ATOM   816  C C   . ASN A 1 103 ? -22.792 12.927  13.186  1.00 40.86  ? 103  ASN A C   1 
ATOM   817  O O   . ASN A 1 103 ? -22.291 12.870  14.302  1.00 44.57  ? 103  ASN A O   1 
ATOM   818  C CB  . ASN A 1 103 ? -24.238 10.903  13.364  1.00 57.84  ? 103  ASN A CB  1 
ATOM   819  C CG  . ASN A 1 103 ? -24.733 9.621   12.724  1.00 74.33  ? 103  ASN A CG  1 
ATOM   820  O OD1 . ASN A 1 103 ? -23.946 8.814   12.236  1.00 59.45  ? 103  ASN A OD1 1 
ATOM   821  N ND2 . ASN A 1 103 ? -26.047 9.424   12.729  1.00 76.09  ? 103  ASN A ND2 1 
ATOM   822  N N   . LYS A 1 104 ? -22.963 14.068  12.529  1.00 37.94  ? 104  LYS A N   1 
ATOM   823  C CA  . LYS A 1 104 ? -22.551 15.340  13.098  1.00 32.44  ? 104  LYS A CA  1 
ATOM   824  C C   . LYS A 1 104 ? -23.692 16.350  13.055  1.00 36.18  ? 104  LYS A C   1 
ATOM   825  O O   . LYS A 1 104 ? -24.697 16.136  12.374  1.00 32.93  ? 104  LYS A O   1 
ATOM   826  C CB  . LYS A 1 104 ? -21.346 15.890  12.344  1.00 30.57  ? 104  LYS A CB  1 
ATOM   827  C CG  . LYS A 1 104 ? -20.085 15.043  12.511  1.00 34.68  ? 104  LYS A CG  1 
ATOM   828  C CD  . LYS A 1 104 ? -19.460 15.335  13.859  1.00 39.14  ? 104  LYS A CD  1 
ATOM   829  C CE  . LYS A 1 104 ? -18.302 14.415  14.164  1.00 78.62  ? 104  LYS A CE  1 
ATOM   830  N NZ  . LYS A 1 104 ? -17.780 14.702  15.525  1.00 57.14  ? 104  LYS A NZ  1 
ATOM   831  N N   . ASN A 1 105 ? -23.519 17.455  13.770  1.00 38.52  ? 105  ASN A N   1 
ATOM   832  C CA  . ASN A 1 105 ? -24.502 18.524  13.771  1.00 47.09  ? 105  ASN A CA  1 
ATOM   833  C C   . ASN A 1 105 ? -24.177 19.626  12.771  1.00 55.32  ? 105  ASN A C   1 
ATOM   834  O O   . ASN A 1 105 ? -23.022 19.826  12.398  1.00 33.34  ? 105  ASN A O   1 
ATOM   835  C CB  . ASN A 1 105 ? -24.627 19.122  15.173  1.00 54.98  ? 105  ASN A CB  1 
ATOM   836  C CG  . ASN A 1 105 ? -24.958 18.082  16.219  1.00 38.99  ? 105  ASN A CG  1 
ATOM   837  O OD1 . ASN A 1 105 ? -25.855 17.257  16.032  1.00 48.87  ? 105  ASN A OD1 1 
ATOM   838  N ND2 . ASN A 1 105 ? -24.230 18.110  17.328  1.00 51.60  ? 105  ASN A ND2 1 
ATOM   839  N N   . GLU A 1 106 ? -25.215 20.336  12.341  1.00 40.33  ? 106  GLU A N   1 
ATOM   840  C CA  . GLU A 1 106 ? -25.061 21.508  11.493  1.00 28.07  ? 106  GLU A CA  1 
ATOM   841  C C   . GLU A 1 106 ? -23.985 22.419  12.062  1.00 34.12  ? 106  GLU A C   1 
ATOM   842  O O   . GLU A 1 106 ? -23.908 22.616  13.274  1.00 45.16  ? 106  GLU A O   1 
ATOM   843  C CB  . GLU A 1 106 ? -26.396 22.262  11.428  1.00 37.18  ? 106  GLU A CB  1 
ATOM   844  C CG  . GLU A 1 106 ? -26.367 23.552  10.622  1.00 57.34  ? 106  GLU A CG  1 
ATOM   845  C CD  . GLU A 1 106 ? -26.850 23.363  9.197   1.00 75.66  ? 106  GLU A CD  1 
ATOM   846  O OE1 . GLU A 1 106 ? -27.361 22.267  8.880   1.00 66.06  ? 106  GLU A OE1 1 
ATOM   847  O OE2 . GLU A 1 106 ? -26.725 24.313  8.397   1.00 54.04  ? 106  GLU A OE2 1 
ATOM   848  N N   . GLY A 1 107 ? -23.139 22.962  11.190  1.00 38.01  ? 107  GLY A N   1 
ATOM   849  C CA  . GLY A 1 107 ? -22.081 23.862  11.614  1.00 35.77  ? 107  GLY A CA  1 
ATOM   850  C C   . GLY A 1 107 ? -20.836 23.222  12.203  1.00 32.46  ? 107  GLY A C   1 
ATOM   851  O O   . GLY A 1 107 ? -19.807 23.880  12.344  1.00 45.83  ? 107  GLY A O   1 
ATOM   852  N N   . GLN A 1 108 ? -20.915 21.945  12.568  1.00 47.13  ? 108  GLN A N   1 
ATOM   853  C CA  . GLN A 1 108 ? -19.718 21.234  13.007  1.00 41.02  ? 108  GLN A CA  1 
ATOM   854  C C   . GLN A 1 108 ? -18.874 20.788  11.810  1.00 39.59  ? 108  GLN A C   1 
ATOM   855  O O   . GLN A 1 108 ? -19.198 21.083  10.656  1.00 38.44  ? 108  GLN A O   1 
ATOM   856  C CB  . GLN A 1 108 ? -20.073 20.022  13.873  1.00 38.73  ? 108  GLN A CB  1 
ATOM   857  C CG  . GLN A 1 108 ? -20.663 20.374  15.230  1.00 55.93  ? 108  GLN A CG  1 
ATOM   858  C CD  . GLN A 1 108 ? -20.849 19.151  16.105  1.00 68.09  ? 108  GLN A CD  1 
ATOM   859  O OE1 . GLN A 1 108 ? -21.202 18.074  15.621  1.00 38.18  ? 108  GLN A OE1 1 
ATOM   860  N NE2 . GLN A 1 108 ? -20.610 19.310  17.402  1.00 85.72  ? 108  GLN A NE2 1 
ATOM   861  N N   . ASP A 1 109 ? -17.794 20.076  12.100  1.00 34.65  ? 109  ASP A N   1 
ATOM   862  C CA  . ASP A 1 109 ? -16.897 19.571  11.069  1.00 25.69  ? 109  ASP A CA  1 
ATOM   863  C C   . ASP A 1 109 ? -17.052 18.068  10.959  1.00 33.66  ? 109  ASP A C   1 
ATOM   864  O O   . ASP A 1 109 ? -17.097 17.371  11.973  1.00 38.16  ? 109  ASP A O   1 
ATOM   865  C CB  . ASP A 1 109 ? -15.447 19.909  11.420  1.00 27.92  ? 109  ASP A CB  1 
ATOM   866  C CG  . ASP A 1 109 ? -15.180 21.407  11.459  1.00 81.93  ? 109  ASP A CG  1 
ATOM   867  O OD1 . ASP A 1 109 ? -16.100 22.189  11.136  1.00 50.00  ? 109  ASP A OD1 1 
ATOM   868  O OD2 . ASP A 1 109 ? -14.046 21.804  11.815  1.00 49.79  ? 109  ASP A OD2 1 
ATOM   869  N N   . ALA A 1 110 ? -17.147 17.567  9.730   1.00 38.28  ? 110  ALA A N   1 
ATOM   870  C CA  . ALA A 1 110 ? -17.079 16.126  9.488   1.00 31.29  ? 110  ALA A CA  1 
ATOM   871  C C   . ALA A 1 110 ? -15.647 15.712  9.148   1.00 32.49  ? 110  ALA A C   1 
ATOM   872  O O   . ALA A 1 110 ? -14.925 16.438  8.466   1.00 31.75  ? 110  ALA A O   1 
ATOM   873  C CB  . ALA A 1 110 ? -18.033 15.717  8.374   1.00 25.00  ? 110  ALA A CB  1 
ATOM   874  N N   . MET A 1 111 ? -15.236 14.558  9.660   1.00 32.78  ? 111  MET A N   1 
ATOM   875  C CA  A MET A 1 111 ? -13.923 14.000  9.367   0.60 30.00  ? 111  MET A CA  1 
ATOM   876  C CA  B MET A 1 111 ? -13.924 14.003  9.360   0.40 29.96  ? 111  MET A CA  1 
ATOM   877  C C   . MET A 1 111 ? -14.091 12.564  8.902   1.00 24.15  ? 111  MET A C   1 
ATOM   878  O O   . MET A 1 111 ? -14.624 11.727  9.626   1.00 29.25  ? 111  MET A O   1 
ATOM   879  C CB  A MET A 1 111 ? -13.030 14.046  10.611  0.60 33.65  ? 111  MET A CB  1 
ATOM   880  C CB  B MET A 1 111 ? -13.007 14.070  10.587  0.40 33.57  ? 111  MET A CB  1 
ATOM   881  C CG  A MET A 1 111 ? -11.569 13.732  10.354  0.60 29.05  ? 111  MET A CG  1 
ATOM   882  C CG  B MET A 1 111 ? -11.625 13.478  10.367  0.40 37.77  ? 111  MET A CG  1 
ATOM   883  S SD  A MET A 1 111 ? -11.160 11.971  10.359  0.60 39.97  ? 111  MET A SD  1 
ATOM   884  S SD  B MET A 1 111 ? -10.492 13.743  11.750  0.40 48.75  ? 111  MET A SD  1 
ATOM   885  C CE  A MET A 1 111 ? -11.784 11.470  11.961  0.60 39.50  ? 111  MET A CE  1 
ATOM   886  C CE  B MET A 1 111 ? -11.404 12.990  13.097  0.40 58.75  ? 111  MET A CE  1 
ATOM   887  N N   . MET A 1 112 ? -13.660 12.286  7.681   1.00 27.29  ? 112  MET A N   1 
ATOM   888  C CA  . MET A 1 112 ? -13.732 10.938  7.156   1.00 31.92  ? 112  MET A CA  1 
ATOM   889  C C   . MET A 1 112 ? -12.341 10.588  6.703   1.00 24.23  ? 112  MET A C   1 
ATOM   890  O O   . MET A 1 112 ? -11.558 11.471  6.356   1.00 33.01  ? 112  MET A O   1 
ATOM   891  C CB  . MET A 1 112 ? -14.737 10.857  6.004   1.00 30.71  ? 112  MET A CB  1 
ATOM   892  C CG  . MET A 1 112 ? -16.178 11.105  6.444   1.00 33.06  ? 112  MET A CG  1 
ATOM   893  S SD  . MET A 1 112 ? -17.364 11.274  5.090   1.00 39.40  ? 112  MET A SD  1 
ATOM   894  C CE  . MET A 1 112 ? -17.153 12.997  4.660   1.00 41.88  ? 112  MET A CE  1 
ATOM   895  N N   . TYR A 1 113 ? -12.008 9.299   6.735   1.00 34.06  ? 113  TYR A N   1 
ATOM   896  C CA  . TYR A 1 113 ? -10.658 8.875   6.384   1.00 29.25  ? 113  TYR A CA  1 
ATOM   897  C C   . TYR A 1 113 ? -10.677 7.482   5.769   1.00 23.28  ? 113  TYR A C   1 
ATOM   898  O O   . TYR A 1 113 ? -11.660 6.743   5.880   1.00 28.59  ? 113  TYR A O   1 
ATOM   899  C CB  . TYR A 1 113 ? -9.755  8.852   7.619   1.00 34.95  ? 113  TYR A CB  1 
ATOM   900  C CG  . TYR A 1 113 ? -9.996  7.638   8.484   1.00 38.10  ? 113  TYR A CG  1 
ATOM   901  C CD1 . TYR A 1 113 ? -9.245  6.474   8.325   1.00 47.49  ? 113  TYR A CD1 1 
ATOM   902  C CD2 . TYR A 1 113 ? -10.996 7.643   9.437   1.00 41.13  ? 113  TYR A CD2 1 
ATOM   903  C CE1 . TYR A 1 113 ? -9.490  5.355   9.113   1.00 35.70  ? 113  TYR A CE1 1 
ATOM   904  C CE2 . TYR A 1 113 ? -11.243 6.545   10.220  1.00 35.92  ? 113  TYR A CE2 1 
ATOM   905  C CZ  . TYR A 1 113 ? -10.496 5.404   10.059  1.00 32.93  ? 113  TYR A CZ  1 
ATOM   906  O OH  . TYR A 1 113 ? -10.775 4.322   10.865  1.00 45.27  ? 113  TYR A OH  1 
ATOM   907  N N   . CYS A 1 114 ? -9.581  7.139   5.114   1.00 27.44  ? 114  CYS A N   1 
ATOM   908  C CA  . CYS A 1 114 ? -9.363  5.776   4.640   1.00 25.72  ? 114  CYS A CA  1 
ATOM   909  C C   . CYS A 1 114 ? -7.886  5.469   4.735   1.00 34.21  ? 114  CYS A C   1 
ATOM   910  O O   . CYS A 1 114 ? -7.040  6.353   4.555   1.00 29.28  ? 114  CYS A O   1 
ATOM   911  C CB  . CYS A 1 114 ? -9.851  5.604   3.206   1.00 23.52  ? 114  CYS A CB  1 
ATOM   912  S SG  . CYS A 1 114 ? -11.634 5.780   3.013   1.00 29.32  ? 114  CYS A SG  1 
ATOM   913  N N   . LYS A 1 115 ? -7.587  4.207   5.030   1.00 27.02  ? 115  LYS A N   1 
ATOM   914  C CA  . LYS A 1 115 ? -6.225  3.734   5.145   1.00 24.53  ? 115  LYS A CA  1 
ATOM   915  C C   . LYS A 1 115 ? -6.054  2.577   4.173   1.00 26.41  ? 115  LYS A C   1 
ATOM   916  O O   . LYS A 1 115 ? -6.968  1.769   4.003   1.00 32.15  ? 115  LYS A O   1 
ATOM   917  C CB  . LYS A 1 115 ? -5.956  3.253   6.573   1.00 39.35  ? 115  LYS A CB  1 
ATOM   918  C CG  . LYS A 1 115 ? -6.046  4.340   7.631   1.00 50.83  ? 115  LYS A CG  1 
ATOM   919  C CD  . LYS A 1 115 ? -5.939  3.765   9.039   1.00 68.30  ? 115  LYS A CD  1 
ATOM   920  C CE  . LYS A 1 115 ? -5.823  4.878   10.072  1.00 50.33  ? 115  LYS A CE  1 
ATOM   921  N NZ  . LYS A 1 115 ? -5.725  4.365   11.468  1.00 105.22 ? 115  LYS A NZ  1 
ATOM   922  N N   . SER A 1 116 ? -4.905  2.502   3.519   1.00 27.66  ? 116  SER A N   1 
ATOM   923  C CA  . SER A 1 116 ? -4.676  1.429   2.569   1.00 32.58  ? 116  SER A CA  1 
ATOM   924  C C   . SER A 1 116 ? -3.441  0.605   2.931   1.00 37.54  ? 116  SER A C   1 
ATOM   925  O O   . SER A 1 116 ? -2.617  1.027   3.745   1.00 30.92  ? 116  SER A O   1 
ATOM   926  C CB  . SER A 1 116 ? -4.516  1.998   1.163   1.00 26.35  ? 116  SER A CB  1 
ATOM   927  O OG  . SER A 1 116 ? -3.367  2.818   1.099   1.00 26.66  ? 116  SER A OG  1 
ATOM   928  N N   . VAL A 1 117 ? -3.353  -0.586  2.342   1.00 35.27  ? 117  VAL A N   1 
ATOM   929  C CA  . VAL A 1 117 ? -2.101  -1.343  2.257   1.00 32.13  ? 117  VAL A CA  1 
ATOM   930  C C   . VAL A 1 117 ? -1.940  -1.683  0.790   1.00 23.89  ? 117  VAL A C   1 
ATOM   931  O O   . VAL A 1 117 ? -2.926  -1.848  0.072   1.00 34.55  ? 117  VAL A O   1 
ATOM   932  C CB  . VAL A 1 117 ? -2.149  -2.658  3.042   1.00 35.31  ? 117  VAL A CB  1 
ATOM   933  C CG1 . VAL A 1 117 ? -2.341  -2.393  4.521   1.00 40.81  ? 117  VAL A CG1 1 
ATOM   934  C CG2 . VAL A 1 117 ? -3.256  -3.564  2.490   1.00 28.12  ? 117  VAL A CG2 1 
ATOM   935  N N   . GLY A 1 118 ? -0.704  -1.776  0.330   1.00 31.94  ? 118  GLY A N   1 
ATOM   936  C CA  . GLY A 1 118 ? -0.453  -2.092  -1.060  1.00 40.84  ? 118  GLY A CA  1 
ATOM   937  C C   . GLY A 1 118 ? 0.667   -1.223  -1.587  1.00 40.16  ? 118  GLY A C   1 
ATOM   938  O O   . GLY A 1 118 ? 0.813   -0.078  -1.165  1.00 35.55  ? 118  GLY A O   1 
ATOM   939  N N   . TYR A 1 119 ? 1.447   -1.781  -2.507  1.00 30.61  ? 119  TYR A N   1 
ATOM   940  C CA  . TYR A 1 119 ? 2.568   -1.100  -3.128  1.00 32.62  ? 119  TYR A CA  1 
ATOM   941  C C   . TYR A 1 119 ? 2.458   -1.347  -4.626  1.00 25.59  ? 119  TYR A C   1 
ATOM   942  O O   . TYR A 1 119 ? 2.181   -2.465  -5.047  1.00 30.95  ? 119  TYR A O   1 
ATOM   943  C CB  . TYR A 1 119 ? 3.880   -1.672  -2.577  1.00 33.77  ? 119  TYR A CB  1 
ATOM   944  C CG  . TYR A 1 119 ? 5.146   -1.212  -3.274  1.00 31.07  ? 119  TYR A CG  1 
ATOM   945  C CD1 . TYR A 1 119 ? 5.916   -0.182  -2.743  1.00 32.49  ? 119  TYR A CD1 1 
ATOM   946  C CD2 . TYR A 1 119 ? 5.589   -1.828  -4.443  1.00 32.24  ? 119  TYR A CD2 1 
ATOM   947  C CE1 . TYR A 1 119 ? 7.080   0.239   -3.363  1.00 45.79  ? 119  TYR A CE1 1 
ATOM   948  C CE2 . TYR A 1 119 ? 6.757   -1.417  -5.069  1.00 32.95  ? 119  TYR A CE2 1 
ATOM   949  C CZ  . TYR A 1 119 ? 7.496   -0.380  -4.525  1.00 38.24  ? 119  TYR A CZ  1 
ATOM   950  O OH  . TYR A 1 119 ? 8.651   0.047   -5.135  1.00 52.74  ? 119  TYR A OH  1 
ATOM   951  N N   . PRO A 1 120 ? 2.654   -0.306  -5.449  1.00 27.70  ? 120  PRO A N   1 
ATOM   952  C CA  . PRO A 1 120 ? 3.009   1.081   -5.133  1.00 29.02  ? 120  PRO A CA  1 
ATOM   953  C C   . PRO A 1 120 ? 1.909   1.794   -4.350  1.00 26.03  ? 120  PRO A C   1 
ATOM   954  O O   . PRO A 1 120 ? 0.731   1.488   -4.521  1.00 27.03  ? 120  PRO A O   1 
ATOM   955  C CB  . PRO A 1 120 ? 3.158   1.724   -6.514  1.00 37.67  ? 120  PRO A CB  1 
ATOM   956  C CG  . PRO A 1 120 ? 3.330   0.593   -7.459  1.00 34.50  ? 120  PRO A CG  1 
ATOM   957  C CD  . PRO A 1 120 ? 2.520   -0.514  -6.898  1.00 29.75  ? 120  PRO A CD  1 
ATOM   958  N N   . HIS A 1 121 ? 2.294   2.717   -3.477  1.00 24.59  ? 121  HIS A N   1 
ATOM   959  C CA  . HIS A 1 121 ? 1.310   3.463   -2.701  1.00 26.98  ? 121  HIS A CA  1 
ATOM   960  C C   . HIS A 1 121 ? 0.305   4.071   -3.674  1.00 25.13  ? 121  HIS A C   1 
ATOM   961  O O   . HIS A 1 121 ? 0.676   4.476   -4.777  1.00 30.96  ? 121  HIS A O   1 
ATOM   962  C CB  . HIS A 1 121 ? 1.988   4.550   -1.859  1.00 34.67  ? 121  HIS A CB  1 
ATOM   963  C CG  . HIS A 1 121 ? 2.292   5.804   -2.618  1.00 42.45  ? 121  HIS A CG  1 
ATOM   964  N ND1 . HIS A 1 121 ? 3.471   5.991   -3.308  1.00 49.29  ? 121  HIS A ND1 1 
ATOM   965  C CD2 . HIS A 1 121 ? 1.568   6.936   -2.796  1.00 30.44  ? 121  HIS A CD2 1 
ATOM   966  C CE1 . HIS A 1 121 ? 3.459   7.182   -3.879  1.00 47.75  ? 121  HIS A CE1 1 
ATOM   967  N NE2 . HIS A 1 121 ? 2.316   7.776   -3.584  1.00 67.39  ? 121  HIS A NE2 1 
ATOM   968  N N   . PRO A 1 122 ? -0.985  4.102   -3.290  1.00 23.15  ? 122  PRO A N   1 
ATOM   969  C CA  . PRO A 1 122 ? -2.040  4.598   -4.178  1.00 24.69  ? 122  PRO A CA  1 
ATOM   970  C C   . PRO A 1 122 ? -2.096  6.126   -4.259  1.00 34.87  ? 122  PRO A C   1 
ATOM   971  O O   . PRO A 1 122 ? -1.535  6.805   -3.408  1.00 29.09  ? 122  PRO A O   1 
ATOM   972  C CB  . PRO A 1 122 ? -3.323  4.101   -3.498  1.00 25.48  ? 122  PRO A CB  1 
ATOM   973  C CG  . PRO A 1 122 ? -2.988  4.062   -2.047  1.00 26.11  ? 122  PRO A CG  1 
ATOM   974  C CD  . PRO A 1 122 ? -1.502  3.700   -1.971  1.00 21.02  ? 122  PRO A CD  1 
ATOM   975  N N   . GLU A 1 123 ? -2.751  6.639   -5.297  1.00 26.13  ? 123  GLU A N   1 
ATOM   976  C CA  . GLU A 1 123 ? -3.281  8.010   -5.293  1.00 22.61  ? 123  GLU A CA  1 
ATOM   977  C C   . GLU A 1 123 ? -4.734  7.936   -4.839  1.00 29.81  ? 123  GLU A C   1 
ATOM   978  O O   . GLU A 1 123 ? -5.432  6.966   -5.123  1.00 29.26  ? 123  GLU A O   1 
ATOM   979  C CB  . GLU A 1 123 ? -3.229  8.626   -6.692  1.00 28.61  ? 123  GLU A CB  1 
ATOM   980  C CG  . GLU A 1 123 ? -1.838  8.647   -7.315  1.00 53.71  ? 123  GLU A CG  1 
ATOM   981  C CD  . GLU A 1 123 ? -0.885  9.567   -6.577  1.00 75.23  ? 123  GLU A CD  1 
ATOM   982  O OE1 . GLU A 1 123 ? -1.203  10.769  -6.442  1.00 62.90  ? 123  GLU A OE1 1 
ATOM   983  O OE2 . GLU A 1 123 ? 0.183   9.091   -6.133  1.00 76.99  ? 123  GLU A OE2 1 
ATOM   984  N N   . TRP A 1 124 ? -5.186  8.971   -4.143  1.00 24.46  ? 124  TRP A N   1 
ATOM   985  C CA  . TRP A 1 124 ? -6.506  8.985   -3.538  1.00 24.40  ? 124  TRP A CA  1 
ATOM   986  C C   . TRP A 1 124 ? -7.410  10.024  -4.180  1.00 30.72  ? 124  TRP A C   1 
ATOM   987  O O   . TRP A 1 124 ? -6.953  11.103  -4.553  1.00 23.20  ? 124  TRP A O   1 
ATOM   988  C CB  . TRP A 1 124 ? -6.392  9.349   -2.064  1.00 33.22  ? 124  TRP A CB  1 
ATOM   989  C CG  . TRP A 1 124 ? -5.727  8.346   -1.176  1.00 24.54  ? 124  TRP A CG  1 
ATOM   990  C CD1 . TRP A 1 124 ? -4.445  8.377   -0.721  1.00 29.08  ? 124  TRP A CD1 1 
ATOM   991  C CD2 . TRP A 1 124 ? -6.337  7.197   -0.580  1.00 17.96  ? 124  TRP A CD2 1 
ATOM   992  N NE1 . TRP A 1 124 ? -4.206  7.301   0.105   1.00 28.67  ? 124  TRP A NE1 1 
ATOM   993  C CE2 . TRP A 1 124 ? -5.355  6.566   0.211   1.00 31.65  ? 124  TRP A CE2 1 
ATOM   994  C CE3 . TRP A 1 124 ? -7.608  6.635   -0.651  1.00 20.08  ? 124  TRP A CE3 1 
ATOM   995  C CZ2 . TRP A 1 124 ? -5.616  5.407   0.927   1.00 29.33  ? 124  TRP A CZ2 1 
ATOM   996  C CZ3 . TRP A 1 124 ? -7.864  5.485   0.063   1.00 25.23  ? 124  TRP A CZ3 1 
ATOM   997  C CH2 . TRP A 1 124 ? -6.881  4.886   0.841   1.00 22.92  ? 124  TRP A CH2 1 
ATOM   998  N N   . MET A 1 125 ? -8.695  9.694   -4.273  1.00 26.83  ? 125  MET A N   1 
ATOM   999  C CA  . MET A 1 125 ? -9.746  10.625  -4.698  1.00 28.22  ? 125  MET A CA  1 
ATOM   1000 C C   . MET A 1 125 ? -10.958 10.423  -3.817  1.00 33.50  ? 125  MET A C   1 
ATOM   1001 O O   . MET A 1 125 ? -11.285 9.296   -3.461  1.00 30.88  ? 125  MET A O   1 
ATOM   1002 C CB  . MET A 1 125 ? -10.202 10.330  -6.121  1.00 30.52  ? 125  MET A CB  1 
ATOM   1003 C CG  . MET A 1 125 ? -9.344  10.890  -7.228  1.00 43.84  ? 125  MET A CG  1 
ATOM   1004 S SD  . MET A 1 125 ? -10.340 10.894  -8.731  1.00 94.13  ? 125  MET A SD  1 
ATOM   1005 C CE  . MET A 1 125 ? -11.095 9.267   -8.651  1.00 66.88  ? 125  MET A CE  1 
ATOM   1006 N N   . TRP A 1 126 ? -11.646 11.506  -3.486  1.00 27.69  ? 126  TRP A N   1 
ATOM   1007 C CA  . TRP A 1 126 ? -12.940 11.387  -2.834  1.00 30.12  ? 126  TRP A CA  1 
ATOM   1008 C C   . TRP A 1 126 ? -14.080 11.698  -3.806  1.00 26.66  ? 126  TRP A C   1 
ATOM   1009 O O   . TRP A 1 126 ? -13.948 12.562  -4.673  1.00 26.17  ? 126  TRP A O   1 
ATOM   1010 C CB  . TRP A 1 126 ? -13.007 12.306  -1.621  1.00 29.57  ? 126  TRP A CB  1 
ATOM   1011 C CG  . TRP A 1 126 ? -12.143 11.865  -0.482  1.00 21.99  ? 126  TRP A CG  1 
ATOM   1012 C CD1 . TRP A 1 126 ? -10.814 12.135  -0.300  1.00 15.82  ? 126  TRP A CD1 1 
ATOM   1013 C CD2 . TRP A 1 126 ? -12.555 11.092  0.650   1.00 21.10  ? 126  TRP A CD2 1 
ATOM   1014 N NE1 . TRP A 1 126 ? -10.384 11.582  0.876   1.00 18.50  ? 126  TRP A NE1 1 
ATOM   1015 C CE2 . TRP A 1 126 ? -11.429 10.930  1.474   1.00 23.10  ? 126  TRP A CE2 1 
ATOM   1016 C CE3 . TRP A 1 126 ? -13.773 10.521  1.042   1.00 26.32  ? 126  TRP A CE3 1 
ATOM   1017 C CZ2 . TRP A 1 126 ? -11.478 10.216  2.669   1.00 23.16  ? 126  TRP A CZ2 1 
ATOM   1018 C CZ3 . TRP A 1 126 ? -13.822 9.818   2.232   1.00 23.00  ? 126  TRP A CZ3 1 
ATOM   1019 C CH2 . TRP A 1 126 ? -12.689 9.670   3.027   1.00 25.38  ? 126  TRP A CH2 1 
ATOM   1020 N N   . ARG A 1 127 ? -15.194 10.980  -3.663  1.00 30.84  ? 127  ARG A N   1 
ATOM   1021 C CA  . ARG A 1 127 ? -16.388 11.208  -4.482  1.00 24.80  ? 127  ARG A CA  1 
ATOM   1022 C C   . ARG A 1 127 ? -17.626 11.164  -3.610  1.00 25.07  ? 127  ARG A C   1 
ATOM   1023 O O   . ARG A 1 127 ? -17.589 10.623  -2.511  1.00 27.54  ? 127  ARG A O   1 
ATOM   1024 C CB  . ARG A 1 127 ? -16.568 10.102  -5.528  1.00 38.02  ? 127  ARG A CB  1 
ATOM   1025 C CG  . ARG A 1 127 ? -15.340 9.689   -6.306  1.00 57.55  ? 127  ARG A CG  1 
ATOM   1026 C CD  . ARG A 1 127 ? -15.274 10.386  -7.640  1.00 50.67  ? 127  ARG A CD  1 
ATOM   1027 N NE  . ARG A 1 127 ? -14.321 11.486  -7.607  1.00 153.57 ? 127  ARG A NE  1 
ATOM   1028 C CZ  . ARG A 1 127 ? -13.847 12.092  -8.688  1.00 126.44 ? 127  ARG A CZ  1 
ATOM   1029 N NH1 . ARG A 1 127 ? -14.246 11.703  -9.890  1.00 47.05  ? 127  ARG A NH1 1 
ATOM   1030 N NH2 . ARG A 1 127 ? -12.977 13.084  -8.563  1.00 42.27  ? 127  ARG A NH2 1 
ATOM   1031 N N   . LYS A 1 128 ? -18.731 11.709  -4.117  1.00 22.63  ? 128  LYS A N   1 
ATOM   1032 C CA  . LYS A 1 128 ? -20.014 11.589  -3.449  1.00 23.95  ? 128  LYS A CA  1 
ATOM   1033 C C   . LYS A 1 128 ? -20.982 10.876  -4.387  1.00 25.65  ? 128  LYS A C   1 
ATOM   1034 O O   . LYS A 1 128 ? -20.976 11.107  -5.593  1.00 25.71  ? 128  LYS A O   1 
ATOM   1035 C CB  . LYS A 1 128 ? -20.579 12.966  -3.061  1.00 22.32  ? 128  LYS A CB  1 
ATOM   1036 C CG  . LYS A 1 128 ? -21.729 12.887  -2.060  1.00 24.23  ? 128  LYS A CG  1 
ATOM   1037 C CD  . LYS A 1 128 ? -22.224 14.280  -1.716  1.00 24.82  ? 128  LYS A CD  1 
ATOM   1038 C CE  . LYS A 1 128 ? -23.492 14.257  -0.891  1.00 30.55  ? 128  LYS A CE  1 
ATOM   1039 N NZ  . LYS A 1 128 ? -23.900 15.668  -0.632  1.00 37.68  ? 128  LYS A NZ  1 
ATOM   1040 N N   . LYS A 1 129 ? -21.784 9.986   -3.828  1.00 25.18  ? 129  LYS A N   1 
ATOM   1041 C CA  . LYS A 1 129 ? -22.740 9.208   -4.611  1.00 39.81  ? 129  LYS A CA  1 
ATOM   1042 C C   . LYS A 1 129 ? -23.978 10.054  -4.829  1.00 31.03  ? 129  LYS A C   1 
ATOM   1043 O O   . LYS A 1 129 ? -24.604 10.495  -3.869  1.00 48.76  ? 129  LYS A O   1 
ATOM   1044 C CB  . LYS A 1 129 ? -23.119 7.930   -3.862  1.00 56.98  ? 129  LYS A CB  1 
ATOM   1045 C CG  . LYS A 1 129 ? -24.037 6.980   -4.620  1.00 60.15  ? 129  LYS A CG  1 
ATOM   1046 C CD  . LYS A 1 129 ? -23.244 6.061   -5.536  1.00 90.76  ? 129  LYS A CD  1 
ATOM   1047 C CE  . LYS A 1 129 ? -23.991 4.762   -5.820  1.00 87.21  ? 129  LYS A CE  1 
ATOM   1048 N NZ  . LYS A 1 129 ? -24.131 3.904   -4.608  1.00 59.09  ? 129  LYS A NZ  1 
ATOM   1049 N N   . GLU A 1 130 ? -24.305 10.312  -6.092  1.00 34.33  ? 130  GLU A N   1 
ATOM   1050 C CA  . GLU A 1 130 ? -25.508 11.064  -6.442  1.00 48.36  ? 130  GLU A CA  1 
ATOM   1051 C C   . GLU A 1 130 ? -26.199 10.382  -7.613  1.00 41.67  ? 130  GLU A C   1 
ATOM   1052 O O   . GLU A 1 130 ? -25.636 10.289  -8.702  1.00 51.94  ? 130  GLU A O   1 
ATOM   1053 C CB  . GLU A 1 130 ? -25.158 12.504  -6.827  1.00 43.17  ? 130  GLU A CB  1 
ATOM   1054 C CG  . GLU A 1 130 ? -24.412 13.293  -5.754  1.00 63.09  ? 130  GLU A CG  1 
ATOM   1055 C CD  . GLU A 1 130 ? -25.327 13.866  -4.682  1.00 53.72  ? 130  GLU A CD  1 
ATOM   1056 O OE1 . GLU A 1 130 ? -26.209 13.133  -4.182  1.00 73.93  ? 130  GLU A OE1 1 
ATOM   1057 O OE2 . GLU A 1 130 ? -25.155 15.056  -4.334  1.00 57.04  ? 130  GLU A OE2 1 
ATOM   1058 N N   . ASN A 1 131 ? -27.408 9.888   -7.381  1.00 50.89  ? 131  ASN A N   1 
ATOM   1059 C CA  . ASN A 1 131 ? -28.173 9.242   -8.440  1.00 97.60  ? 131  ASN A CA  1 
ATOM   1060 C C   . ASN A 1 131 ? -27.549 7.919   -8.880  1.00 62.81  ? 131  ASN A C   1 
ATOM   1061 O O   . ASN A 1 131 ? -27.594 7.561   -10.056 1.00 60.55  ? 131  ASN A O   1 
ATOM   1062 C CB  . ASN A 1 131 ? -28.319 10.185  -9.639  1.00 88.67  ? 131  ASN A CB  1 
ATOM   1063 C CG  . ASN A 1 131 ? -29.127 11.428  -9.306  1.00 143.12 ? 131  ASN A CG  1 
ATOM   1064 O OD1 . ASN A 1 131 ? -28.708 12.552  -9.588  1.00 88.94  ? 131  ASN A OD1 1 
ATOM   1065 N ND2 . ASN A 1 131 ? -30.294 11.229  -8.697  1.00 68.71  ? 131  ASN A ND2 1 
ATOM   1066 N N   . GLY A 1 132 ? -26.957 7.200   -7.931  1.00 69.66  ? 132  GLY A N   1 
ATOM   1067 C CA  . GLY A 1 132 ? -26.352 5.914   -8.223  1.00 46.11  ? 132  GLY A CA  1 
ATOM   1068 C C   . GLY A 1 132 ? -24.944 5.982   -8.792  1.00 100.61 ? 132  GLY A C   1 
ATOM   1069 O O   . GLY A 1 132 ? -24.309 4.949   -9.003  1.00 61.88  ? 132  GLY A O   1 
ATOM   1070 N N   . VAL A 1 133 ? -24.449 7.191   -9.041  1.00 36.76  ? 133  VAL A N   1 
ATOM   1071 C CA  . VAL A 1 133 ? -23.105 7.370   -9.577  1.00 59.23  ? 133  VAL A CA  1 
ATOM   1072 C C   . VAL A 1 133 ? -22.220 8.206   -8.652  1.00 42.43  ? 133  VAL A C   1 
ATOM   1073 O O   . VAL A 1 133 ? -22.622 9.262   -8.181  1.00 31.06  ? 133  VAL A O   1 
ATOM   1074 C CB  . VAL A 1 133 ? -23.131 8.015   -10.973 1.00 60.80  ? 133  VAL A CB  1 
ATOM   1075 C CG1 . VAL A 1 133 ? -24.153 7.316   -11.850 1.00 75.25  ? 133  VAL A CG1 1 
ATOM   1076 C CG2 . VAL A 1 133 ? -23.440 9.501   -10.871 1.00 63.87  ? 133  VAL A CG2 1 
ATOM   1077 N N   . PHE A 1 134 ? -21.016 7.712   -8.390  1.00 46.68  ? 134  PHE A N   1 
ATOM   1078 C CA  . PHE A 1 134 ? -20.052 8.430   -7.563  1.00 45.59  ? 134  PHE A CA  1 
ATOM   1079 C C   . PHE A 1 134 ? -19.370 9.516   -8.380  1.00 37.52  ? 134  PHE A C   1 
ATOM   1080 O O   . PHE A 1 134 ? -18.643 9.211   -9.326  1.00 40.81  ? 134  PHE A O   1 
ATOM   1081 C CB  . PHE A 1 134 ? -19.014 7.460   -6.994  1.00 30.68  ? 134  PHE A CB  1 
ATOM   1082 C CG  . PHE A 1 134 ? -19.514 6.666   -5.821  1.00 37.05  ? 134  PHE A CG  1 
ATOM   1083 C CD1 . PHE A 1 134 ? -19.714 7.276   -4.592  1.00 38.17  ? 134  PHE A CD1 1 
ATOM   1084 C CD2 . PHE A 1 134 ? -19.785 5.314   -5.945  1.00 36.38  ? 134  PHE A CD2 1 
ATOM   1085 C CE1 . PHE A 1 134 ? -20.179 6.551   -3.508  1.00 46.05  ? 134  PHE A CE1 1 
ATOM   1086 C CE2 . PHE A 1 134 ? -20.252 4.583   -4.868  1.00 64.96  ? 134  PHE A CE2 1 
ATOM   1087 C CZ  . PHE A 1 134 ? -20.451 5.202   -3.649  1.00 40.56  ? 134  PHE A CZ  1 
ATOM   1088 N N   . GLU A 1 135 ? -19.611 10.776  -8.020  1.00 46.26  ? 135  GLU A N   1 
ATOM   1089 C CA  . GLU A 1 135 ? -19.076 11.910  -8.775  1.00 52.16  ? 135  GLU A CA  1 
ATOM   1090 C C   . GLU A 1 135 ? -18.102 12.778  -7.978  1.00 52.32  ? 135  GLU A C   1 
ATOM   1091 O O   . GLU A 1 135 ? -17.988 12.649  -6.761  1.00 30.54  ? 135  GLU A O   1 
ATOM   1092 C CB  . GLU A 1 135 ? -20.208 12.769  -9.335  1.00 36.22  ? 135  GLU A CB  1 
ATOM   1093 C CG  . GLU A 1 135 ? -21.261 13.207  -8.326  1.00 79.79  ? 135  GLU A CG  1 
ATOM   1094 C CD  . GLU A 1 135 ? -22.541 13.679  -9.003  1.00 120.28 ? 135  GLU A CD  1 
ATOM   1095 O OE1 . GLU A 1 135 ? -22.811 13.220  -10.134 1.00 121.87 ? 135  GLU A OE1 1 
ATOM   1096 O OE2 . GLU A 1 135 ? -23.277 14.504  -8.415  1.00 64.61  ? 135  GLU A OE2 1 
ATOM   1097 N N   . GLU A 1 136 ? -17.402 13.672  -8.669  1.00 73.35  ? 136  GLU A N   1 
ATOM   1098 C CA  . GLU A 1 136 ? -16.369 14.462  -8.010  1.00 68.76  ? 136  GLU A CA  1 
ATOM   1099 C C   . GLU A 1 136 ? -16.920 15.589  -7.145  1.00 27.64  ? 136  GLU A C   1 
ATOM   1100 O O   . GLU A 1 136 ? -17.880 16.277  -7.506  1.00 51.30  ? 136  GLU A O   1 
ATOM   1101 C CB  . GLU A 1 136 ? -15.306 14.971  -8.994  1.00 73.16  ? 136  GLU A CB  1 
ATOM   1102 C CG  . GLU A 1 136 ? -15.801 15.875  -10.107 1.00 98.28  ? 136  GLU A CG  1 
ATOM   1103 C CD  . GLU A 1 136 ? -14.674 16.297  -11.042 1.00 63.10  ? 136  GLU A CD  1 
ATOM   1104 O OE1 . GLU A 1 136 ? -13.523 15.866  -10.823 1.00 48.55  ? 136  GLU A OE1 1 
ATOM   1105 O OE2 . GLU A 1 136 ? -14.936 17.060  -11.995 1.00 75.09  ? 136  GLU A OE2 1 
ATOM   1106 N N   . ILE A 1 137 ? -16.265 15.760  -5.998  1.00 47.42  ? 137  ILE A N   1 
ATOM   1107 C CA  . ILE A 1 137 ? -16.695 16.677  -4.956  1.00 37.15  ? 137  ILE A CA  1 
ATOM   1108 C C   . ILE A 1 137 ? -16.346 18.121  -5.253  1.00 47.03  ? 137  ILE A C   1 
ATOM   1109 O O   . ILE A 1 137 ? -15.187 18.474  -5.438  1.00 39.78  ? 137  ILE A O   1 
ATOM   1110 C CB  . ILE A 1 137 ? -16.094 16.282  -3.601  1.00 48.35  ? 137  ILE A CB  1 
ATOM   1111 C CG1 . ILE A 1 137 ? -16.629 14.914  -3.180  1.00 30.86  ? 137  ILE A CG1 1 
ATOM   1112 C CG2 . ILE A 1 137 ? -16.398 17.338  -2.546  1.00 33.63  ? 137  ILE A CG2 1 
ATOM   1113 C CD1 . ILE A 1 137 ? -16.276 14.531  -1.782  1.00 26.06  ? 137  ILE A CD1 1 
ATOM   1114 N N   . SER A 1 138 ? -17.371 18.959  -5.282  1.00 36.27  ? 138  SER A N   1 
ATOM   1115 C CA  . SER A 1 138 ? -17.187 20.367  -5.569  1.00 43.86  ? 138  SER A CA  1 
ATOM   1116 C C   . SER A 1 138 ? -16.759 21.111  -4.319  1.00 37.66  ? 138  SER A C   1 
ATOM   1117 O O   . SER A 1 138 ? -17.349 20.953  -3.249  1.00 33.31  ? 138  SER A O   1 
ATOM   1118 C CB  . SER A 1 138 ? -18.470 20.971  -6.122  1.00 35.51  ? 138  SER A CB  1 
ATOM   1119 O OG  . SER A 1 138 ? -18.423 22.386  -6.071  1.00 42.87  ? 138  SER A OG  1 
ATOM   1120 N N   . ASN A 1 139 ? -15.726 21.927  -4.464  1.00 35.04  ? 139  ASN A N   1 
ATOM   1121 C CA  . ASN A 1 139 ? -15.235 22.737  -3.367  1.00 32.46  ? 139  ASN A CA  1 
ATOM   1122 C C   . ASN A 1 139 ? -15.514 24.192  -3.657  1.00 33.44  ? 139  ASN A C   1 
ATOM   1123 O O   . ASN A 1 139 ? -14.805 25.075  -3.183  1.00 33.36  ? 139  ASN A O   1 
ATOM   1124 C CB  . ASN A 1 139 ? -13.738 22.535  -3.168  1.00 27.78  ? 139  ASN A CB  1 
ATOM   1125 C CG  . ASN A 1 139 ? -13.230 23.216  -1.914  1.00 22.13  ? 139  ASN A CG  1 
ATOM   1126 O OD1 . ASN A 1 139 ? -13.953 23.303  -0.923  1.00 26.31  ? 139  ASN A OD1 1 
ATOM   1127 N ND2 . ASN A 1 139 ? -11.991 23.698  -1.945  1.00 31.84  ? 139  ASN A ND2 1 
ATOM   1128 N N   . SER A 1 140 ? -16.547 24.434  -4.459  1.00 32.50  ? 140  SER A N   1 
ATOM   1129 C CA  . SER A 1 140 ? -16.987 25.790  -4.754  1.00 28.36  ? 140  SER A CA  1 
ATOM   1130 C C   . SER A 1 140 ? -17.242 26.564  -3.459  1.00 32.26  ? 140  SER A C   1 
ATOM   1131 O O   . SER A 1 140 ? -16.954 27.762  -3.373  1.00 34.08  ? 140  SER A O   1 
ATOM   1132 C CB  . SER A 1 140 ? -18.247 25.765  -5.641  1.00 30.33  ? 140  SER A CB  1 
ATOM   1133 O OG  . SER A 1 140 ? -18.593 27.074  -6.062  1.00 47.24  ? 140  SER A OG  1 
ATOM   1134 N N   . SER A 1 141 ? -17.745 25.870  -2.440  1.00 28.56  ? 141  SER A N   1 
ATOM   1135 C CA  . SER A 1 141 ? -18.019 26.497  -1.140  1.00 33.39  ? 141  SER A CA  1 
ATOM   1136 C C   . SER A 1 141 ? -16.761 26.795  -0.317  1.00 46.19  ? 141  SER A C   1 
ATOM   1137 O O   . SER A 1 141 ? -16.800 27.591  0.622   1.00 37.80  ? 141  SER A O   1 
ATOM   1138 C CB  . SER A 1 141 ? -18.938 25.602  -0.309  1.00 32.06  ? 141  SER A CB  1 
ATOM   1139 O OG  . SER A 1 141 ? -18.261 24.407  0.049   1.00 37.41  ? 141  SER A OG  1 
ATOM   1140 N N   . GLY A 1 142 ? -15.655 26.142  -0.654  1.00 34.90  ? 142  GLY A N   1 
ATOM   1141 C CA  . GLY A 1 142 ? -14.428 26.294  0.107   1.00 24.25  ? 142  GLY A CA  1 
ATOM   1142 C C   . GLY A 1 142 ? -14.459 25.572  1.442   1.00 24.25  ? 142  GLY A C   1 
ATOM   1143 O O   . GLY A 1 142 ? -13.630 25.828  2.300   1.00 27.69  ? 142  GLY A O   1 
ATOM   1144 N N   . ARG A 1 143 ? -15.414 24.663  1.620   1.00 27.97  ? 143  ARG A N   1 
ATOM   1145 C CA  . ARG A 1 143 ? -15.565 23.961  2.897   1.00 24.43  ? 143  ARG A CA  1 
ATOM   1146 C C   . ARG A 1 143 ? -14.962 22.548  2.936   1.00 24.18  ? 143  ARG A C   1 
ATOM   1147 O O   . ARG A 1 143 ? -15.006 21.883  3.972   1.00 28.16  ? 143  ARG A O   1 
ATOM   1148 C CB  . ARG A 1 143 ? -17.035 23.898  3.301   1.00 27.71  ? 143  ARG A CB  1 
ATOM   1149 C CG  . ARG A 1 143 ? -17.676 25.265  3.528   1.00 33.15  ? 143  ARG A CG  1 
ATOM   1150 C CD  . ARG A 1 143 ? -19.088 25.128  4.068   1.00 22.45  ? 143  ARG A CD  1 
ATOM   1151 N NE  . ARG A 1 143 ? -19.996 24.494  3.118   1.00 36.43  ? 143  ARG A NE  1 
ATOM   1152 C CZ  . ARG A 1 143 ? -20.450 23.252  3.238   1.00 33.18  ? 143  ARG A CZ  1 
ATOM   1153 N NH1 . ARG A 1 143 ? -20.075 22.498  4.264   1.00 31.16  ? 143  ARG A NH1 1 
ATOM   1154 N NH2 . ARG A 1 143 ? -21.270 22.758  2.329   1.00 28.99  ? 143  ARG A NH2 1 
ATOM   1155 N N   . PHE A 1 144 ? -14.387 22.104  1.825   1.00 25.88  ? 144  PHE A N   1 
ATOM   1156 C CA  . PHE A 1 144 ? -13.833 20.747  1.742   1.00 27.88  ? 144  PHE A CA  1 
ATOM   1157 C C   . PHE A 1 144 ? -12.315 20.766  1.760   1.00 22.44  ? 144  PHE A C   1 
ATOM   1158 O O   . PHE A 1 144 ? -11.690 21.453  0.950   1.00 28.86  ? 144  PHE A O   1 
ATOM   1159 C CB  . PHE A 1 144 ? -14.360 20.041  0.490   1.00 25.92  ? 144  PHE A CB  1 
ATOM   1160 C CG  . PHE A 1 144 ? -15.857 19.829  0.514   1.00 21.35  ? 144  PHE A CG  1 
ATOM   1161 C CD1 . PHE A 1 144 ? -16.392 18.563  0.695   1.00 24.42  ? 144  PHE A CD1 1 
ATOM   1162 C CD2 . PHE A 1 144 ? -16.722 20.907  0.409   1.00 34.24  ? 144  PHE A CD2 1 
ATOM   1163 C CE1 . PHE A 1 144 ? -17.768 18.374  0.740   1.00 27.08  ? 144  PHE A CE1 1 
ATOM   1164 C CE2 . PHE A 1 144 ? -18.089 20.727  0.460   1.00 38.96  ? 144  PHE A CE2 1 
ATOM   1165 C CZ  . PHE A 1 144 ? -18.613 19.461  0.625   1.00 32.93  ? 144  PHE A CZ  1 
ATOM   1166 N N   . PHE A 1 145 ? -11.728 20.026  2.703   1.00 24.25  ? 145  PHE A N   1 
ATOM   1167 C CA  . PHE A 1 145 ? -10.275 19.939  2.849   1.00 17.10  ? 145  PHE A CA  1 
ATOM   1168 C C   . PHE A 1 145 ? -9.844  18.483  2.806   1.00 22.81  ? 145  PHE A C   1 
ATOM   1169 O O   . PHE A 1 145 ? -10.367 17.657  3.545   1.00 24.50  ? 145  PHE A O   1 
ATOM   1170 C CB  . PHE A 1 145 ? -9.821  20.579  4.159   1.00 18.15  ? 145  PHE A CB  1 
ATOM   1171 C CG  . PHE A 1 145 ? -10.213 22.024  4.254   1.00 34.63  ? 145  PHE A CG  1 
ATOM   1172 C CD1 . PHE A 1 145 ? -9.323  23.024  3.896   1.00 26.91  ? 145  PHE A CD1 1 
ATOM   1173 C CD2 . PHE A 1 145 ? -11.497 22.369  4.625   1.00 24.80  ? 145  PHE A CD2 1 
ATOM   1174 C CE1 . PHE A 1 145 ? -9.711  24.369  3.950   1.00 27.73  ? 145  PHE A CE1 1 
ATOM   1175 C CE2 . PHE A 1 145 ? -11.901 23.707  4.677   1.00 33.08  ? 145  PHE A CE2 1 
ATOM   1176 C CZ  . PHE A 1 145 ? -11.001 24.700  4.335   1.00 24.87  ? 145  PHE A CZ  1 
ATOM   1177 N N   . ILE A 1 146 ? -8.902  18.193  1.921   1.00 21.88  ? 146  ILE A N   1 
ATOM   1178 C CA  . ILE A 1 146 ? -8.395  16.835  1.755   1.00 22.89  ? 146  ILE A CA  1 
ATOM   1179 C C   . ILE A 1 146 ? -6.912  16.780  2.073   1.00 28.75  ? 146  ILE A C   1 
ATOM   1180 O O   . ILE A 1 146 ? -6.127  17.591  1.575   1.00 34.10  ? 146  ILE A O   1 
ATOM   1181 C CB  . ILE A 1 146 ? -8.655  16.303  0.331   1.00 30.18  ? 146  ILE A CB  1 
ATOM   1182 C CG1 . ILE A 1 146 ? -10.146 16.014  0.161   1.00 23.31  ? 146  ILE A CG1 1 
ATOM   1183 C CG2 . ILE A 1 146 ? -7.847  15.025  0.078   1.00 33.29  ? 146  ILE A CG2 1 
ATOM   1184 C CD1 . ILE A 1 146 ? -10.642 16.005  -1.290  1.00 29.94  ? 146  ILE A CD1 1 
ATOM   1185 N N   . ILE A 1 147 ? -6.547  15.843  2.939   1.00 33.02  ? 147  ILE A N   1 
ATOM   1186 C CA  . ILE A 1 147 ? -5.153  15.539  3.216   1.00 29.92  ? 147  ILE A CA  1 
ATOM   1187 C C   . ILE A 1 147 ? -4.852  14.169  2.633   1.00 26.53  ? 147  ILE A C   1 
ATOM   1188 O O   . ILE A 1 147 ? -5.490  13.188  3.013   1.00 30.38  ? 147  ILE A O   1 
ATOM   1189 C CB  . ILE A 1 147 ? -4.899  15.455  4.721   1.00 41.85  ? 147  ILE A CB  1 
ATOM   1190 C CG1 . ILE A 1 147 ? -5.142  16.807  5.389   1.00 41.70  ? 147  ILE A CG1 1 
ATOM   1191 C CG2 . ILE A 1 147 ? -3.487  14.969  4.989   1.00 45.93  ? 147  ILE A CG2 1 
ATOM   1192 C CD1 . ILE A 1 147 ? -5.289  16.705  6.891   1.00 48.94  ? 147  ILE A CD1 1 
ATOM   1193 N N   . ASN A 1 148 ? -3.891  14.113  1.711   1.00 27.69  ? 148  ASN A N   1 
ATOM   1194 C CA  . ASN A 1 148 ? -3.490  12.880  1.052   1.00 43.24  ? 148  ASN A CA  1 
ATOM   1195 C C   . ASN A 1 148 ? -2.074  12.511  1.436   1.00 41.08  ? 148  ASN A C   1 
ATOM   1196 O O   . ASN A 1 148 ? -1.132  13.266  1.168   1.00 38.07  ? 148  ASN A O   1 
ATOM   1197 C CB  . ASN A 1 148 ? -3.565  13.035  -0.468  1.00 34.00  ? 148  ASN A CB  1 
ATOM   1198 C CG  . ASN A 1 148 ? -4.985  13.010  -0.990  1.00 29.50  ? 148  ASN A CG  1 
ATOM   1199 O OD1 . ASN A 1 148 ? -5.858  12.376  -0.404  1.00 31.54  ? 148  ASN A OD1 1 
ATOM   1200 N ND2 . ASN A 1 148 ? -5.214  13.678  -2.115  1.00 29.94  ? 148  ASN A ND2 1 
ATOM   1201 N N   . LYS A 1 149 ? -1.928  11.358  2.075   1.00 37.22  ? 149  LYS A N   1 
ATOM   1202 C CA  . LYS A 1 149 ? -0.609  10.797  2.337   1.00 41.21  ? 149  LYS A CA  1 
ATOM   1203 C C   . LYS A 1 149 ? -0.456  9.516   1.531   1.00 43.78  ? 149  LYS A C   1 
ATOM   1204 O O   . LYS A 1 149 ? -1.353  9.134   0.770   1.00 33.84  ? 149  LYS A O   1 
ATOM   1205 C CB  . LYS A 1 149 ? -0.412  10.557  3.834   1.00 49.33  ? 149  LYS A CB  1 
ATOM   1206 C CG  . LYS A 1 149 ? -0.642  11.825  4.648   1.00 43.98  ? 149  LYS A CG  1 
ATOM   1207 C CD  . LYS A 1 149 ? -0.168  11.704  6.080   1.00 65.68  ? 149  LYS A CD  1 
ATOM   1208 C CE  . LYS A 1 149 ? -1.314  11.391  7.016   1.00 63.77  ? 149  LYS A CE  1 
ATOM   1209 N NZ  . LYS A 1 149 ? -1.065  11.954  8.374   1.00 65.72  ? 149  LYS A NZ  1 
ATOM   1210 N N   . GLU A 1 150 ? 0.686   8.863   1.676   1.00 45.25  ? 150  GLU A N   1 
ATOM   1211 C CA  . GLU A 1 150 ? 0.959   7.666   0.899   1.00 26.50  ? 150  GLU A CA  1 
ATOM   1212 C C   . GLU A 1 150 ? -0.078  6.567   1.105   1.00 24.75  ? 150  GLU A C   1 
ATOM   1213 O O   . GLU A 1 150 ? -0.645  6.077   0.136   1.00 36.17  ? 150  GLU A O   1 
ATOM   1214 C CB  . GLU A 1 150 ? 2.360   7.135   1.205   1.00 41.52  ? 150  GLU A CB  1 
ATOM   1215 C CG  . GLU A 1 150 ? 3.438   8.141   0.932   1.00 52.84  ? 150  GLU A CG  1 
ATOM   1216 C CD  . GLU A 1 150 ? 4.764   7.483   0.672   1.00 109.41 ? 150  GLU A CD  1 
ATOM   1217 O OE1 . GLU A 1 150 ? 5.029   6.426   1.284   1.00 43.80  ? 150  GLU A OE1 1 
ATOM   1218 O OE2 . GLU A 1 150 ? 5.533   8.018   -0.150  1.00 49.06  ? 150  GLU A OE2 1 
ATOM   1219 N N   . ASN A 1 151 ? -0.324  6.198   2.365   1.00 32.68  ? 151  ASN A N   1 
ATOM   1220 C CA  . ASN A 1 151 ? -1.238  5.104   2.709   1.00 33.76  ? 151  ASN A CA  1 
ATOM   1221 C C   . ASN A 1 151 ? -2.485  5.578   3.473   1.00 30.70  ? 151  ASN A C   1 
ATOM   1222 O O   . ASN A 1 151 ? -3.138  4.802   4.172   1.00 30.68  ? 151  ASN A O   1 
ATOM   1223 C CB  . ASN A 1 151 ? -0.507  4.051   3.553   1.00 36.84  ? 151  ASN A CB  1 
ATOM   1224 C CG  . ASN A 1 151 ? 0.805   3.598   2.929   1.00 92.60  ? 151  ASN A CG  1 
ATOM   1225 O OD1 . ASN A 1 151 ? 0.869   3.313   1.734   1.00 45.27  ? 151  ASN A OD1 1 
ATOM   1226 N ND2 . ASN A 1 151 ? 1.858   3.521   3.742   1.00 69.40  ? 151  ASN A ND2 1 
ATOM   1227 N N   . TYR A 1 152 ? -2.817  6.854   3.337   1.00 31.18  ? 152  TYR A N   1 
ATOM   1228 C CA  . TYR A 1 152 ? -3.880  7.430   4.134   1.00 24.54  ? 152  TYR A CA  1 
ATOM   1229 C C   . TYR A 1 152 ? -4.442  8.662   3.440   1.00 23.23  ? 152  TYR A C   1 
ATOM   1230 O O   . TYR A 1 152 ? -3.700  9.438   2.831   1.00 25.94  ? 152  TYR A O   1 
ATOM   1231 C CB  . TYR A 1 152 ? -3.327  7.800   5.511   1.00 30.40  ? 152  TYR A CB  1 
ATOM   1232 C CG  . TYR A 1 152 ? -4.284  8.528   6.436   1.00 32.06  ? 152  TYR A CG  1 
ATOM   1233 C CD1 . TYR A 1 152 ? -5.099  7.829   7.314   1.00 33.73  ? 152  TYR A CD1 1 
ATOM   1234 C CD2 . TYR A 1 152 ? -4.351  9.913   6.443   1.00 31.12  ? 152  TYR A CD2 1 
ATOM   1235 C CE1 . TYR A 1 152 ? -5.959  8.490   8.172   1.00 27.91  ? 152  TYR A CE1 1 
ATOM   1236 C CE2 . TYR A 1 152 ? -5.211  10.582  7.291   1.00 26.19  ? 152  TYR A CE2 1 
ATOM   1237 C CZ  . TYR A 1 152 ? -6.008  9.873   8.153   1.00 32.68  ? 152  TYR A CZ  1 
ATOM   1238 O OH  . TYR A 1 152 ? -6.860  10.555  8.993   1.00 38.61  ? 152  TYR A OH  1 
ATOM   1239 N N   . THR A 1 153 ? -5.759  8.806   3.498   1.00 29.56  ? 153  THR A N   1 
ATOM   1240 C CA  . THR A 1 153 ? -6.399  10.031  3.051   1.00 28.37  ? 153  THR A CA  1 
ATOM   1241 C C   . THR A 1 153 ? -7.444  10.462  4.067   1.00 23.90  ? 153  THR A C   1 
ATOM   1242 O O   . THR A 1 153 ? -8.004  9.646   4.801   1.00 29.73  ? 153  THR A O   1 
ATOM   1243 C CB  . THR A 1 153 ? -7.037  9.895   1.660   1.00 23.71  ? 153  THR A CB  1 
ATOM   1244 O OG1 . THR A 1 153 ? -7.514  11.186  1.228   1.00 27.18  ? 153  THR A OG1 1 
ATOM   1245 C CG2 . THR A 1 153 ? -8.205  8.918   1.705   1.00 23.76  ? 153  THR A CG2 1 
ATOM   1246 N N   . GLU A 1 154 ? -7.702  11.761  4.110   1.00 24.67  ? 154  GLU A N   1 
ATOM   1247 C CA  . GLU A 1 154 ? -8.671  12.308  5.041   1.00 23.25  ? 154  GLU A CA  1 
ATOM   1248 C C   . GLU A 1 154 ? -9.451  13.415  4.348   1.00 28.89  ? 154  GLU A C   1 
ATOM   1249 O O   . GLU A 1 154 ? -8.853  14.277  3.718   1.00 31.00  ? 154  GLU A O   1 
ATOM   1250 C CB  . GLU A 1 154 ? -7.931  12.875  6.250   1.00 32.51  ? 154  GLU A CB  1 
ATOM   1251 C CG  . GLU A 1 154 ? -8.802  13.204  7.439   1.00 30.83  ? 154  GLU A CG  1 
ATOM   1252 C CD  . GLU A 1 154 ? -7.998  13.806  8.582   1.00 49.74  ? 154  GLU A CD  1 
ATOM   1253 O OE1 . GLU A 1 154 ? -6.848  13.369  8.794   1.00 40.34  ? 154  GLU A OE1 1 
ATOM   1254 O OE2 . GLU A 1 154 ? -8.513  14.713  9.263   1.00 57.21  ? 154  GLU A OE2 1 
ATOM   1255 N N   . LEU A 1 155 ? -10.779 13.360  4.439   1.00 26.61  ? 155  LEU A N   1 
ATOM   1256 C CA  . LEU A 1 155 ? -11.641 14.430  3.956   1.00 22.78  ? 155  LEU A CA  1 
ATOM   1257 C C   . LEU A 1 155 ? -12.290 15.104  5.152   1.00 24.50  ? 155  LEU A C   1 
ATOM   1258 O O   . LEU A 1 155 ? -12.949 14.454  5.964   1.00 28.39  ? 155  LEU A O   1 
ATOM   1259 C CB  . LEU A 1 155 ? -12.734 13.890  3.029   1.00 22.95  ? 155  LEU A CB  1 
ATOM   1260 C CG  . LEU A 1 155 ? -13.900 14.815  2.635   1.00 29.16  ? 155  LEU A CG  1 
ATOM   1261 C CD1 . LEU A 1 155 ? -13.435 15.918  1.705   1.00 27.82  ? 155  LEU A CD1 1 
ATOM   1262 C CD2 . LEU A 1 155 ? -14.979 14.013  1.962   1.00 23.90  ? 155  LEU A CD2 1 
ATOM   1263 N N   . ASN A 1 156 ? -12.097 16.413  5.257   1.00 29.67  ? 156  ASN A N   1 
ATOM   1264 C CA  . ASN A 1 156 ? -12.781 17.200  6.273   1.00 29.92  ? 156  ASN A CA  1 
ATOM   1265 C C   . ASN A 1 156 ? -13.792 18.129  5.611   1.00 20.91  ? 156  ASN A C   1 
ATOM   1266 O O   . ASN A 1 156 ? -13.479 18.766  4.609   1.00 24.55  ? 156  ASN A O   1 
ATOM   1267 C CB  . ASN A 1 156 ? -11.755 18.020  7.062   1.00 31.04  ? 156  ASN A CB  1 
ATOM   1268 C CG  . ASN A 1 156 ? -10.777 17.151  7.839   1.00 23.39  ? 156  ASN A CG  1 
ATOM   1269 O OD1 . ASN A 1 156 ? -11.055 16.753  8.969   1.00 38.01  ? 156  ASN A OD1 1 
ATOM   1270 N ND2 . ASN A 1 156 ? -9.617  16.880  7.246   1.00 30.64  ? 156  ASN A ND2 1 
ATOM   1271 N N   . ILE A 1 157 ? -15.004 18.205  6.165   1.00 21.15  ? 157  ILE A N   1 
ATOM   1272 C CA  . ILE A 1 157 ? -16.037 19.109  5.659   1.00 23.87  ? 157  ILE A CA  1 
ATOM   1273 C C   . ILE A 1 157 ? -16.426 20.043  6.794   1.00 22.05  ? 157  ILE A C   1 
ATOM   1274 O O   . ILE A 1 157 ? -17.017 19.604  7.773   1.00 29.31  ? 157  ILE A O   1 
ATOM   1275 C CB  . ILE A 1 157 ? -17.312 18.344  5.232   1.00 25.79  ? 157  ILE A CB  1 
ATOM   1276 C CG1 . ILE A 1 157 ? -16.980 17.183  4.292   1.00 25.99  ? 157  ILE A CG1 1 
ATOM   1277 C CG2 . ILE A 1 157 ? -18.332 19.279  4.572   1.00 29.58  ? 157  ILE A CG2 1 
ATOM   1278 C CD1 . ILE A 1 157 ? -18.224 16.357  3.973   1.00 34.94  ? 157  ILE A CD1 1 
ATOM   1279 N N   . VAL A 1 158 ? -16.078 21.321  6.678   1.00 29.57  ? 158  VAL A N   1 
ATOM   1280 C CA  . VAL A 1 158 ? -16.349 22.263  7.760   1.00 35.23  ? 158  VAL A CA  1 
ATOM   1281 C C   . VAL A 1 158 ? -17.708 22.933  7.596   1.00 32.07  ? 158  VAL A C   1 
ATOM   1282 O O   . VAL A 1 158 ? -18.284 22.968  6.498   1.00 27.87  ? 158  VAL A O   1 
ATOM   1283 C CB  . VAL A 1 158 ? -15.233 23.343  7.908   1.00 37.93  ? 158  VAL A CB  1 
ATOM   1284 C CG1 . VAL A 1 158 ? -13.846 22.695  8.019   1.00 29.00  ? 158  VAL A CG1 1 
ATOM   1285 C CG2 . VAL A 1 158 ? -15.271 24.330  6.753   1.00 34.99  ? 158  VAL A CG2 1 
ATOM   1286 N N   . ASN A 1 159 ? -18.230 23.451  8.703   1.00 44.30  ? 159  ASN A N   1 
ATOM   1287 C CA  . ASN A 1 159 ? -19.493 24.176  8.682   1.00 30.33  ? 159  ASN A CA  1 
ATOM   1288 C C   . ASN A 1 159 ? -20.594 23.381  8.014   1.00 30.59  ? 159  ASN A C   1 
ATOM   1289 O O   . ASN A 1 159 ? -21.230 23.851  7.062   1.00 27.98  ? 159  ASN A O   1 
ATOM   1290 C CB  . ASN A 1 159 ? -19.327 25.507  7.959   1.00 39.47  ? 159  ASN A CB  1 
ATOM   1291 C CG  . ASN A 1 159 ? -20.518 26.415  8.159   1.00 81.90  ? 159  ASN A CG  1 
ATOM   1292 O OD1 . ASN A 1 159 ? -20.882 27.198  7.281   1.00 44.11  ? 159  ASN A OD1 1 
ATOM   1293 N ND2 . ASN A 1 159 ? -21.147 26.297  9.316   1.00 37.50  ? 159  ASN A ND2 1 
ATOM   1294 N N   . LEU A 1 160 ? -20.818 22.170  8.509   1.00 33.61  ? 160  LEU A N   1 
ATOM   1295 C CA  . LEU A 1 160 ? -21.780 21.263  7.901   1.00 30.70  ? 160  LEU A CA  1 
ATOM   1296 C C   . LEU A 1 160 ? -23.135 21.900  7.606   1.00 52.69  ? 160  LEU A C   1 
ATOM   1297 O O   . LEU A 1 160 ? -23.706 22.602  8.445   1.00 33.91  ? 160  LEU A O   1 
ATOM   1298 C CB  . LEU A 1 160 ? -21.962 20.028  8.772   1.00 40.26  ? 160  LEU A CB  1 
ATOM   1299 C CG  . LEU A 1 160 ? -20.810 19.033  8.673   1.00 30.78  ? 160  LEU A CG  1 
ATOM   1300 C CD1 . LEU A 1 160 ? -20.915 18.056  9.814   1.00 34.52  ? 160  LEU A CD1 1 
ATOM   1301 C CD2 . LEU A 1 160 ? -20.858 18.314  7.320   1.00 27.06  ? 160  LEU A CD2 1 
ATOM   1302 N N   . GLN A 1 161 ? -23.635 21.633  6.402   1.00 27.75  ? 161  GLN A N   1 
ATOM   1303 C CA  . GLN A 1 161 ? -24.950 22.108  5.951   1.00 35.38  ? 161  GLN A CA  1 
ATOM   1304 C C   . GLN A 1 161 ? -25.868 20.922  5.715   1.00 42.72  ? 161  GLN A C   1 
ATOM   1305 O O   . GLN A 1 161 ? -25.547 20.041  4.928   1.00 35.29  ? 161  GLN A O   1 
ATOM   1306 C CB  . GLN A 1 161 ? -24.810 22.864  4.634   1.00 47.57  ? 161  GLN A CB  1 
ATOM   1307 C CG  . GLN A 1 161 ? -23.760 23.947  4.639   1.00 35.51  ? 161  GLN A CG  1 
ATOM   1308 C CD  . GLN A 1 161 ? -24.214 25.166  5.397   1.00 68.91  ? 161  GLN A CD  1 
ATOM   1309 O OE1 . GLN A 1 161 ? -25.378 25.547  5.321   1.00 54.04  ? 161  GLN A OE1 1 
ATOM   1310 N NE2 . GLN A 1 161 ? -23.301 25.786  6.138   1.00 47.68  ? 161  GLN A NE2 1 
ATOM   1311 N N   . ILE A 1 162 ? -27.028 20.908  6.365   1.00 28.96  ? 162  ILE A N   1 
ATOM   1312 C CA  . ILE A 1 162 ? -27.906 19.750  6.288   1.00 27.81  ? 162  ILE A CA  1 
ATOM   1313 C C   . ILE A 1 162 ? -28.526 19.546  4.907   1.00 30.03  ? 162  ILE A C   1 
ATOM   1314 O O   . ILE A 1 162 ? -28.906 18.432  4.547   1.00 35.11  ? 162  ILE A O   1 
ATOM   1315 C CB  . ILE A 1 162 ? -29.018 19.815  7.344   1.00 27.18  ? 162  ILE A CB  1 
ATOM   1316 C CG1 . ILE A 1 162 ? -29.762 18.486  7.414   1.00 27.77  ? 162  ILE A CG1 1 
ATOM   1317 C CG2 . ILE A 1 162 ? -29.971 20.982  7.053   1.00 42.68  ? 162  ILE A CG2 1 
ATOM   1318 C CD1 . ILE A 1 162 ? -30.752 18.409  8.550   1.00 42.59  ? 162  ILE A CD1 1 
ATOM   1319 N N   . THR A 1 163 ? -28.619 20.617  4.128   1.00 36.50  ? 163  THR A N   1 
ATOM   1320 C CA  . THR A 1 163 ? -29.215 20.513  2.803   1.00 33.31  ? 163  THR A CA  1 
ATOM   1321 C C   . THR A 1 163 ? -28.256 19.847  1.822   1.00 49.74  ? 163  THR A C   1 
ATOM   1322 O O   . THR A 1 163 ? -28.635 18.946  1.069   1.00 47.17  ? 163  THR A O   1 
ATOM   1323 C CB  . THR A 1 163 ? -29.613 21.894  2.251   1.00 40.97  ? 163  THR A CB  1 
ATOM   1324 O OG1 . THR A 1 163 ? -28.473 22.759  2.253   1.00 53.81  ? 163  THR A OG1 1 
ATOM   1325 C CG2 . THR A 1 163 ? -30.715 22.511  3.100   1.00 43.37  ? 163  THR A CG2 1 
ATOM   1326 N N   . GLU A 1 164 ? -27.003 20.286  1.844   1.00 35.98  ? 164  GLU A N   1 
ATOM   1327 C CA  . GLU A 1 164 ? -26.058 19.876  0.815   1.00 26.78  ? 164  GLU A CA  1 
ATOM   1328 C C   . GLU A 1 164 ? -25.109 18.741  1.190   1.00 32.24  ? 164  GLU A C   1 
ATOM   1329 O O   . GLU A 1 164 ? -24.649 18.020  0.308   1.00 36.55  ? 164  GLU A O   1 
ATOM   1330 C CB  . GLU A 1 164 ? -25.256 21.082  0.318   1.00 35.93  ? 164  GLU A CB  1 
ATOM   1331 C CG  . GLU A 1 164 ? -24.944 22.123  1.370   1.00 73.96  ? 164  GLU A CG  1 
ATOM   1332 C CD  . GLU A 1 164 ? -24.656 23.479  0.757   1.00 122.77 ? 164  GLU A CD  1 
ATOM   1333 O OE1 . GLU A 1 164 ? -23.633 24.101  1.120   1.00 107.56 ? 164  GLU A OE1 1 
ATOM   1334 O OE2 . GLU A 1 164 ? -25.451 23.919  -0.100  1.00 86.54  ? 164  GLU A OE2 1 
ATOM   1335 N N   . ASP A 1 165 ? -24.819 18.575  2.476   1.00 27.81  ? 165  ASP A N   1 
ATOM   1336 C CA  . ASP A 1 165 ? -23.685 17.722  2.874   1.00 31.50  ? 165  ASP A CA  1 
ATOM   1337 C C   . ASP A 1 165 ? -23.989 16.232  3.097   1.00 28.82  ? 165  ASP A C   1 
ATOM   1338 O O   . ASP A 1 165 ? -23.153 15.374  2.792   1.00 41.28  ? 165  ASP A O   1 
ATOM   1339 C CB  . ASP A 1 165 ? -22.945 18.326  4.078   1.00 25.93  ? 165  ASP A CB  1 
ATOM   1340 C CG  . ASP A 1 165 ? -22.234 19.625  3.735   1.00 29.50  ? 165  ASP A CG  1 
ATOM   1341 O OD1 . ASP A 1 165 ? -22.009 19.877  2.534   1.00 31.23  ? 165  ASP A OD1 1 
ATOM   1342 O OD2 . ASP A 1 165 ? -21.892 20.400  4.659   1.00 29.67  ? 165  ASP A OD2 1 
ATOM   1343 N N   . PRO A 1 166 ? -25.172 15.911  3.633   1.00 38.53  ? 166  PRO A N   1 
ATOM   1344 C CA  . PRO A 1 166 ? -25.491 14.500  3.879   1.00 31.10  ? 166  PRO A CA  1 
ATOM   1345 C C   . PRO A 1 166 ? -25.392 13.622  2.632   1.00 26.39  ? 166  PRO A C   1 
ATOM   1346 O O   . PRO A 1 166 ? -25.537 14.105  1.511   1.00 31.94  ? 166  PRO A O   1 
ATOM   1347 C CB  . PRO A 1 166 ? -26.935 14.561  4.376   1.00 31.61  ? 166  PRO A CB  1 
ATOM   1348 C CG  . PRO A 1 166 ? -27.028 15.887  5.021   1.00 22.58  ? 166  PRO A CG  1 
ATOM   1349 C CD  . PRO A 1 166 ? -26.218 16.803  4.161   1.00 36.15  ? 166  PRO A CD  1 
ATOM   1350 N N   . GLY A 1 167 ? -25.125 12.338  2.837   1.00 27.36  ? 167  GLY A N   1 
ATOM   1351 C CA  . GLY A 1 167 ? -25.027 11.407  1.730   1.00 34.71  ? 167  GLY A CA  1 
ATOM   1352 C C   . GLY A 1 167 ? -23.889 10.412  1.866   1.00 39.34  ? 167  GLY A C   1 
ATOM   1353 O O   . GLY A 1 167 ? -23.278 10.285  2.925   1.00 28.73  ? 167  GLY A O   1 
ATOM   1354 N N   . GLU A 1 168 ? -23.612 9.709   0.773   1.00 29.88  ? 168  GLU A N   1 
ATOM   1355 C CA  . GLU A 1 168 ? -22.598 8.666   0.740   1.00 34.00  ? 168  GLU A CA  1 
ATOM   1356 C C   . GLU A 1 168 ? -21.327 9.185   0.086   1.00 26.09  ? 168  GLU A C   1 
ATOM   1357 O O   . GLU A 1 168 ? -21.328 9.570   -1.085  1.00 29.45  ? 168  GLU A O   1 
ATOM   1358 C CB  . GLU A 1 168 ? -23.124 7.444   -0.029  1.00 34.04  ? 168  GLU A CB  1 
ATOM   1359 C CG  . GLU A 1 168 ? -22.262 6.203   0.119   1.00 47.04  ? 168  GLU A CG  1 
ATOM   1360 C CD  . GLU A 1 168 ? -22.786 5.023   -0.675  1.00 44.28  ? 168  GLU A CD  1 
ATOM   1361 O OE1 . GLU A 1 168 ? -23.954 5.052   -1.099  1.00 37.09  ? 168  GLU A OE1 1 
ATOM   1362 O OE2 . GLU A 1 168 ? -22.028 4.061   -0.881  1.00 40.66  ? 168  GLU A OE2 1 
ATOM   1363 N N   . TYR A 1 169 ? -20.242 9.204   0.850   1.00 22.86  ? 169  TYR A N   1 
ATOM   1364 C CA  . TYR A 1 169 ? -18.964 9.646   0.340   1.00 15.69  ? 169  TYR A CA  1 
ATOM   1365 C C   . TYR A 1 169 ? -18.046 8.421   0.214   1.00 24.30  ? 169  TYR A C   1 
ATOM   1366 O O   . TYR A 1 169 ? -18.017 7.568   1.090   1.00 37.50  ? 169  TYR A O   1 
ATOM   1367 C CB  . TYR A 1 169 ? -18.316 10.649  1.294   1.00 25.53  ? 169  TYR A CB  1 
ATOM   1368 C CG  . TYR A 1 169 ? -19.031 11.983  1.371   1.00 29.84  ? 169  TYR A CG  1 
ATOM   1369 C CD1 . TYR A 1 169 ? -18.542 13.084  0.688   1.00 21.97  ? 169  TYR A CD1 1 
ATOM   1370 C CD2 . TYR A 1 169 ? -20.190 12.139  2.130   1.00 35.64  ? 169  TYR A CD2 1 
ATOM   1371 C CE1 . TYR A 1 169 ? -19.186 14.307  0.743   1.00 32.30  ? 169  TYR A CE1 1 
ATOM   1372 C CE2 . TYR A 1 169 ? -20.848 13.372  2.199   1.00 22.92  ? 169  TYR A CE2 1 
ATOM   1373 C CZ  . TYR A 1 169 ? -20.327 14.449  1.503   1.00 31.34  ? 169  TYR A CZ  1 
ATOM   1374 O OH  . TYR A 1 169 ? -20.939 15.680  1.547   1.00 26.60  ? 169  TYR A OH  1 
ATOM   1375 N N   . GLU A 1 170 ? -17.309 8.331   -0.879  1.00 22.11  ? 170  GLU A N   1 
ATOM   1376 C CA  . GLU A 1 170 ? -16.391 7.215   -1.030  1.00 22.85  ? 170  GLU A CA  1 
ATOM   1377 C C   . GLU A 1 170 ? -14.974 7.692   -1.306  1.00 26.99  ? 170  GLU A C   1 
ATOM   1378 O O   . GLU A 1 170 ? -14.759 8.719   -1.948  1.00 25.13  ? 170  GLU A O   1 
ATOM   1379 C CB  . GLU A 1 170 ? -16.847 6.265   -2.134  1.00 33.59  ? 170  GLU A CB  1 
ATOM   1380 C CG  . GLU A 1 170 ? -16.583 6.793   -3.515  1.00 50.55  ? 170  GLU A CG  1 
ATOM   1381 C CD  . GLU A 1 170 ? -16.357 5.697   -4.532  1.00 37.99  ? 170  GLU A CD  1 
ATOM   1382 O OE1 . GLU A 1 170 ? -15.843 6.021   -5.619  1.00 43.31  ? 170  GLU A OE1 1 
ATOM   1383 O OE2 . GLU A 1 170 ? -16.695 4.523   -4.255  1.00 42.38  ? 170  GLU A OE2 1 
ATOM   1384 N N   . CYS A 1 171 ? -14.013 6.925   -0.815  1.00 27.33  ? 171  CYS A N   1 
ATOM   1385 C CA  . CYS A 1 171 ? -12.613 7.181   -1.089  1.00 27.10  ? 171  CYS A CA  1 
ATOM   1386 C C   . CYS A 1 171 ? -12.166 6.116   -2.073  1.00 33.07  ? 171  CYS A C   1 
ATOM   1387 O O   . CYS A 1 171 ? -12.519 4.947   -1.925  1.00 25.72  ? 171  CYS A O   1 
ATOM   1388 C CB  . CYS A 1 171 ? -11.789 7.071   0.191   1.00 32.74  ? 171  CYS A CB  1 
ATOM   1389 S SG  . CYS A 1 171 ? -11.963 5.486   1.041   1.00 29.60  ? 171  CYS A SG  1 
ATOM   1390 N N   . ASN A 1 172 ? -11.416 6.525   -3.085  1.00 24.22  ? 172  ASN A N   1 
ATOM   1391 C CA  . ASN A 1 172 ? -10.899 5.594   -4.088  1.00 23.15  ? 172  ASN A CA  1 
ATOM   1392 C C   . ASN A 1 172 ? -9.391  5.635   -4.074  1.00 30.62  ? 172  ASN A C   1 
ATOM   1393 O O   . ASN A 1 172 ? -8.802  6.704   -4.248  1.00 29.07  ? 172  ASN A O   1 
ATOM   1394 C CB  . ASN A 1 172 ? -11.431 5.961   -5.479  1.00 24.26  ? 172  ASN A CB  1 
ATOM   1395 C CG  . ASN A 1 172 ? -10.940 5.012   -6.564  1.00 41.62  ? 172  ASN A CG  1 
ATOM   1396 O OD1 . ASN A 1 172 ? -11.685 4.160   -7.049  1.00 65.56  ? 172  ASN A OD1 1 
ATOM   1397 N ND2 . ASN A 1 172 ? -9.683  5.163   -6.949  1.00 53.69  ? 172  ASN A ND2 1 
ATOM   1398 N N   . ALA A 1 173 ? -8.774  4.477   -3.837  1.00 31.52  ? 173  ALA A N   1 
ATOM   1399 C CA  . ALA A 1 173 ? -7.327  4.325   -3.889  1.00 27.88  ? 173  ALA A CA  1 
ATOM   1400 C C   . ALA A 1 173 ? -6.944  3.642   -5.192  1.00 32.45  ? 173  ALA A C   1 
ATOM   1401 O O   . ALA A 1 173 ? -7.395  2.531   -5.469  1.00 27.61  ? 173  ALA A O   1 
ATOM   1402 C CB  . ALA A 1 173 ? -6.830  3.505   -2.692  1.00 25.50  ? 173  ALA A CB  1 
ATOM   1403 N N   . THR A 1 174 ? -6.124  4.308   -5.998  1.00 23.42  ? 174  THR A N   1 
ATOM   1404 C CA  . THR A 1 174 ? -5.699  3.743   -7.272  1.00 30.89  ? 174  THR A CA  1 
ATOM   1405 C C   . THR A 1 174 ? -4.188  3.731   -7.419  1.00 33.55  ? 174  THR A C   1 
ATOM   1406 O O   . THR A 1 174 ? -3.517  4.709   -7.096  1.00 29.99  ? 174  THR A O   1 
ATOM   1407 C CB  . THR A 1 174 ? -6.264  4.522   -8.476  1.00 28.79  ? 174  THR A CB  1 
ATOM   1408 O OG1 . THR A 1 174 ? -7.694  4.472   -8.456  1.00 34.88  ? 174  THR A OG1 1 
ATOM   1409 C CG2 . THR A 1 174 ? -5.767  3.895   -9.777  1.00 29.67  ? 174  THR A CG2 1 
ATOM   1410 N N   . ASN A 1 175 ? -3.662  2.612   -7.906  1.00 32.99  ? 175  ASN A N   1 
ATOM   1411 C CA  . ASN A 1 175 ? -2.271  2.550   -8.346  1.00 29.90  ? 175  ASN A CA  1 
ATOM   1412 C C   . ASN A 1 175 ? -2.180  1.908   -9.732  1.00 31.77  ? 175  ASN A C   1 
ATOM   1413 O O   . ASN A 1 175 ? -3.198  1.574   -10.335 1.00 32.26  ? 175  ASN A O   1 
ATOM   1414 C CB  . ASN A 1 175 ? -1.367  1.862   -7.311  1.00 31.23  ? 175  ASN A CB  1 
ATOM   1415 C CG  . ASN A 1 175 ? -1.615  0.371   -7.205  1.00 22.39  ? 175  ASN A CG  1 
ATOM   1416 O OD1 . ASN A 1 175 ? -2.239  -0.229  -8.077  1.00 27.14  ? 175  ASN A OD1 1 
ATOM   1417 N ND2 . ASN A 1 175 ? -1.123  -0.238  -6.127  1.00 25.88  ? 175  ASN A ND2 1 
ATOM   1418 N N   . SER A 1 176 ? -0.978  1.754   -10.261 1.00 36.11  ? 176  SER A N   1 
ATOM   1419 C CA  . SER A 1 176 ? -0.842  1.231   -11.614 1.00 27.66  ? 176  SER A CA  1 
ATOM   1420 C C   . SER A 1 176 ? -1.379  -0.195  -11.758 1.00 28.68  ? 176  SER A C   1 
ATOM   1421 O O   . SER A 1 176 ? -1.558  -0.679  -12.876 1.00 39.44  ? 176  SER A O   1 
ATOM   1422 C CB  . SER A 1 176 ? 0.621   1.280   -12.063 1.00 44.22  ? 176  SER A CB  1 
ATOM   1423 O OG  . SER A 1 176 ? 1.400   0.429   -11.254 1.00 34.96  ? 176  SER A OG  1 
ATOM   1424 N N   . ILE A 1 177 ? -1.640  -0.872  -10.643 1.00 31.18  ? 177  ILE A N   1 
ATOM   1425 C CA  . ILE A 1 177 ? -2.133  -2.249  -10.717 1.00 34.21  ? 177  ILE A CA  1 
ATOM   1426 C C   . ILE A 1 177 ? -3.658  -2.360  -10.657 1.00 47.44  ? 177  ILE A C   1 
ATOM   1427 O O   . ILE A 1 177 ? -4.240  -3.227  -11.295 1.00 29.14  ? 177  ILE A O   1 
ATOM   1428 C CB  . ILE A 1 177 ? -1.485  -3.170  -9.649  1.00 33.82  ? 177  ILE A CB  1 
ATOM   1429 C CG1 . ILE A 1 177 ? 0.042   -3.031  -9.660  1.00 27.12  ? 177  ILE A CG1 1 
ATOM   1430 C CG2 . ILE A 1 177 ? -1.892  -4.615  -9.867  1.00 29.12  ? 177  ILE A CG2 1 
ATOM   1431 C CD1 . ILE A 1 177 ? 0.673   -3.138  -11.026 1.00 25.27  ? 177  ILE A CD1 1 
ATOM   1432 N N   . GLY A 1 178 ? -4.308  -1.490  -9.890  1.00 32.67  ? 178  GLY A N   1 
ATOM   1433 C CA  . GLY A 1 178 ? -5.751  -1.538  -9.793  1.00 27.56  ? 178  GLY A CA  1 
ATOM   1434 C C   . GLY A 1 178 ? -6.287  -0.489  -8.833  1.00 23.04  ? 178  GLY A C   1 
ATOM   1435 O O   . GLY A 1 178 ? -5.582  0.465   -8.491  1.00 25.75  ? 178  GLY A O   1 
ATOM   1436 N N   . SER A 1 179 ? -7.520  -0.685  -8.383  1.00 30.79  ? 179  SER A N   1 
ATOM   1437 C CA  A SER A 1 179 ? -8.191  0.271   -7.505  0.60 33.01  ? 179  SER A CA  1 
ATOM   1438 C CA  B SER A 1 179 ? -8.147  0.265   -7.475  0.40 33.08  ? 179  SER A CA  1 
ATOM   1439 C C   . SER A 1 179 ? -9.003  -0.424  -6.424  1.00 42.01  ? 179  SER A C   1 
ATOM   1440 O O   . SER A 1 179 ? -9.381  -1.583  -6.571  1.00 36.08  ? 179  SER A O   1 
ATOM   1441 C CB  A SER A 1 179 ? -9.136  1.167   -8.312  0.60 26.29  ? 179  SER A CB  1 
ATOM   1442 C CB  B SER A 1 179 ? -9.001  1.265   -8.258  0.40 28.56  ? 179  SER A CB  1 
ATOM   1443 O OG  A SER A 1 179 ? -8.429  1.982   -9.228  0.60 38.34  ? 179  SER A OG  1 
ATOM   1444 O OG  B SER A 1 179 ? -10.045 0.602   -8.946  0.40 27.21  ? 179  SER A OG  1 
ATOM   1445 N N   . ALA A 1 180 ? -9.295  0.307   -5.353  1.00 26.09  ? 180  ALA A N   1 
ATOM   1446 C CA  . ALA A 1 180 ? -10.208 -0.165  -4.320  1.00 21.86  ? 180  ALA A CA  1 
ATOM   1447 C C   . ALA A 1 180 ? -10.973 1.059   -3.851  1.00 21.18  ? 180  ALA A C   1 
ATOM   1448 O O   . ALA A 1 180 ? -10.460 2.166   -3.937  1.00 28.24  ? 180  ALA A O   1 
ATOM   1449 C CB  . ALA A 1 180 ? -9.440  -0.754  -3.172  1.00 27.14  ? 180  ALA A CB  1 
ATOM   1450 N N   . SER A 1 181 ? -12.186 0.866   -3.361  1.00 27.73  ? 181  SER A N   1 
ATOM   1451 C CA  . SER A 1 181 ? -12.937 1.966   -2.776  1.00 32.93  ? 181  SER A CA  1 
ATOM   1452 C C   . SER A 1 181 ? -13.870 1.455   -1.695  1.00 40.66  ? 181  SER A C   1 
ATOM   1453 O O   . SER A 1 181 ? -14.301 0.309   -1.734  1.00 31.81  ? 181  SER A O   1 
ATOM   1454 C CB  . SER A 1 181 ? -13.725 2.727   -3.844  1.00 48.08  ? 181  SER A CB  1 
ATOM   1455 O OG  . SER A 1 181 ? -14.613 1.871   -4.526  1.00 45.04  ? 181  SER A OG  1 
ATOM   1456 N N   . VAL A 1 182 ? -14.145 2.308   -0.714  1.00 25.22  ? 182  VAL A N   1 
ATOM   1457 C CA  . VAL A 1 182 ? -15.115 2.016   0.325   1.00 21.72  ? 182  VAL A CA  1 
ATOM   1458 C C   . VAL A 1 182 ? -15.870 3.320   0.537   1.00 34.00  ? 182  VAL A C   1 
ATOM   1459 O O   . VAL A 1 182 ? -15.454 4.360   0.044   1.00 30.90  ? 182  VAL A O   1 
ATOM   1460 C CB  . VAL A 1 182 ? -14.463 1.532   1.638   1.00 38.74  ? 182  VAL A CB  1 
ATOM   1461 C CG1 . VAL A 1 182 ? -13.702 0.222   1.407   1.00 45.86  ? 182  VAL A CG1 1 
ATOM   1462 C CG2 . VAL A 1 182 ? -13.531 2.592   2.219   1.00 27.11  ? 182  VAL A CG2 1 
ATOM   1463 N N   . SER A 1 183 ? -16.992 3.276   1.236   1.00 25.80  ? 183  SER A N   1 
ATOM   1464 C CA  . SER A 1 183 ? -17.766 4.498   1.392   1.00 27.76  ? 183  SER A CA  1 
ATOM   1465 C C   . SER A 1 183 ? -18.196 4.719   2.826   1.00 23.61  ? 183  SER A C   1 
ATOM   1466 O O   . SER A 1 183 ? -18.196 3.795   3.633   1.00 35.48  ? 183  SER A O   1 
ATOM   1467 C CB  . SER A 1 183 ? -18.970 4.502   0.446   1.00 39.24  ? 183  SER A CB  1 
ATOM   1468 O OG  . SER A 1 183 ? -19.821 3.420   0.723   1.00 43.11  ? 183  SER A OG  1 
ATOM   1469 N N   . THR A 1 184 ? -18.544 5.967   3.131   1.00 27.01  ? 184  THR A N   1 
ATOM   1470 C CA  . THR A 1 184 ? -18.958 6.383   4.465   1.00 24.00  ? 184  THR A CA  1 
ATOM   1471 C C   . THR A 1 184 ? -20.263 7.166   4.337   1.00 22.61  ? 184  THR A C   1 
ATOM   1472 O O   . THR A 1 184 ? -20.379 8.027   3.472   1.00 30.85  ? 184  THR A O   1 
ATOM   1473 C CB  . THR A 1 184 ? -17.910 7.325   5.093   1.00 36.76  ? 184  THR A CB  1 
ATOM   1474 O OG1 . THR A 1 184 ? -16.651 6.647   5.207   1.00 30.99  ? 184  THR A OG1 1 
ATOM   1475 C CG2 . THR A 1 184 ? -18.352 7.802   6.469   1.00 27.06  ? 184  THR A CG2 1 
ATOM   1476 N N   . VAL A 1 185 ? -21.243 6.865   5.181   1.00 25.87  ? 185  VAL A N   1 
ATOM   1477 C CA  . VAL A 1 185 ? -22.482 7.638   5.186   1.00 32.35  ? 185  VAL A CA  1 
ATOM   1478 C C   . VAL A 1 185 ? -22.417 8.757   6.216   1.00 33.65  ? 185  VAL A C   1 
ATOM   1479 O O   . VAL A 1 185 ? -22.109 8.528   7.388   1.00 32.70  ? 185  VAL A O   1 
ATOM   1480 C CB  . VAL A 1 185 ? -23.732 6.756   5.411   1.00 42.24  ? 185  VAL A CB  1 
ATOM   1481 C CG1 . VAL A 1 185 ? -24.981 7.624   5.557   1.00 51.76  ? 185  VAL A CG1 1 
ATOM   1482 C CG2 . VAL A 1 185 ? -23.896 5.782   4.261   1.00 36.29  ? 185  VAL A CG2 1 
ATOM   1483 N N   . LEU A 1 186 ? -22.676 9.975   5.747   1.00 27.74  ? 186  LEU A N   1 
ATOM   1484 C CA  . LEU A 1 186 ? -22.700 11.161  6.589   1.00 25.00  ? 186  LEU A CA  1 
ATOM   1485 C C   . LEU A 1 186 ? -24.141 11.598  6.855   1.00 36.65  ? 186  LEU A C   1 
ATOM   1486 O O   . LEU A 1 186 ? -24.908 11.836  5.923   1.00 31.32  ? 186  LEU A O   1 
ATOM   1487 C CB  . LEU A 1 186 ? -21.925 12.298  5.919   1.00 31.57  ? 186  LEU A CB  1 
ATOM   1488 C CG  . LEU A 1 186 ? -21.993 13.669  6.596   1.00 29.75  ? 186  LEU A CG  1 
ATOM   1489 C CD1 . LEU A 1 186 ? -21.454 13.592  8.013   1.00 32.35  ? 186  LEU A CD1 1 
ATOM   1490 C CD2 . LEU A 1 186 ? -21.225 14.696  5.789   1.00 28.52  ? 186  LEU A CD2 1 
ATOM   1491 N N   . ARG A 1 187 ? -24.497 11.671  8.134   1.00 28.93  ? 187  ARG A N   1 
ATOM   1492 C CA  . ARG A 1 187 ? -25.786 12.183  8.567   1.00 28.77  ? 187  ARG A CA  1 
ATOM   1493 C C   . ARG A 1 187 ? -25.572 13.485  9.325   1.00 46.03  ? 187  ARG A C   1 
ATOM   1494 O O   . ARG A 1 187 ? -24.745 13.561  10.239  1.00 37.63  ? 187  ARG A O   1 
ATOM   1495 C CB  . ARG A 1 187 ? -26.501 11.157  9.456   1.00 41.86  ? 187  ARG A CB  1 
ATOM   1496 C CG  . ARG A 1 187 ? -27.899 11.568  9.904   1.00 41.01  ? 187  ARG A CG  1 
ATOM   1497 C CD  . ARG A 1 187 ? -28.658 10.393  10.497  1.00 44.84  ? 187  ARG A CD  1 
ATOM   1498 N NE  . ARG A 1 187 ? -29.940 10.791  11.086  1.00 57.21  ? 187  ARG A NE  1 
ATOM   1499 C CZ  . ARG A 1 187 ? -31.094 10.863  10.422  1.00 84.11  ? 187  ARG A CZ  1 
ATOM   1500 N NH1 . ARG A 1 187 ? -31.151 10.571  9.130   1.00 42.54  ? 187  ARG A NH1 1 
ATOM   1501 N NH2 . ARG A 1 187 ? -32.200 11.234  11.053  1.00 66.81  ? 187  ARG A NH2 1 
ATOM   1502 N N   . VAL A 1 188 ? -26.301 14.519  8.921   1.00 30.51  ? 188  VAL A N   1 
ATOM   1503 C CA  . VAL A 1 188 ? -26.245 15.796  9.609   1.00 30.19  ? 188  VAL A CA  1 
ATOM   1504 C C   . VAL A 1 188 ? -27.545 16.025  10.379  1.00 31.28  ? 188  VAL A C   1 
ATOM   1505 O O   . VAL A 1 188 ? -28.638 15.775  9.858   1.00 34.08  ? 188  VAL A O   1 
ATOM   1506 C CB  . VAL A 1 188 ? -25.992 16.956  8.634   1.00 35.56  ? 188  VAL A CB  1 
ATOM   1507 C CG1 . VAL A 1 188 ? -25.986 18.270  9.380   1.00 36.47  ? 188  VAL A CG1 1 
ATOM   1508 C CG2 . VAL A 1 188 ? -24.662 16.757  7.902   1.00 30.79  ? 188  VAL A CG2 1 
ATOM   1509 N N   . ARG A 1 189 ? -27.414 16.481  11.623  1.00 34.51  ? 189  ARG A N   1 
ATOM   1510 C CA  . ARG A 1 189 ? -28.565 16.710  12.503  1.00 48.07  ? 189  ARG A CA  1 
ATOM   1511 C C   . ARG A 1 189 ? -28.609 18.131  13.057  1.00 47.82  ? 189  ARG A C   1 
ATOM   1512 O O   . ARG A 1 189 ? -27.647 18.899  12.917  1.00 40.66  ? 189  ARG A O   1 
ATOM   1513 C CB  . ARG A 1 189 ? -28.571 15.719  13.679  1.00 53.55  ? 189  ARG A CB  1 
ATOM   1514 C CG  . ARG A 1 189 ? -28.871 14.266  13.307  1.00 66.51  ? 189  ARG A CG  1 
ATOM   1515 C CD  . ARG A 1 189 ? -29.714 13.575  14.387  1.00 113.33 ? 189  ARG A CD  1 
ATOM   1516 N NE  . ARG A 1 189 ? -30.257 12.289  13.944  1.00 114.55 ? 189  ARG A NE  1 
ATOM   1517 C CZ  . ARG A 1 189 ? -31.418 11.782  14.356  1.00 111.03 ? 189  ARG A CZ  1 
ATOM   1518 N NH1 . ARG A 1 189 ? -32.175 12.454  15.215  1.00 63.14  ? 189  ARG A NH1 1 
ATOM   1519 N NH2 . ARG A 1 189 ? -31.833 10.606  13.899  1.00 62.38  ? 189  ARG A NH2 1 
ATOM   1520 N N   . VAL A 1 190 ? -29.734 18.448  13.699  1.00 84.16  ? 190  VAL A N   1 
ATOM   1521 C CA  . VAL A 1 190 ? -29.969 19.729  14.370  1.00 67.17  ? 190  VAL A CA  1 
ATOM   1522 C C   . VAL A 1 190 ? -30.124 20.898  13.401  1.00 73.34  ? 190  VAL A C   1 
ATOM   1523 O O   . VAL A 1 190 ? -31.226 21.430  13.239  1.00 49.31  ? 190  VAL A O   1 
ATOM   1524 C CB  . VAL A 1 190 ? -28.897 20.039  15.448  1.00 120.61 ? 190  VAL A CB  1 
ATOM   1525 C CG1 . VAL A 1 190 ? -28.708 21.539  15.606  1.00 61.51  ? 190  VAL A CG1 1 
ATOM   1526 C CG2 . VAL A 1 190 ? -29.275 19.395  16.783  1.00 52.91  ? 190  VAL A CG2 1 
HETATM 1527 C C1  . NAG B 2 .   ? 19.201  -19.018 -9.464  1.00 57.35  ? 1201 NAG A C1  1 
HETATM 1528 C C2  . NAG B 2 .   ? 18.484  -18.681 -10.785 1.00 68.52  ? 1201 NAG A C2  1 
HETATM 1529 C C3  . NAG B 2 .   ? 17.577  -19.869 -11.159 1.00 47.87  ? 1201 NAG A C3  1 
HETATM 1530 C C4  . NAG B 2 .   ? 18.287  -21.248 -11.046 1.00 70.51  ? 1201 NAG A C4  1 
HETATM 1531 C C5  . NAG B 2 .   ? 19.436  -21.367 -9.990  1.00 65.46  ? 1201 NAG A C5  1 
HETATM 1532 C C6  . NAG B 2 .   ? 20.547  -22.259 -10.589 1.00 84.42  ? 1201 NAG A C6  1 
HETATM 1533 C C7  . NAG B 2 .   ? 17.907  -16.268 -11.375 1.00 68.85  ? 1201 NAG A C7  1 
HETATM 1534 C C8  . NAG B 2 .   ? 17.018  -15.040 -11.114 1.00 49.80  ? 1201 NAG A C8  1 
HETATM 1535 N N2  . NAG B 2 .   ? 17.679  -17.473 -10.581 1.00 51.61  ? 1201 NAG A N2  1 
HETATM 1536 O O3  . NAG B 2 .   ? 17.055  -19.716 -12.460 1.00 55.98  ? 1201 NAG A O3  1 
HETATM 1537 O O4  . NAG B 2 .   ? 17.259  -22.165 -10.734 1.00 64.51  ? 1201 NAG A O4  1 
HETATM 1538 O O5  . NAG B 2 .   ? 20.104  -20.104 -9.723  1.00 63.21  ? 1201 NAG A O5  1 
HETATM 1539 O O6  . NAG B 2 .   ? 20.852  -23.286 -9.671  1.00 105.69 ? 1201 NAG A O6  1 
HETATM 1540 O O7  . NAG B 2 .   ? 18.836  -16.196 -12.113 1.00 45.40  ? 1201 NAG A O7  1 
HETATM 1541 C C1  . NAG C 2 .   ? -11.199 24.113  -0.802  1.00 31.02  ? 1203 NAG A C1  1 
HETATM 1542 C C2  . NAG C 2 .   ? -9.803  23.444  -0.849  1.00 26.78  ? 1203 NAG A C2  1 
HETATM 1543 C C3  . NAG C 2 .   ? -8.903  23.985  0.280   1.00 26.88  ? 1203 NAG A C3  1 
HETATM 1544 C C4  . NAG C 2 .   ? -8.873  25.543  0.332   1.00 34.38  ? 1203 NAG A C4  1 
HETATM 1545 C C5  . NAG C 2 .   ? -10.276 26.193  0.095   1.00 37.13  ? 1203 NAG A C5  1 
HETATM 1546 C C6  . NAG C 2 .   ? -10.064 27.679  -0.296  1.00 41.91  ? 1203 NAG A C6  1 
HETATM 1547 C C7  . NAG C 2 .   ? -9.403  21.093  -1.758  1.00 39.32  ? 1203 NAG A C7  1 
HETATM 1548 C C8  . NAG C 2 .   ? -9.695  19.583  -1.672  1.00 39.08  ? 1203 NAG A C8  1 
HETATM 1549 N N2  . NAG C 2 .   ? -9.929  21.983  -0.724  1.00 27.10  ? 1203 NAG A N2  1 
HETATM 1550 O O3  . NAG C 2 .   ? -7.597  23.481  0.117   1.00 44.09  ? 1203 NAG A O3  1 
HETATM 1551 O O4  . NAG C 2 .   ? -8.433  25.860  1.638   1.00 39.52  ? 1203 NAG A O4  1 
HETATM 1552 O O5  . NAG C 2 .   ? -11.050 25.542  -0.963  1.00 30.38  ? 1203 NAG A O5  1 
HETATM 1553 O O6  . NAG C 2 .   ? -9.575  27.796  -1.611  1.00 48.45  ? 1203 NAG A O6  1 
HETATM 1554 O O7  . NAG C 2 .   ? -8.801  21.541  -2.683  1.00 42.57  ? 1203 NAG A O7  1 
HETATM 1555 O O   . HOH D 3 .   ? 25.100  -6.887  -8.178  1.00 42.49  ? 2001 HOH A O   1 
HETATM 1556 O O   . HOH D 3 .   ? -3.973  -8.505  -4.746  1.00 45.66  ? 2002 HOH A O   1 
HETATM 1557 O O   . HOH D 3 .   ? 19.257  -9.120  -11.869 1.00 53.50  ? 2003 HOH A O   1 
HETATM 1558 O O   . HOH D 3 .   ? 13.472  -7.490  -10.582 1.00 41.09  ? 2004 HOH A O   1 
HETATM 1559 O O   . HOH D 3 .   ? 10.280  -12.547 -8.733  1.00 36.66  ? 2005 HOH A O   1 
HETATM 1560 O O   . HOH D 3 .   ? 11.826  -6.390  -13.845 1.00 53.67  ? 2006 HOH A O   1 
HETATM 1561 O O   . HOH D 3 .   ? 5.466   -2.528  -13.457 1.00 51.15  ? 2007 HOH A O   1 
HETATM 1562 O O   . HOH D 3 .   ? 4.165   -10.851 -12.796 1.00 51.03  ? 2008 HOH A O   1 
HETATM 1563 O O   . HOH D 3 .   ? -3.371  -7.097  -7.034  1.00 31.07  ? 2009 HOH A O   1 
HETATM 1564 O O   . HOH D 3 .   ? -5.680  -7.111  -8.396  1.00 47.63  ? 2010 HOH A O   1 
HETATM 1565 O O   . HOH D 3 .   ? -5.398  -6.548  -10.720 1.00 45.83  ? 2011 HOH A O   1 
HETATM 1566 O O   . HOH D 3 .   ? 0.002   -13.582 -8.981  1.00 53.32  ? 2012 HOH A O   1 
HETATM 1567 O O   . HOH D 3 .   ? 15.667  -1.041  2.833   1.00 49.63  ? 2013 HOH A O   1 
HETATM 1568 O O   . HOH D 3 .   ? -3.004  -16.868 -9.292  1.00 49.90  ? 2014 HOH A O   1 
HETATM 1569 O O   . HOH D 3 .   ? -3.751  -20.907 -2.313  1.00 41.53  ? 2015 HOH A O   1 
HETATM 1570 O O   . HOH D 3 .   ? -0.850  -15.385 -7.260  1.00 43.55  ? 2016 HOH A O   1 
HETATM 1571 O O   . HOH D 3 .   ? 3.049   -17.868 -9.373  1.00 49.65  ? 2017 HOH A O   1 
HETATM 1572 O O   . HOH D 3 .   ? 6.922   -17.272 -9.045  1.00 42.44  ? 2018 HOH A O   1 
HETATM 1573 O O   . HOH D 3 .   ? 5.951   -20.069 -7.205  1.00 42.73  ? 2019 HOH A O   1 
HETATM 1574 O O   . HOH D 3 .   ? 2.745   -25.424 1.153   0.50 33.67  ? 2020 HOH A O   1 
HETATM 1575 O O   . HOH D 3 .   ? 2.154   -14.545 5.452   1.00 45.17  ? 2021 HOH A O   1 
HETATM 1576 O O   . HOH D 3 .   ? 17.654  -18.579 -6.223  1.00 42.59  ? 2022 HOH A O   1 
HETATM 1577 O O   . HOH D 3 .   ? 25.296  -18.469 -7.644  1.00 47.45  ? 2023 HOH A O   1 
HETATM 1578 O O   . HOH D 3 .   ? 29.375  -13.356 -13.118 1.00 54.95  ? 2024 HOH A O   1 
HETATM 1579 O O   . HOH D 3 .   ? 39.482  -11.182 -0.481  1.00 39.66  ? 2025 HOH A O   1 
HETATM 1580 O O   . HOH D 3 .   ? 32.959  -9.859  -3.705  1.00 40.28  ? 2026 HOH A O   1 
HETATM 1581 O O   . HOH D 3 .   ? 38.742  -11.386 2.278   1.00 59.15  ? 2027 HOH A O   1 
HETATM 1582 O O   . HOH D 3 .   ? -17.875 -1.886  6.102   1.00 67.54  ? 2028 HOH A O   1 
HETATM 1583 O O   . HOH D 3 .   ? 16.791  -3.841  3.266   1.00 53.80  ? 2029 HOH A O   1 
HETATM 1584 O O   . HOH D 3 .   ? -12.316 6.760   14.096  1.00 69.30  ? 2030 HOH A O   1 
HETATM 1585 O O   . HOH D 3 .   ? 4.010   -0.568  1.625   1.00 54.32  ? 2031 HOH A O   1 
HETATM 1586 O O   . HOH D 3 .   ? 14.790  -5.138  10.554  1.00 70.67  ? 2032 HOH A O   1 
HETATM 1587 O O   . HOH D 3 .   ? 9.573   -8.437  8.860   1.00 40.39  ? 2033 HOH A O   1 
HETATM 1588 O O   . HOH D 3 .   ? 0.979   10.986  -2.119  1.00 47.37  ? 2034 HOH A O   1 
HETATM 1589 O O   . HOH D 3 .   ? -11.835 16.269  -4.362  1.00 52.36  ? 2035 HOH A O   1 
HETATM 1590 O O   . HOH D 3 .   ? 11.328  -17.381 6.245   1.00 51.63  ? 2036 HOH A O   1 
HETATM 1591 O O   . HOH D 3 .   ? 6.175   -12.465 3.976   1.00 39.19  ? 2037 HOH A O   1 
HETATM 1592 O O   . HOH D 3 .   ? 1.929   -24.495 -1.075  1.00 44.46  ? 2038 HOH A O   1 
HETATM 1593 O O   . HOH D 3 .   ? -6.771  8.473   -8.879  1.00 51.66  ? 2039 HOH A O   1 
HETATM 1594 O O   . HOH D 3 .   ? 0.937   -22.030 -1.521  1.00 41.17  ? 2040 HOH A O   1 
HETATM 1595 O O   . HOH D 3 .   ? 4.625   -16.614 2.461   1.00 49.45  ? 2041 HOH A O   1 
HETATM 1596 O O   . HOH D 3 .   ? 1.083   -16.597 3.784   1.00 32.08  ? 2042 HOH A O   1 
HETATM 1597 O O   . HOH D 3 .   ? 3.600   3.489   -9.598  1.00 52.53  ? 2043 HOH A O   1 
HETATM 1598 O O   . HOH D 3 .   ? -0.446  -19.725 -2.451  1.00 32.96  ? 2044 HOH A O   1 
HETATM 1599 O O   . HOH D 3 .   ? -4.193  -11.097 -4.130  1.00 35.71  ? 2045 HOH A O   1 
HETATM 1600 O O   . HOH D 3 .   ? -16.925 -2.264  3.305   1.00 50.94  ? 2046 HOH A O   1 
HETATM 1601 O O   . HOH D 3 .   ? -5.284  -8.251  -1.281  1.00 42.98  ? 2047 HOH A O   1 
HETATM 1602 O O   . HOH D 3 .   ? 1.462   -11.342 4.522   1.00 67.28  ? 2048 HOH A O   1 
HETATM 1603 O O   . HOH D 3 .   ? 2.827   -4.078  2.309   1.00 45.97  ? 2049 HOH A O   1 
HETATM 1604 O O   . HOH D 3 .   ? 9.946   1.798   -2.729  1.00 62.24  ? 2050 HOH A O   1 
HETATM 1605 O O   . HOH D 3 .   ? 5.325   -10.873 2.289   1.00 43.21  ? 2051 HOH A O   1 
HETATM 1606 O O   . HOH D 3 .   ? 13.310  -4.083  1.788   1.00 42.42  ? 2052 HOH A O   1 
HETATM 1607 O O   . HOH D 3 .   ? 36.464  -12.755 3.280   1.00 49.10  ? 2053 HOH A O   1 
HETATM 1608 O O   . HOH D 3 .   ? 29.620  -5.078  -0.774  1.00 56.05  ? 2054 HOH A O   1 
HETATM 1609 O O   . HOH D 3 .   ? 23.166  -7.695  9.699   1.00 58.17  ? 2055 HOH A O   1 
HETATM 1610 O O   . HOH D 3 .   ? 19.867  -2.316  -4.569  1.00 65.30  ? 2056 HOH A O   1 
HETATM 1611 O O   . HOH D 3 .   ? 18.492  -4.739  -7.805  1.00 47.36  ? 2057 HOH A O   1 
HETATM 1612 O O   . HOH D 3 .   ? 11.813  -5.672  -9.752  1.00 29.73  ? 2058 HOH A O   1 
HETATM 1613 O O   . HOH D 3 .   ? 10.503  -3.697  -10.760 1.00 44.93  ? 2059 HOH A O   1 
HETATM 1614 O O   . HOH D 3 .   ? -5.014  -6.226  -3.449  1.00 34.85  ? 2060 HOH A O   1 
HETATM 1615 O O   . HOH D 3 .   ? -10.606 -6.042  0.690   1.00 54.75  ? 2061 HOH A O   1 
HETATM 1616 O O   . HOH D 3 .   ? -10.279 -2.907  -0.399  1.00 33.94  ? 2062 HOH A O   1 
HETATM 1617 O O   . HOH D 3 .   ? -18.801 0.852   4.862   1.00 41.76  ? 2063 HOH A O   1 
HETATM 1618 O O   . HOH D 3 .   ? -11.920 0.631   10.248  1.00 52.94  ? 2064 HOH A O   1 
HETATM 1619 O O   . HOH D 3 .   ? -12.214 -0.615  5.928   1.00 47.62  ? 2065 HOH A O   1 
HETATM 1620 O O   . HOH D 3 .   ? -20.948 2.853   5.018   1.00 42.98  ? 2066 HOH A O   1 
HETATM 1621 O O   . HOH D 3 .   ? -15.422 13.102  13.477  1.00 48.08  ? 2067 HOH A O   1 
HETATM 1622 O O   . HOH D 3 .   ? -19.907 10.013  14.464  1.00 47.89  ? 2068 HOH A O   1 
HETATM 1623 O O   . HOH D 3 .   ? -16.785 20.139  15.090  1.00 50.23  ? 2069 HOH A O   1 
HETATM 1624 O O   . HOH D 3 .   ? -14.270 7.397   6.399   1.00 27.40  ? 2070 HOH A O   1 
HETATM 1625 O O   . HOH D 3 .   ? -13.276 4.400   12.907  1.00 46.31  ? 2071 HOH A O   1 
HETATM 1626 O O   . HOH D 3 .   ? -6.897  7.218   11.846  1.00 58.95  ? 2072 HOH A O   1 
HETATM 1627 O O   . HOH D 3 .   ? 1.583   -1.746  2.077   1.00 45.21  ? 2073 HOH A O   1 
HETATM 1628 O O   . HOH D 3 .   ? 3.198   5.554   -6.536  1.00 49.39  ? 2074 HOH A O   1 
HETATM 1629 O O   . HOH D 3 .   ? 5.080   3.355   -3.626  1.00 40.48  ? 2075 HOH A O   1 
HETATM 1630 O O   . HOH D 3 .   ? 0.060   5.070   -7.397  1.00 44.46  ? 2076 HOH A O   1 
HETATM 1631 O O   . HOH D 3 .   ? -1.150  9.171   -2.304  1.00 35.78  ? 2077 HOH A O   1 
HETATM 1632 O O   . HOH D 3 .   ? -7.768  13.350  -3.152  1.00 44.47  ? 2078 HOH A O   1 
HETATM 1633 O O   . HOH D 3 .   ? -3.281  10.904  -3.310  1.00 32.92  ? 2079 HOH A O   1 
HETATM 1634 O O   . HOH D 3 .   ? -5.198  12.100  -6.352  1.00 49.13  ? 2080 HOH A O   1 
HETATM 1635 O O   . HOH D 3 .   ? -10.460 13.910  -4.231  1.00 28.74  ? 2081 HOH A O   1 
HETATM 1636 O O   . HOH D 3 .   ? -21.393 17.753  -1.114  1.00 42.96  ? 2082 HOH A O   1 
HETATM 1637 O O   . HOH D 3 .   ? -25.079 10.641  -1.362  1.00 30.80  ? 2083 HOH A O   1 
HETATM 1638 O O   . HOH D 3 .   ? -19.784 5.901   -10.381 1.00 51.55  ? 2084 HOH A O   1 
HETATM 1639 O O   . HOH D 3 .   ? -15.457 18.624  -8.957  1.00 42.16  ? 2085 HOH A O   1 
HETATM 1640 O O   . HOH D 3 .   ? -16.758 16.010  -13.805 1.00 59.24  ? 2086 HOH A O   1 
HETATM 1641 O O   . HOH D 3 .   ? -13.690 15.206  -5.734  1.00 39.16  ? 2087 HOH A O   1 
HETATM 1642 O O   . HOH D 3 .   ? -12.953 19.153  -4.116  1.00 54.57  ? 2088 HOH A O   1 
HETATM 1643 O O   . HOH D 3 .   ? -14.242 22.468  -6.962  1.00 51.69  ? 2089 HOH A O   1 
HETATM 1644 O O   . HOH D 3 .   ? -18.651 23.019  -2.020  1.00 34.76  ? 2090 HOH A O   1 
HETATM 1645 O O   . HOH D 3 .   ? -3.866  19.216  2.156   1.00 53.90  ? 2091 HOH A O   1 
HETATM 1646 O O   . HOH D 3 .   ? 2.862   10.507  3.183   1.00 40.61  ? 2092 HOH A O   1 
HETATM 1647 O O   . HOH D 3 .   ? 0.197   7.025   4.974   1.00 45.47  ? 2093 HOH A O   1 
HETATM 1648 O O   . HOH D 3 .   ? -0.881  1.606   0.590   1.00 28.13  ? 2094 HOH A O   1 
HETATM 1649 O O   . HOH D 3 .   ? -13.188 18.045  10.275  1.00 64.61  ? 2095 HOH A O   1 
HETATM 1650 O O   . HOH D 3 .   ? -30.619 16.915  3.410   1.00 54.45  ? 2096 HOH A O   1 
HETATM 1651 O O   . HOH D 3 .   ? -28.114 24.086  4.944   1.00 52.74  ? 2097 HOH A O   1 
HETATM 1652 O O   . HOH D 3 .   ? -21.382 1.780   -2.778  1.00 78.55  ? 2098 HOH A O   1 
HETATM 1653 O O   . HOH D 3 .   ? -17.779 2.443   -5.955  1.00 62.80  ? 2099 HOH A O   1 
HETATM 1654 O O   . HOH D 3 .   ? -18.004 2.104   -2.275  1.00 49.01  ? 2100 HOH A O   1 
HETATM 1655 O O   . HOH D 3 .   ? -7.978  7.327   -6.986  1.00 28.45  ? 2101 HOH A O   1 
HETATM 1656 O O   . HOH D 3 .   ? -11.644 4.008   -10.023 1.00 59.20  ? 2102 HOH A O   1 
HETATM 1657 O O   . HOH D 3 .   ? -5.201  1.320   -12.328 1.00 44.31  ? 2103 HOH A O   1 
HETATM 1658 O O   . HOH D 3 .   ? 1.205   3.304   -9.115  1.00 35.84  ? 2104 HOH A O   1 
HETATM 1659 O O   . HOH D 3 .   ? -12.934 0.803   -7.273  1.00 56.69  ? 2105 HOH A O   1 
HETATM 1660 O O   . HOH D 3 .   ? -11.387 -2.100  -9.311  1.00 54.36  ? 2106 HOH A O   1 
HETATM 1661 O O   . HOH D 3 .   ? -13.150 -2.123  -3.681  1.00 40.55  ? 2107 HOH A O   1 
HETATM 1662 O O   . HOH D 3 .   ? -12.797 -2.342  -0.911  1.00 53.46  ? 2108 HOH A O   1 
HETATM 1663 O O   . HOH D 3 .   ? -18.138 0.653   1.830   1.00 44.41  ? 2109 HOH A O   1 
HETATM 1664 O O   . HOH D 3 .   ? -22.309 2.975   2.746   1.00 58.01  ? 2110 HOH A O   1 
HETATM 1665 O O   . HOH D 3 .   ? -24.808 7.867   9.132   1.00 48.45  ? 2111 HOH A O   1 
HETATM 1666 O O   . HOH D 3 .   ? -7.488  20.632  0.918   1.00 32.13  ? 2112 HOH A O   1 
HETATM 1667 O O   . HOH D 3 .   ? -5.928  23.995  2.340   1.00 38.84  ? 2113 HOH A O   1 
# 
